data_2B3F
#
_entry.id   2B3F
#
_cell.length_a   121.376
_cell.length_b   134.958
_cell.length_c   159.719
_cell.angle_alpha   90.00
_cell.angle_beta   90.00
_cell.angle_gamma   90.00
#
_symmetry.space_group_name_H-M   'P 21 21 21'
#
loop_
_entity.id
_entity.type
_entity.pdbx_description
1 polymer 'glucose-binding protein'
2 non-polymer beta-D-galactopyranose
3 water water
#
_entity_poly.entity_id   1
_entity_poly.type   'polypeptide(L)'
_entity_poly.pdbx_seq_one_letter_code
;MKLEIFSWWAGDEGPALEALIRLYKQKYPGVEVINATVTGGAGVNARAVLKTRMLGGDPPDTFQVHAGMELIGTWVVANR
MEDLSALFRQEGWLQAFPKGLIDLISYKGGIWSVPVNIHRSNVMWYLPAKLKGWGVNPPRTWDKFLATCQTLKQKGLEAP
LALGENWTQQHLWESVALAVLGPDDWNNLWNGKLKFTDPKAVRAWEVFGRVLDCANKDAAGLSWQQAVDRVVQGKAAFNI
MGDWAAGYMTTTLKLKPGTDFAWAPSPGTQGVFMMLSDSFGLPKGAKNRQNAINWLRLVGSKEGQDTSNPLKGSIAARLD
SDPSKYNAYGQSAMRDWRSNRIVGSLVHGAVAPESFMSQFGTVMEIFLQTRNPQAAANAAQAIADQVGLGRLGQHHHHHH
;
_entity_poly.pdbx_strand_id   A,B,C,D,E,F
#
loop_
_chem_comp.id
_chem_comp.type
_chem_comp.name
_chem_comp.formula
GAL D-saccharide, beta linking beta-D-galactopyranose 'C6 H12 O6'
#
# COMPACT_ATOMS: atom_id res chain seq x y z
N MET A 1 10.34 -5.28 -10.42
CA MET A 1 10.32 -3.99 -11.14
C MET A 1 9.12 -3.17 -10.68
N LYS A 2 9.42 -2.03 -10.06
CA LYS A 2 8.39 -1.17 -9.49
C LYS A 2 8.67 0.29 -9.79
N LEU A 3 7.60 1.09 -9.70
CA LEU A 3 7.70 2.54 -9.79
C LEU A 3 6.57 3.12 -8.93
N GLU A 4 6.95 3.92 -7.94
CA GLU A 4 6.00 4.54 -7.03
C GLU A 4 5.90 6.04 -7.34
N ILE A 5 4.73 6.44 -7.82
CA ILE A 5 4.47 7.82 -8.25
C ILE A 5 3.58 8.45 -7.19
N PHE A 6 4.06 9.55 -6.61
CA PHE A 6 3.38 10.24 -5.52
C PHE A 6 2.75 11.53 -6.08
N SER A 7 1.46 11.74 -5.80
CA SER A 7 0.75 12.91 -6.31
C SER A 7 -0.51 13.13 -5.48
N TRP A 8 -1.24 14.19 -5.83
CA TRP A 8 -2.58 14.37 -5.27
C TRP A 8 -3.69 14.23 -6.30
N TRP A 9 -3.40 13.49 -7.38
CA TRP A 9 -4.36 13.36 -8.43
C TRP A 9 -5.30 12.16 -8.20
N ALA A 10 -6.03 12.24 -7.09
CA ALA A 10 -6.97 11.20 -6.70
C ALA A 10 -8.34 11.46 -7.28
N GLY A 11 -9.16 10.40 -7.30
CA GLY A 11 -10.53 10.52 -7.69
C GLY A 11 -10.66 11.07 -9.09
N ASP A 12 -11.49 12.10 -9.23
CA ASP A 12 -11.78 12.63 -10.54
C ASP A 12 -10.64 13.51 -11.06
N GLU A 13 -9.61 13.74 -10.25
CA GLU A 13 -8.39 14.37 -10.77
C GLU A 13 -7.47 13.38 -11.48
N GLY A 14 -7.75 12.09 -11.36
CA GLY A 14 -6.85 11.05 -11.85
C GLY A 14 -6.80 10.71 -13.34
N PRO A 15 -7.88 11.00 -14.12
CA PRO A 15 -7.84 10.55 -15.54
C PRO A 15 -6.56 10.84 -16.32
N ALA A 16 -6.07 12.08 -16.24
CA ALA A 16 -4.84 12.44 -16.96
C ALA A 16 -3.64 11.61 -16.50
N LEU A 17 -3.42 11.50 -15.19
CA LEU A 17 -2.36 10.67 -14.68
C LEU A 17 -2.50 9.20 -15.10
N GLU A 18 -3.74 8.70 -15.05
CA GLU A 18 -3.99 7.30 -15.35
C GLU A 18 -3.66 7.00 -16.80
N ALA A 19 -3.93 7.96 -17.68
CA ALA A 19 -3.57 7.87 -19.10
C ALA A 19 -2.06 7.81 -19.27
N LEU A 20 -1.33 8.66 -18.53
CA LEU A 20 0.14 8.59 -18.55
C LEU A 20 0.68 7.26 -18.06
N ILE A 21 0.08 6.73 -17.00
CA ILE A 21 0.51 5.48 -16.43
C ILE A 21 0.30 4.34 -17.45
N ARG A 22 -0.82 4.37 -18.16
CA ARG A 22 -1.10 3.35 -19.19
C ARG A 22 -0.06 3.42 -20.30
N LEU A 23 0.27 4.63 -20.73
CA LEU A 23 1.35 4.84 -21.69
C LEU A 23 2.68 4.30 -21.18
N TYR A 24 2.99 4.57 -19.93
CA TYR A 24 4.23 4.07 -19.33
C TYR A 24 4.29 2.54 -19.34
N LYS A 25 3.19 1.91 -18.94
CA LYS A 25 3.11 0.44 -18.88
C LYS A 25 3.21 -0.22 -20.26
N GLN A 26 2.71 0.43 -21.30
CA GLN A 26 2.93 -0.05 -22.67
C GLN A 26 4.42 -0.09 -23.00
N LYS A 27 5.14 0.97 -22.63
CA LYS A 27 6.55 1.08 -22.96
C LYS A 27 7.38 0.18 -22.08
N TYR A 28 6.95 -0.04 -20.85
CA TYR A 28 7.74 -0.74 -19.87
C TYR A 28 6.87 -1.78 -19.19
N PRO A 29 6.53 -2.85 -19.91
CA PRO A 29 5.62 -3.87 -19.38
C PRO A 29 6.12 -4.58 -18.12
N GLY A 30 7.43 -4.58 -17.90
CA GLY A 30 7.98 -5.13 -16.67
C GLY A 30 7.57 -4.47 -15.37
N VAL A 31 7.24 -3.17 -15.42
CA VAL A 31 7.15 -2.36 -14.20
C VAL A 31 5.74 -2.38 -13.59
N GLU A 32 5.66 -2.71 -12.30
CA GLU A 32 4.43 -2.54 -11.54
C GLU A 32 4.41 -1.10 -11.01
N VAL A 33 3.39 -0.35 -11.42
CA VAL A 33 3.28 1.07 -11.08
C VAL A 33 2.35 1.25 -9.89
N ILE A 34 2.90 1.81 -8.81
CA ILE A 34 2.16 2.12 -7.61
C ILE A 34 1.70 3.59 -7.72
N ASN A 35 0.40 3.77 -7.85
CA ASN A 35 -0.21 5.09 -7.97
C ASN A 35 -0.51 5.57 -6.56
N ALA A 36 0.46 6.26 -5.96
CA ALA A 36 0.41 6.67 -4.55
C ALA A 36 -0.17 8.07 -4.42
N THR A 37 -1.49 8.18 -4.51
CA THR A 37 -2.16 9.46 -4.34
C THR A 37 -2.48 9.76 -2.88
N VAL A 38 -2.30 11.02 -2.50
CA VAL A 38 -2.73 11.54 -1.20
C VAL A 38 -3.87 12.49 -1.51
N THR A 39 -5.07 12.12 -1.08
CA THR A 39 -6.26 12.85 -1.47
C THR A 39 -6.33 14.20 -0.77
N GLY A 40 -6.57 15.25 -1.56
CA GLY A 40 -6.70 16.61 -1.03
C GLY A 40 -6.35 17.65 -2.07
N GLY A 41 -7.29 18.54 -2.34
CA GLY A 41 -7.11 19.60 -3.32
C GLY A 41 -5.87 20.42 -3.07
N ALA A 42 -5.20 20.81 -4.15
CA ALA A 42 -4.05 21.71 -4.11
C ALA A 42 -2.85 21.20 -3.30
N GLY A 43 -2.84 19.91 -3.01
CA GLY A 43 -1.65 19.30 -2.39
C GLY A 43 -1.40 19.62 -0.94
N VAL A 44 -2.38 20.23 -0.27
CA VAL A 44 -2.21 20.57 1.14
C VAL A 44 -1.90 19.30 1.91
N ASN A 45 -2.72 18.25 1.73
CA ASN A 45 -2.48 16.99 2.43
C ASN A 45 -1.23 16.27 1.93
N ALA A 46 -1.02 16.29 0.62
CA ALA A 46 0.13 15.59 0.01
C ALA A 46 1.45 16.12 0.55
N ARG A 47 1.51 17.44 0.73
CA ARG A 47 2.68 18.15 1.30
C ARG A 47 3.04 17.56 2.67
N ALA A 48 2.03 17.35 3.50
CA ALA A 48 2.23 16.84 4.84
C ALA A 48 2.69 15.38 4.85
N VAL A 49 2.08 14.55 4.02
CA VAL A 49 2.46 13.14 3.97
C VAL A 49 3.87 13.00 3.36
N LEU A 50 4.16 13.79 2.33
CA LEU A 50 5.50 13.75 1.72
C LEU A 50 6.56 14.12 2.74
N LYS A 51 6.27 15.15 3.53
CA LYS A 51 7.19 15.58 4.59
C LYS A 51 7.56 14.42 5.54
N THR A 52 6.54 13.67 5.97
CA THR A 52 6.76 12.50 6.83
C THR A 52 7.66 11.46 6.13
N ARG A 53 7.39 11.20 4.85
CA ARG A 53 8.16 10.23 4.09
C ARG A 53 9.59 10.67 3.87
N MET A 54 9.76 11.92 3.43
CA MET A 54 11.08 12.44 3.13
C MET A 54 11.93 12.51 4.41
N LEU A 55 11.38 13.05 5.49
CA LEU A 55 12.16 13.15 6.74
C LEU A 55 12.43 11.77 7.35
N GLY A 56 11.55 10.81 7.10
CA GLY A 56 11.74 9.44 7.59
C GLY A 56 12.74 8.67 6.76
N GLY A 57 13.26 9.28 5.69
CA GLY A 57 14.20 8.62 4.81
C GLY A 57 13.55 7.59 3.88
N ASP A 58 12.29 7.80 3.52
CA ASP A 58 11.54 6.88 2.68
C ASP A 58 10.91 7.63 1.50
N PRO A 59 11.75 8.19 0.61
CA PRO A 59 11.21 8.92 -0.53
C PRO A 59 10.46 8.04 -1.52
N PRO A 60 9.41 8.58 -2.15
CA PRO A 60 8.83 7.86 -3.25
C PRO A 60 9.79 7.96 -4.44
N ASP A 61 9.53 7.24 -5.52
CA ASP A 61 10.42 7.31 -6.69
C ASP A 61 10.39 8.68 -7.38
N THR A 62 9.24 9.34 -7.29
CA THR A 62 9.05 10.66 -7.85
C THR A 62 7.79 11.23 -7.22
N PHE A 63 7.72 12.55 -7.14
CA PHE A 63 6.53 13.18 -6.55
C PHE A 63 6.13 14.45 -7.29
N GLN A 64 4.82 14.64 -7.38
CA GLN A 64 4.26 15.85 -7.94
C GLN A 64 4.71 17.06 -7.11
N VAL A 65 5.22 18.06 -7.80
CA VAL A 65 5.73 19.26 -7.16
C VAL A 65 5.61 20.45 -8.08
N HIS A 66 5.26 21.57 -7.50
CA HIS A 66 5.11 22.78 -8.26
C HIS A 66 6.44 23.41 -8.63
N ALA A 67 6.54 23.80 -9.90
CA ALA A 67 7.71 24.56 -10.34
C ALA A 67 7.74 25.91 -9.63
N GLY A 68 8.94 26.32 -9.22
CA GLY A 68 9.16 27.61 -8.60
C GLY A 68 9.60 27.44 -7.15
N MET A 69 9.21 28.39 -6.30
CA MET A 69 9.69 28.43 -4.93
C MET A 69 9.24 27.26 -4.09
N GLU A 70 8.11 26.65 -4.42
CA GLU A 70 7.70 25.44 -3.69
C GLU A 70 8.76 24.35 -3.83
N LEU A 71 9.15 24.07 -5.07
CA LEU A 71 10.20 23.09 -5.36
C LEU A 71 11.51 23.47 -4.68
N ILE A 72 11.94 24.69 -4.94
CA ILE A 72 13.29 25.10 -4.55
C ILE A 72 13.44 25.17 -3.03
N GLY A 73 12.48 25.80 -2.37
CA GLY A 73 12.61 26.14 -0.96
C GLY A 73 12.39 24.98 -0.01
N THR A 74 11.98 23.83 -0.52
CA THR A 74 11.78 22.66 0.36
C THR A 74 12.83 21.57 0.12
N TRP A 75 12.64 20.70 -0.87
CA TRP A 75 13.50 19.50 -0.97
C TRP A 75 14.81 19.74 -1.71
N VAL A 76 14.83 20.80 -2.53
CA VAL A 76 16.07 21.21 -3.23
C VAL A 76 17.08 21.84 -2.27
N VAL A 77 16.67 22.87 -1.53
CA VAL A 77 17.58 23.50 -0.56
C VAL A 77 18.02 22.52 0.53
N ALA A 78 17.21 21.51 0.79
CA ALA A 78 17.55 20.47 1.75
C ALA A 78 18.48 19.38 1.17
N ASN A 79 18.87 19.53 -0.11
CA ASN A 79 19.80 18.60 -0.75
C ASN A 79 19.25 17.18 -0.83
N ARG A 80 17.95 17.07 -1.10
CA ARG A 80 17.29 15.75 -1.17
C ARG A 80 16.89 15.32 -2.59
N MET A 81 17.16 16.17 -3.58
CA MET A 81 16.82 15.90 -4.96
C MET A 81 18.07 15.78 -5.82
N GLU A 82 17.99 14.96 -6.87
CA GLU A 82 19.07 14.87 -7.86
C GLU A 82 18.98 15.98 -8.91
N ASP A 83 20.14 16.46 -9.32
CA ASP A 83 20.28 17.42 -10.40
C ASP A 83 19.99 16.71 -11.71
N LEU A 84 19.08 17.28 -12.50
CA LEU A 84 18.62 16.68 -13.74
C LEU A 84 19.24 17.32 -15.00
N SER A 85 20.25 18.16 -14.81
CA SER A 85 20.90 18.86 -15.94
C SER A 85 21.30 17.92 -17.09
N ALA A 86 21.92 16.79 -16.76
CA ALA A 86 22.38 15.84 -17.80
C ALA A 86 21.22 15.24 -18.56
N LEU A 87 20.15 14.91 -17.84
CA LEU A 87 18.93 14.42 -18.47
C LEU A 87 18.33 15.47 -19.39
N PHE A 88 18.32 16.72 -18.94
CA PHE A 88 17.82 17.82 -19.78
C PHE A 88 18.63 17.91 -21.07
N ARG A 89 19.95 17.79 -20.96
CA ARG A 89 20.78 17.79 -22.16
C ARG A 89 20.46 16.60 -23.06
N GLN A 90 20.43 15.41 -22.47
CA GLN A 90 20.12 14.20 -23.21
C GLN A 90 18.83 14.31 -24.01
N GLU A 91 17.78 14.89 -23.41
CA GLU A 91 16.43 14.91 -23.99
C GLU A 91 16.13 16.15 -24.85
N GLY A 92 17.06 17.10 -24.91
CA GLY A 92 16.83 18.32 -25.68
C GLY A 92 15.83 19.27 -25.02
N TRP A 93 15.68 19.17 -23.70
CA TRP A 93 14.61 19.91 -23.04
C TRP A 93 14.88 21.41 -22.86
N LEU A 94 16.14 21.85 -22.95
CA LEU A 94 16.44 23.27 -22.82
C LEU A 94 15.86 24.11 -23.98
N GLN A 95 15.58 23.45 -25.11
CA GLN A 95 14.93 24.10 -26.23
C GLN A 95 13.46 23.78 -26.31
N ALA A 96 13.05 22.69 -25.65
CA ALA A 96 11.66 22.23 -25.68
C ALA A 96 10.71 23.03 -24.78
N PHE A 97 11.22 23.65 -23.72
CA PHE A 97 10.39 24.44 -22.79
C PHE A 97 10.75 25.92 -22.88
N PRO A 98 9.78 26.81 -22.55
CA PRO A 98 10.05 28.26 -22.54
C PRO A 98 11.05 28.63 -21.46
N LYS A 99 11.88 29.64 -21.74
CA LYS A 99 12.99 29.99 -20.87
C LYS A 99 12.52 30.32 -19.45
N GLY A 100 11.39 31.02 -19.36
CA GLY A 100 10.81 31.41 -18.07
C GLY A 100 10.48 30.22 -17.19
N LEU A 101 10.00 29.15 -17.83
CA LEU A 101 9.73 27.89 -17.12
C LEU A 101 11.03 27.20 -16.67
N ILE A 102 12.04 27.16 -17.55
CA ILE A 102 13.33 26.63 -17.16
C ILE A 102 13.87 27.39 -15.93
N ASP A 103 13.67 28.71 -15.93
CA ASP A 103 14.13 29.51 -14.81
C ASP A 103 13.49 29.08 -13.49
N LEU A 104 12.20 28.76 -13.50
CA LEU A 104 11.47 28.37 -12.25
C LEU A 104 11.95 27.07 -11.65
N ILE A 105 12.51 26.20 -12.48
CA ILE A 105 12.96 24.87 -12.02
C ILE A 105 14.48 24.80 -11.81
N SER A 106 15.16 25.92 -12.02
CA SER A 106 16.62 26.02 -11.98
C SER A 106 17.07 26.76 -10.73
N TYR A 107 18.17 26.31 -10.13
CA TYR A 107 18.68 26.91 -8.90
C TYR A 107 20.11 26.47 -8.64
N LYS A 108 20.98 27.45 -8.35
CA LYS A 108 22.37 27.17 -8.01
C LYS A 108 23.06 26.21 -8.98
N GLY A 109 22.85 26.43 -10.27
CA GLY A 109 23.52 25.65 -11.30
C GLY A 109 22.89 24.30 -11.66
N GLY A 110 21.79 23.94 -10.98
CA GLY A 110 21.10 22.68 -11.22
C GLY A 110 19.72 22.92 -11.79
N ILE A 111 19.11 21.86 -12.30
CA ILE A 111 17.73 21.86 -12.79
C ILE A 111 17.06 20.69 -12.09
N TRP A 112 15.91 20.94 -11.45
CA TRP A 112 15.47 20.08 -10.35
C TRP A 112 14.16 19.32 -10.55
N SER A 113 13.43 19.62 -11.62
CA SER A 113 12.23 18.85 -11.96
C SER A 113 11.88 19.01 -13.43
N VAL A 114 10.94 18.21 -13.88
CA VAL A 114 10.49 18.19 -15.27
C VAL A 114 9.02 18.60 -15.31
N PRO A 115 8.73 19.76 -15.92
CA PRO A 115 7.34 20.21 -16.03
C PRO A 115 6.49 19.35 -16.96
N VAL A 116 5.28 19.01 -16.53
CA VAL A 116 4.37 18.23 -17.36
C VAL A 116 3.27 19.08 -18.00
N ASN A 117 3.04 20.26 -17.46
CA ASN A 117 1.93 21.07 -17.88
C ASN A 117 2.11 22.54 -17.50
N ILE A 118 1.12 23.32 -17.92
CA ILE A 118 0.90 24.66 -17.42
C ILE A 118 -0.60 24.76 -17.08
N HIS A 119 -0.90 25.09 -15.82
CA HIS A 119 -2.25 25.48 -15.44
C HIS A 119 -2.32 27.00 -15.26
N ARG A 120 -3.52 27.54 -15.42
CA ARG A 120 -3.83 28.94 -15.17
C ARG A 120 -4.69 29.03 -13.92
N SER A 121 -4.32 29.94 -13.03
CA SER A 121 -5.05 30.15 -11.78
C SER A 121 -6.25 31.08 -11.97
N ASN A 122 -6.07 32.17 -12.72
CA ASN A 122 -7.05 33.26 -12.73
C ASN A 122 -8.11 33.10 -13.82
N VAL A 123 -8.98 32.09 -13.66
CA VAL A 123 -10.09 31.88 -14.56
C VAL A 123 -11.42 31.92 -13.81
N MET A 124 -12.39 32.59 -14.44
CA MET A 124 -13.74 32.68 -13.94
C MET A 124 -14.62 31.83 -14.85
N TRP A 125 -15.34 30.89 -14.24
CA TRP A 125 -16.22 29.94 -14.93
C TRP A 125 -17.68 30.32 -14.73
N TYR A 126 -18.48 30.15 -15.77
CA TYR A 126 -19.89 30.46 -15.71
C TYR A 126 -20.59 29.67 -16.82
N LEU A 127 -21.92 29.71 -16.81
CA LEU A 127 -22.74 28.98 -17.79
C LEU A 127 -23.41 30.04 -18.63
N PRO A 128 -23.05 30.14 -19.93
CA PRO A 128 -23.71 31.16 -20.75
C PRO A 128 -25.26 31.10 -20.77
N ALA A 129 -25.87 29.91 -20.76
CA ALA A 129 -27.35 29.81 -20.77
C ALA A 129 -27.99 30.23 -19.45
N LYS A 130 -27.32 29.96 -18.33
CA LYS A 130 -27.83 30.37 -17.02
C LYS A 130 -27.73 31.88 -16.88
N LEU A 131 -26.64 32.45 -17.38
CA LEU A 131 -26.46 33.90 -17.30
C LEU A 131 -27.55 34.58 -18.10
N LYS A 132 -27.90 34.00 -19.25
CA LYS A 132 -29.00 34.56 -20.08
C LYS A 132 -30.36 34.46 -19.37
N GLY A 133 -30.60 33.32 -18.73
CA GLY A 133 -31.78 33.11 -17.90
C GLY A 133 -31.94 34.15 -16.79
N TRP A 134 -30.82 34.62 -16.26
CA TRP A 134 -30.78 35.71 -15.25
C TRP A 134 -30.60 37.11 -15.83
N GLY A 135 -30.39 37.22 -17.12
CA GLY A 135 -30.26 38.53 -17.75
C GLY A 135 -29.08 39.33 -17.27
N VAL A 136 -27.92 38.69 -17.20
CA VAL A 136 -26.65 39.38 -16.84
C VAL A 136 -25.51 38.97 -17.78
N ASN A 137 -24.46 39.80 -17.80
CA ASN A 137 -23.21 39.50 -18.52
C ASN A 137 -22.10 39.01 -17.59
N PRO A 138 -21.04 38.38 -18.14
CA PRO A 138 -19.83 38.07 -17.35
C PRO A 138 -19.01 39.33 -17.02
N PRO A 139 -18.75 39.59 -15.71
CA PRO A 139 -18.06 40.82 -15.31
C PRO A 139 -16.57 40.89 -15.64
N ARG A 140 -16.12 42.04 -16.14
CA ARG A 140 -14.74 42.24 -16.56
C ARG A 140 -13.89 42.96 -15.51
N THR A 141 -14.52 43.50 -14.46
CA THR A 141 -13.80 44.15 -13.35
C THR A 141 -14.47 43.75 -12.05
N TRP A 142 -13.78 43.95 -10.93
CA TRP A 142 -14.38 43.62 -9.62
C TRP A 142 -15.57 44.51 -9.25
N ASP A 143 -15.55 45.76 -9.69
CA ASP A 143 -16.72 46.65 -9.46
C ASP A 143 -17.94 46.13 -10.20
N LYS A 144 -17.78 45.76 -11.46
CA LYS A 144 -18.89 45.18 -12.23
C LYS A 144 -19.32 43.80 -11.70
N PHE A 145 -18.38 43.01 -11.20
CA PHE A 145 -18.69 41.75 -10.53
C PHE A 145 -19.61 41.97 -9.33
N LEU A 146 -19.24 42.91 -8.48
CA LEU A 146 -20.00 43.17 -7.27
C LEU A 146 -21.40 43.69 -7.59
N ALA A 147 -21.51 44.57 -8.60
CA ALA A 147 -22.81 45.09 -9.06
C ALA A 147 -23.70 44.00 -9.66
N THR A 148 -23.13 43.14 -10.50
CA THR A 148 -23.87 42.02 -11.06
C THR A 148 -24.34 41.04 -9.99
N CYS A 149 -23.49 40.75 -9.01
CA CYS A 149 -23.89 39.87 -7.93
C CYS A 149 -25.06 40.45 -7.11
N GLN A 150 -25.05 41.76 -6.90
CA GLN A 150 -26.17 42.44 -6.20
C GLN A 150 -27.48 42.29 -7.00
N THR A 151 -27.40 42.59 -8.29
CA THR A 151 -28.51 42.32 -9.22
C THR A 151 -29.01 40.88 -9.08
N LEU A 152 -28.08 39.92 -9.00
CA LEU A 152 -28.46 38.50 -8.95
C LEU A 152 -29.11 38.14 -7.62
N LYS A 153 -28.63 38.74 -6.54
CA LYS A 153 -29.26 38.56 -5.23
C LYS A 153 -30.70 39.08 -5.25
N GLN A 154 -30.89 40.24 -5.85
CA GLN A 154 -32.24 40.81 -6.06
C GLN A 154 -33.15 39.88 -6.86
N LYS A 155 -32.57 39.23 -7.88
CA LYS A 155 -33.30 38.25 -8.70
C LYS A 155 -33.50 36.89 -8.02
N GLY A 156 -32.99 36.73 -6.79
CA GLY A 156 -33.23 35.52 -6.01
C GLY A 156 -32.08 34.53 -5.90
N LEU A 157 -30.93 34.86 -6.51
CA LEU A 157 -29.72 34.05 -6.39
C LEU A 157 -28.94 34.51 -5.16
N GLU A 158 -29.15 33.79 -4.05
CA GLU A 158 -28.59 34.10 -2.73
C GLU A 158 -27.07 34.24 -2.67
N ALA A 159 -26.38 33.37 -3.40
CA ALA A 159 -24.92 33.26 -3.33
C ALA A 159 -24.43 33.14 -4.76
N PRO A 160 -24.32 34.28 -5.46
CA PRO A 160 -23.89 34.24 -6.86
C PRO A 160 -22.46 33.74 -7.08
N LEU A 161 -21.61 33.81 -6.06
CA LEU A 161 -20.24 33.28 -6.15
C LEU A 161 -20.14 31.94 -5.45
N ALA A 162 -19.67 30.93 -6.19
CA ALA A 162 -19.36 29.62 -5.64
C ALA A 162 -17.97 29.67 -5.03
N LEU A 163 -17.83 29.06 -3.86
CA LEU A 163 -16.56 29.02 -3.14
C LEU A 163 -16.50 27.76 -2.27
N GLY A 164 -15.29 27.24 -2.04
CA GLY A 164 -15.08 26.05 -1.22
C GLY A 164 -14.15 26.29 -0.03
N GLU A 165 -13.44 25.22 0.32
CA GLU A 165 -12.57 25.16 1.46
C GLU A 165 -11.42 26.20 1.43
N ASN A 166 -10.73 26.29 2.56
CA ASN A 166 -9.72 27.32 2.78
C ASN A 166 -8.82 27.59 1.58
N TRP A 167 -8.21 26.56 1.02
CA TRP A 167 -7.27 26.85 -0.09
C TRP A 167 -7.96 27.54 -1.26
N THR A 168 -9.24 27.25 -1.49
CA THR A 168 -9.97 27.87 -2.62
C THR A 168 -10.26 29.35 -2.35
N GLN A 169 -10.31 29.70 -1.05
CA GLN A 169 -10.46 31.09 -0.66
C GLN A 169 -9.15 31.84 -0.91
N GLN A 170 -8.03 31.20 -0.60
CA GLN A 170 -6.71 31.74 -0.95
C GLN A 170 -6.61 31.90 -2.47
N HIS A 171 -7.12 30.90 -3.20
CA HIS A 171 -7.13 30.89 -4.65
C HIS A 171 -7.87 32.10 -5.20
N LEU A 172 -9.07 32.34 -4.67
CA LEU A 172 -9.81 33.53 -5.02
C LEU A 172 -9.01 34.82 -4.71
N TRP A 173 -8.40 34.85 -3.54
CA TRP A 173 -7.62 36.01 -3.10
C TRP A 173 -6.50 36.36 -4.09
N GLU A 174 -5.80 35.36 -4.64
CA GLU A 174 -4.67 35.72 -5.53
C GLU A 174 -5.15 36.37 -6.82
N SER A 175 -6.34 35.99 -7.29
CA SER A 175 -6.97 36.70 -8.43
C SER A 175 -7.33 38.14 -8.06
N VAL A 176 -7.97 38.31 -6.90
CA VAL A 176 -8.31 39.65 -6.43
C VAL A 176 -7.06 40.52 -6.28
N ALA A 177 -6.03 39.99 -5.62
CA ALA A 177 -4.78 40.71 -5.42
C ALA A 177 -4.13 41.11 -6.75
N LEU A 178 -4.12 40.20 -7.72
CA LEU A 178 -3.51 40.50 -9.01
C LEU A 178 -4.25 41.66 -9.67
N ALA A 179 -5.58 41.61 -9.60
CA ALA A 179 -6.42 42.67 -10.20
C ALA A 179 -6.13 44.02 -9.53
N VAL A 180 -6.04 44.02 -8.21
CA VAL A 180 -5.88 45.26 -7.43
C VAL A 180 -4.49 45.86 -7.60
N LEU A 181 -3.48 45.00 -7.62
CA LEU A 181 -2.10 45.44 -7.66
C LEU A 181 -1.55 45.62 -9.06
N GLY A 182 -2.09 44.85 -10.00
CA GLY A 182 -1.47 44.67 -11.32
C GLY A 182 -0.27 43.74 -11.23
N PRO A 183 0.22 43.28 -12.40
CA PRO A 183 1.28 42.27 -12.39
C PRO A 183 2.61 42.69 -11.76
N ASP A 184 2.99 43.95 -11.93
CA ASP A 184 4.28 44.39 -11.41
C ASP A 184 4.30 44.41 -9.90
N ASP A 185 3.27 45.01 -9.28
CA ASP A 185 3.22 45.06 -7.82
C ASP A 185 2.89 43.70 -7.21
N TRP A 186 2.11 42.87 -7.92
CA TRP A 186 2.00 41.44 -7.55
C TRP A 186 3.39 40.83 -7.41
N ASN A 187 4.23 40.98 -8.44
CA ASN A 187 5.60 40.43 -8.39
C ASN A 187 6.43 41.04 -7.27
N ASN A 188 6.14 42.29 -6.94
CA ASN A 188 6.88 42.98 -5.89
C ASN A 188 6.58 42.47 -4.49
N LEU A 189 5.46 41.78 -4.29
CA LEU A 189 5.23 41.13 -2.99
C LEU A 189 6.28 40.06 -2.74
N TRP A 190 6.66 39.34 -3.79
CA TRP A 190 7.38 38.06 -3.64
C TRP A 190 8.90 38.25 -3.64
N ASN A 191 9.35 39.41 -4.12
CA ASN A 191 10.76 39.82 -4.02
C ASN A 191 10.97 40.78 -2.84
N GLY A 192 9.90 41.11 -2.13
CA GLY A 192 9.97 41.93 -0.93
C GLY A 192 10.06 43.42 -1.18
N LYS A 193 9.86 43.85 -2.42
CA LYS A 193 9.89 45.27 -2.75
C LYS A 193 8.62 45.98 -2.33
N LEU A 194 7.51 45.25 -2.30
CA LEU A 194 6.25 45.80 -1.81
C LEU A 194 5.86 45.02 -0.57
N LYS A 195 5.62 45.75 0.52
CA LYS A 195 5.16 45.16 1.77
C LYS A 195 3.67 44.87 1.70
N PHE A 196 3.25 43.81 2.39
CA PHE A 196 1.84 43.44 2.51
C PHE A 196 1.05 44.52 3.25
N THR A 197 1.74 45.30 4.07
CA THR A 197 1.13 46.39 4.82
C THR A 197 1.08 47.71 4.03
N ASP A 198 1.61 47.73 2.82
CA ASP A 198 1.43 48.89 1.94
C ASP A 198 -0.05 49.08 1.65
N PRO A 199 -0.53 50.36 1.69
CA PRO A 199 -1.94 50.61 1.33
C PRO A 199 -2.44 49.92 0.07
N LYS A 200 -1.60 49.86 -0.96
CA LYS A 200 -1.98 49.18 -2.21
C LYS A 200 -2.34 47.71 -1.94
N ALA A 201 -1.54 47.05 -1.10
CA ALA A 201 -1.73 45.63 -0.80
C ALA A 201 -2.83 45.39 0.24
N VAL A 202 -3.01 46.33 1.19
CA VAL A 202 -4.15 46.28 2.10
C VAL A 202 -5.46 46.31 1.32
N ARG A 203 -5.51 47.10 0.25
CA ARG A 203 -6.70 47.19 -0.59
C ARG A 203 -7.16 45.84 -1.21
N ALA A 204 -6.21 44.93 -1.46
CA ALA A 204 -6.55 43.62 -1.97
C ALA A 204 -7.54 42.94 -1.03
N TRP A 205 -7.30 43.09 0.27
CA TRP A 205 -8.18 42.47 1.26
C TRP A 205 -9.54 43.17 1.36
N GLU A 206 -9.57 44.48 1.16
CA GLU A 206 -10.85 45.23 1.12
C GLU A 206 -11.74 44.73 -0.01
N VAL A 207 -11.17 44.65 -1.22
CA VAL A 207 -11.94 44.17 -2.35
C VAL A 207 -12.32 42.71 -2.10
N PHE A 208 -11.37 41.91 -1.63
CA PHE A 208 -11.63 40.49 -1.34
C PHE A 208 -12.83 40.28 -0.39
N GLY A 209 -12.89 41.06 0.69
CA GLY A 209 -14.01 40.95 1.64
C GLY A 209 -15.38 41.23 1.02
N ARG A 210 -15.45 42.20 0.12
CA ARG A 210 -16.70 42.48 -0.57
C ARG A 210 -17.09 41.30 -1.44
N VAL A 211 -16.10 40.73 -2.14
CA VAL A 211 -16.33 39.60 -3.01
C VAL A 211 -16.81 38.38 -2.18
N LEU A 212 -16.20 38.21 -1.02
CA LEU A 212 -16.55 37.11 -0.10
C LEU A 212 -18.03 37.17 0.30
N ASP A 213 -18.55 38.39 0.43
CA ASP A 213 -19.97 38.57 0.78
C ASP A 213 -20.94 38.12 -0.32
N CYS A 214 -20.43 37.73 -1.50
CA CYS A 214 -21.24 37.15 -2.57
C CYS A 214 -21.25 35.62 -2.60
N ALA A 215 -20.51 35.01 -1.68
CA ALA A 215 -20.22 33.58 -1.69
C ALA A 215 -21.19 32.78 -0.85
N ASN A 216 -21.28 31.49 -1.14
CA ASN A 216 -22.08 30.58 -0.32
C ASN A 216 -21.48 30.46 1.10
N LYS A 217 -22.36 30.48 2.10
CA LYS A 217 -21.92 30.52 3.49
C LYS A 217 -21.39 29.17 3.98
N ASP A 218 -21.68 28.10 3.24
CA ASP A 218 -21.20 26.76 3.58
C ASP A 218 -19.84 26.38 2.94
N ALA A 219 -19.17 27.39 2.38
CA ALA A 219 -17.93 27.19 1.61
C ALA A 219 -16.88 26.34 2.32
N ALA A 220 -16.70 26.53 3.62
CA ALA A 220 -15.57 25.93 4.34
C ALA A 220 -15.47 24.41 4.21
N GLY A 221 -16.60 23.71 4.07
CA GLY A 221 -16.61 22.26 4.02
C GLY A 221 -16.76 21.68 2.63
N LEU A 222 -16.62 22.50 1.58
CA LEU A 222 -16.78 22.02 0.20
C LEU A 222 -15.43 21.85 -0.51
N SER A 223 -15.32 20.78 -1.30
CA SER A 223 -14.18 20.65 -2.21
C SER A 223 -14.25 21.64 -3.38
N TRP A 224 -13.13 21.79 -4.11
CA TRP A 224 -13.17 22.62 -5.29
C TRP A 224 -14.16 22.10 -6.32
N GLN A 225 -14.27 20.78 -6.46
CA GLN A 225 -15.23 20.21 -7.41
C GLN A 225 -16.67 20.53 -7.02
N GLN A 226 -16.96 20.45 -5.72
CA GLN A 226 -18.31 20.80 -5.23
C GLN A 226 -18.67 22.25 -5.49
N ALA A 227 -17.68 23.15 -5.38
CA ALA A 227 -17.91 24.55 -5.69
C ALA A 227 -18.18 24.73 -7.22
N VAL A 228 -17.44 24.04 -8.08
CA VAL A 228 -17.74 24.06 -9.50
C VAL A 228 -19.15 23.54 -9.76
N ASP A 229 -19.51 22.47 -9.07
CA ASP A 229 -20.82 21.86 -9.20
C ASP A 229 -21.92 22.90 -8.95
N ARG A 230 -21.73 23.82 -8.01
CA ARG A 230 -22.74 24.85 -7.75
C ARG A 230 -23.02 25.70 -8.97
N VAL A 231 -21.99 26.02 -9.72
CA VAL A 231 -22.15 26.75 -10.95
C VAL A 231 -22.90 25.90 -12.01
N VAL A 232 -22.50 24.64 -12.14
CA VAL A 232 -23.15 23.73 -13.11
C VAL A 232 -24.66 23.63 -12.79
N GLN A 233 -24.98 23.63 -11.51
CA GLN A 233 -26.36 23.59 -11.01
C GLN A 233 -27.14 24.91 -11.05
N GLY A 234 -26.48 26.02 -11.31
CA GLY A 234 -27.14 27.32 -11.26
C GLY A 234 -27.48 27.78 -9.84
N LYS A 235 -26.86 27.14 -8.84
CA LYS A 235 -26.87 27.63 -7.46
C LYS A 235 -25.84 28.72 -7.22
N ALA A 236 -25.04 29.00 -8.24
CA ALA A 236 -24.12 30.13 -8.28
C ALA A 236 -23.98 30.53 -9.73
N ALA A 237 -23.53 31.76 -9.98
CA ALA A 237 -23.30 32.27 -11.32
C ALA A 237 -21.83 32.11 -11.77
N PHE A 238 -20.92 32.23 -10.80
CA PHE A 238 -19.50 32.30 -11.07
C PHE A 238 -18.68 31.45 -10.10
N ASN A 239 -17.50 31.04 -10.56
CA ASN A 239 -16.49 30.42 -9.67
C ASN A 239 -15.12 30.84 -10.16
N ILE A 240 -14.21 31.19 -9.24
CA ILE A 240 -12.83 31.54 -9.62
C ILE A 240 -11.97 30.33 -9.28
N MET A 241 -11.39 29.65 -10.28
CA MET A 241 -10.65 28.43 -10.01
C MET A 241 -9.70 28.12 -11.18
N GLY A 242 -8.64 27.41 -10.90
CA GLY A 242 -7.72 26.98 -11.95
C GLY A 242 -8.39 26.11 -12.98
N ASP A 243 -7.75 25.98 -14.15
CA ASP A 243 -8.36 25.28 -15.27
C ASP A 243 -8.38 23.76 -15.18
N TRP A 244 -7.95 23.20 -14.05
CA TRP A 244 -8.33 21.82 -13.73
C TRP A 244 -9.87 21.72 -13.70
N ALA A 245 -10.54 22.85 -13.50
CA ALA A 245 -12.03 22.90 -13.55
C ALA A 245 -12.55 22.57 -14.94
N ALA A 246 -11.86 23.04 -15.99
CA ALA A 246 -12.24 22.69 -17.34
C ALA A 246 -12.11 21.18 -17.57
N GLY A 247 -11.02 20.57 -17.08
CA GLY A 247 -10.84 19.12 -17.16
C GLY A 247 -11.96 18.39 -16.47
N TYR A 248 -12.34 18.86 -15.27
CA TYR A 248 -13.45 18.21 -14.54
C TYR A 248 -14.74 18.27 -15.34
N MET A 249 -15.08 19.45 -15.80
CA MET A 249 -16.34 19.65 -16.52
C MET A 249 -16.41 18.86 -17.84
N THR A 250 -15.28 18.66 -18.52
CA THR A 250 -15.29 17.94 -19.79
C THR A 250 -15.03 16.46 -19.58
N THR A 251 -13.92 16.12 -18.94
CA THR A 251 -13.56 14.71 -18.76
C THR A 251 -14.54 13.95 -17.87
N THR A 252 -14.94 14.56 -16.76
CA THR A 252 -15.80 13.87 -15.80
C THR A 252 -17.28 14.12 -16.10
N LEU A 253 -17.67 15.38 -16.28
CA LEU A 253 -19.09 15.72 -16.45
C LEU A 253 -19.56 15.72 -17.90
N LYS A 254 -18.65 15.64 -18.86
CA LYS A 254 -18.98 15.55 -20.29
C LYS A 254 -19.73 16.77 -20.84
N LEU A 255 -19.48 17.94 -20.24
CA LEU A 255 -20.00 19.21 -20.73
C LEU A 255 -19.18 19.72 -21.91
N LYS A 256 -19.86 20.41 -22.83
CA LYS A 256 -19.22 20.92 -24.05
C LYS A 256 -18.67 22.31 -23.82
N PRO A 257 -17.34 22.48 -24.01
CA PRO A 257 -16.76 23.80 -23.77
C PRO A 257 -17.33 24.87 -24.70
N GLY A 258 -17.67 26.01 -24.13
CA GLY A 258 -18.13 27.16 -24.90
C GLY A 258 -19.64 27.32 -24.93
N THR A 259 -20.36 26.21 -24.93
CA THR A 259 -21.82 26.22 -24.93
C THR A 259 -22.41 25.79 -23.59
N ASP A 260 -21.97 24.65 -23.04
CA ASP A 260 -22.48 24.19 -21.74
C ASP A 260 -21.80 24.92 -20.56
N PHE A 261 -20.60 25.44 -20.80
CA PHE A 261 -19.92 26.32 -19.86
C PHE A 261 -18.99 27.23 -20.63
N ALA A 262 -18.57 28.31 -19.99
CA ALA A 262 -17.66 29.25 -20.61
C ALA A 262 -16.70 29.81 -19.58
N TRP A 263 -15.77 30.65 -20.03
CA TRP A 263 -14.69 31.14 -19.20
C TRP A 263 -14.26 32.55 -19.60
N ALA A 264 -13.71 33.27 -18.62
CA ALA A 264 -13.03 34.53 -18.86
C ALA A 264 -11.92 34.66 -17.84
N PRO A 265 -10.95 35.55 -18.09
CA PRO A 265 -9.99 35.85 -17.04
C PRO A 265 -10.71 36.35 -15.79
N SER A 266 -10.12 36.15 -14.62
CA SER A 266 -10.73 36.65 -13.42
C SER A 266 -10.89 38.16 -13.62
N PRO A 267 -12.00 38.72 -13.13
CA PRO A 267 -12.23 40.16 -13.26
C PRO A 267 -10.98 40.99 -12.93
N GLY A 268 -10.65 41.93 -13.81
CA GLY A 268 -9.52 42.82 -13.60
C GLY A 268 -8.16 42.24 -13.96
N THR A 269 -8.13 41.05 -14.55
CA THR A 269 -6.84 40.40 -14.82
C THR A 269 -6.65 40.06 -16.29
N GLN A 270 -7.55 40.55 -17.13
CA GLN A 270 -7.49 40.30 -18.56
C GLN A 270 -6.12 40.69 -19.09
N GLY A 271 -5.54 39.81 -19.90
CA GLY A 271 -4.22 40.04 -20.48
C GLY A 271 -3.07 39.54 -19.63
N VAL A 272 -3.38 39.00 -18.45
CA VAL A 272 -2.38 38.46 -17.54
C VAL A 272 -2.74 37.02 -17.27
N PHE A 273 -1.74 36.15 -17.34
CA PHE A 273 -1.91 34.70 -17.17
C PHE A 273 -1.13 34.37 -15.91
N MET A 274 -1.86 34.04 -14.85
CA MET A 274 -1.22 33.65 -13.59
C MET A 274 -1.01 32.14 -13.65
N MET A 275 0.25 31.74 -13.82
CA MET A 275 0.55 30.34 -14.11
C MET A 275 0.99 29.57 -12.89
N LEU A 276 0.94 28.24 -13.05
CA LEU A 276 1.59 27.28 -12.18
C LEU A 276 1.95 26.09 -13.07
N SER A 277 2.81 25.21 -12.57
CA SER A 277 3.22 24.05 -13.36
C SER A 277 3.47 22.87 -12.46
N ASP A 278 2.77 21.77 -12.75
CA ASP A 278 3.01 20.50 -12.11
C ASP A 278 4.25 19.88 -12.75
N SER A 279 5.14 19.38 -11.90
CA SER A 279 6.42 18.82 -12.34
C SER A 279 6.77 17.58 -11.50
N PHE A 280 7.71 16.78 -12.00
CA PHE A 280 8.21 15.62 -11.30
C PHE A 280 9.73 15.66 -11.30
N GLY A 281 10.34 15.29 -10.18
CA GLY A 281 11.78 15.17 -10.09
C GLY A 281 12.24 13.80 -9.67
N LEU A 282 13.49 13.75 -9.24
CA LEU A 282 14.15 12.51 -8.88
C LEU A 282 14.74 12.63 -7.48
N PRO A 283 14.02 12.16 -6.45
CA PRO A 283 14.57 12.19 -5.10
C PRO A 283 15.81 11.33 -4.97
N LYS A 284 16.81 11.83 -4.25
CA LYS A 284 17.93 10.98 -3.83
C LYS A 284 17.40 9.82 -2.98
N GLY A 285 17.99 8.65 -3.17
CA GLY A 285 17.61 7.49 -2.40
C GLY A 285 16.39 6.76 -2.95
N ALA A 286 15.84 7.22 -4.07
CA ALA A 286 14.73 6.53 -4.69
C ALA A 286 15.08 5.03 -4.86
N LYS A 287 14.14 4.17 -4.50
CA LYS A 287 14.37 2.74 -4.59
C LYS A 287 14.44 2.26 -6.04
N ASN A 288 13.71 2.92 -6.94
CA ASN A 288 13.60 2.52 -8.35
C ASN A 288 14.03 3.66 -9.26
N ARG A 289 15.31 3.97 -9.20
CA ARG A 289 15.88 5.16 -9.82
C ARG A 289 15.72 5.16 -11.33
N GLN A 290 16.10 4.07 -12.01
CA GLN A 290 15.98 4.05 -13.46
C GLN A 290 14.53 4.13 -13.95
N ASN A 291 13.65 3.41 -13.27
CA ASN A 291 12.24 3.44 -13.67
C ASN A 291 11.69 4.86 -13.51
N ALA A 292 12.17 5.56 -12.47
CA ALA A 292 11.77 6.97 -12.24
C ALA A 292 12.29 7.87 -13.35
N ILE A 293 13.54 7.67 -13.75
CA ILE A 293 14.13 8.44 -14.86
C ILE A 293 13.33 8.23 -16.13
N ASN A 294 12.92 6.99 -16.41
CA ASN A 294 12.10 6.74 -17.58
C ASN A 294 10.71 7.40 -17.49
N TRP A 295 10.19 7.52 -16.27
CA TRP A 295 8.96 8.28 -16.08
C TRP A 295 9.19 9.76 -16.44
N LEU A 296 10.28 10.33 -15.96
CA LEU A 296 10.62 11.74 -16.29
C LEU A 296 10.72 11.96 -17.80
N ARG A 297 11.34 11.00 -18.50
CA ARG A 297 11.48 11.12 -19.95
C ARG A 297 10.12 11.11 -20.63
N LEU A 298 9.20 10.32 -20.08
CA LEU A 298 7.83 10.30 -20.60
C LEU A 298 7.06 11.59 -20.33
N VAL A 299 7.07 12.04 -19.07
CA VAL A 299 6.29 13.24 -18.73
C VAL A 299 6.86 14.50 -19.39
N GLY A 300 8.15 14.46 -19.73
CA GLY A 300 8.78 15.56 -20.50
C GLY A 300 8.60 15.52 -22.01
N SER A 301 7.95 14.48 -22.52
CA SER A 301 7.80 14.26 -23.97
C SER A 301 6.51 14.80 -24.53
N LYS A 302 6.48 15.07 -25.84
CA LYS A 302 5.28 15.50 -26.52
C LYS A 302 4.17 14.44 -26.46
N GLU A 303 4.54 13.18 -26.67
CA GLU A 303 3.59 12.08 -26.62
C GLU A 303 2.88 12.04 -25.26
N GLY A 304 3.65 12.10 -24.18
CA GLY A 304 3.09 12.10 -22.82
C GLY A 304 2.17 13.31 -22.59
N GLN A 305 2.69 14.50 -22.84
CA GLN A 305 1.98 15.74 -22.54
C GLN A 305 0.72 15.96 -23.36
N ASP A 306 0.74 15.54 -24.64
CA ASP A 306 -0.44 15.70 -25.47
C ASP A 306 -1.46 14.56 -25.32
N THR A 307 -1.08 13.50 -24.62
CA THR A 307 -2.01 12.47 -24.16
C THR A 307 -2.73 12.89 -22.87
N SER A 308 -1.97 13.35 -21.88
CA SER A 308 -2.54 13.65 -20.55
C SER A 308 -3.24 14.99 -20.45
N ASN A 309 -2.64 16.06 -20.98
CA ASN A 309 -3.17 17.39 -20.73
C ASN A 309 -4.57 17.67 -21.26
N PRO A 310 -4.92 17.15 -22.44
CA PRO A 310 -6.31 17.34 -22.87
C PRO A 310 -7.36 16.80 -21.87
N LEU A 311 -7.02 15.76 -21.14
CA LEU A 311 -7.90 15.21 -20.09
C LEU A 311 -7.92 16.10 -18.83
N LYS A 312 -6.79 16.75 -18.56
CA LYS A 312 -6.56 17.48 -17.30
C LYS A 312 -7.16 18.88 -17.25
N GLY A 313 -7.19 19.57 -18.37
CA GLY A 313 -7.64 20.96 -18.43
C GLY A 313 -6.49 21.97 -18.50
N SER A 314 -5.30 21.50 -18.18
CA SER A 314 -4.06 22.25 -18.36
C SER A 314 -3.66 22.17 -19.83
N ILE A 315 -2.67 22.98 -20.18
CA ILE A 315 -2.03 22.89 -21.48
C ILE A 315 -0.63 22.26 -21.27
N ALA A 316 -0.01 21.83 -22.38
CA ALA A 316 1.32 21.27 -22.29
C ALA A 316 2.34 22.36 -21.95
N ALA A 317 3.38 21.97 -21.24
CA ALA A 317 4.55 22.85 -21.00
C ALA A 317 5.45 22.90 -22.26
N ARG A 318 5.49 21.81 -23.02
CA ARG A 318 6.34 21.75 -24.23
C ARG A 318 5.88 22.74 -25.28
N LEU A 319 6.83 23.48 -25.85
CA LEU A 319 6.52 24.43 -26.92
C LEU A 319 5.95 23.78 -28.19
N ASP A 320 6.27 22.51 -28.44
CA ASP A 320 5.88 21.83 -29.68
C ASP A 320 4.53 21.12 -29.60
N SER A 321 3.79 21.38 -28.52
CA SER A 321 2.47 20.81 -28.33
C SER A 321 1.54 21.02 -29.54
N ASP A 322 0.77 19.98 -29.87
CA ASP A 322 -0.17 20.01 -31.00
C ASP A 322 -1.55 20.52 -30.55
N PRO A 323 -1.92 21.74 -30.95
CA PRO A 323 -3.20 22.28 -30.48
C PRO A 323 -4.45 21.52 -30.93
N SER A 324 -4.35 20.69 -31.98
CA SER A 324 -5.50 19.93 -32.46
C SER A 324 -5.90 18.82 -31.50
N LYS A 325 -5.04 18.52 -30.52
CA LYS A 325 -5.33 17.51 -29.50
C LYS A 325 -6.17 18.08 -28.35
N TYR A 326 -6.40 19.39 -28.36
CA TYR A 326 -7.06 20.12 -27.26
C TYR A 326 -8.42 20.64 -27.71
N ASN A 327 -9.36 20.68 -26.77
CA ASN A 327 -10.68 21.20 -27.00
C ASN A 327 -10.65 22.73 -27.02
N ALA A 328 -11.82 23.35 -27.13
CA ALA A 328 -11.92 24.79 -27.26
C ALA A 328 -11.33 25.53 -26.06
N TYR A 329 -11.50 24.98 -24.85
CA TYR A 329 -10.82 25.57 -23.69
C TYR A 329 -9.27 25.51 -23.84
N GLY A 330 -8.73 24.32 -24.05
CA GLY A 330 -7.28 24.11 -24.15
C GLY A 330 -6.68 25.04 -25.20
N GLN A 331 -7.35 25.17 -26.34
CA GLN A 331 -6.85 26.03 -27.43
C GLN A 331 -6.87 27.51 -27.06
N SER A 332 -7.88 27.94 -26.31
CA SER A 332 -7.94 29.29 -25.75
C SER A 332 -6.81 29.57 -24.76
N ALA A 333 -6.57 28.65 -23.84
CA ALA A 333 -5.49 28.79 -22.87
C ALA A 333 -4.13 28.82 -23.58
N MET A 334 -3.99 28.00 -24.63
CA MET A 334 -2.73 27.96 -25.39
C MET A 334 -2.44 29.32 -26.02
N ARG A 335 -3.47 29.95 -26.57
CA ARG A 335 -3.31 31.29 -27.17
C ARG A 335 -2.89 32.32 -26.13
N ASP A 336 -3.61 32.35 -25.01
CA ASP A 336 -3.28 33.31 -23.93
C ASP A 336 -1.90 33.08 -23.31
N TRP A 337 -1.47 31.84 -23.21
CA TRP A 337 -0.14 31.52 -22.70
C TRP A 337 0.94 32.22 -23.55
N ARG A 338 0.72 32.27 -24.85
CA ARG A 338 1.71 32.84 -25.77
C ARG A 338 1.66 34.36 -25.87
N SER A 339 0.50 34.95 -25.62
CA SER A 339 0.28 36.38 -25.83
C SER A 339 0.30 37.24 -24.56
N ASN A 340 -0.05 36.65 -23.42
CA ASN A 340 -0.26 37.44 -22.22
C ASN A 340 1.01 37.72 -21.44
N ARG A 341 0.93 38.69 -20.54
CA ARG A 341 1.93 38.88 -19.51
C ARG A 341 1.78 37.73 -18.51
N ILE A 342 2.89 37.10 -18.16
CA ILE A 342 2.89 35.93 -17.26
C ILE A 342 3.34 36.34 -15.87
N VAL A 343 2.56 35.93 -14.86
CA VAL A 343 3.02 36.00 -13.47
C VAL A 343 2.74 34.64 -12.83
N GLY A 344 3.26 34.45 -11.62
CA GLY A 344 3.15 33.16 -10.95
C GLY A 344 2.10 33.15 -9.85
N SER A 345 1.54 31.97 -9.63
CA SER A 345 0.65 31.71 -8.50
C SER A 345 1.36 31.60 -7.16
N LEU A 346 0.71 32.14 -6.12
CA LEU A 346 1.08 31.89 -4.72
C LEU A 346 0.57 30.54 -4.23
N VAL A 347 -0.72 30.31 -4.41
CA VAL A 347 -1.34 29.15 -3.80
C VAL A 347 -0.80 27.85 -4.42
N HIS A 348 -0.32 27.96 -5.66
CA HIS A 348 0.15 26.80 -6.41
C HIS A 348 1.67 26.87 -6.69
N GLY A 349 2.41 27.50 -5.78
CA GLY A 349 3.83 27.22 -5.58
C GLY A 349 4.87 27.93 -6.41
N ALA A 350 4.46 28.83 -7.29
CA ALA A 350 5.42 29.47 -8.17
C ALA A 350 6.27 30.53 -7.46
N VAL A 351 5.63 31.39 -6.65
CA VAL A 351 6.26 32.65 -6.20
C VAL A 351 6.78 32.71 -4.78
N ALA A 352 6.28 31.83 -3.90
CA ALA A 352 6.65 31.83 -2.49
C ALA A 352 7.00 30.45 -1.99
N PRO A 353 7.94 30.38 -1.05
CA PRO A 353 8.28 29.08 -0.50
C PRO A 353 7.17 28.49 0.35
N GLU A 354 7.21 27.18 0.57
CA GLU A 354 6.22 26.50 1.39
C GLU A 354 6.11 27.08 2.81
N SER A 355 7.21 27.60 3.34
CA SER A 355 7.23 28.24 4.67
C SER A 355 6.18 29.34 4.76
N PHE A 356 6.06 30.12 3.68
CA PHE A 356 5.05 31.16 3.60
C PHE A 356 3.69 30.58 3.18
N MET A 357 3.66 29.77 2.11
CA MET A 357 2.40 29.18 1.63
C MET A 357 1.60 28.49 2.72
N SER A 358 2.30 27.72 3.55
CA SER A 358 1.64 26.91 4.58
C SER A 358 1.01 27.79 5.66
N GLN A 359 1.55 28.99 5.87
CA GLN A 359 1.03 29.89 6.91
C GLN A 359 -0.02 30.83 6.35
N PHE A 360 -0.10 30.96 5.03
CA PHE A 360 -1.07 31.87 4.44
C PHE A 360 -2.51 31.41 4.70
N GLY A 361 -2.72 30.10 4.88
CA GLY A 361 -4.07 29.62 5.22
C GLY A 361 -4.54 30.14 6.57
N THR A 362 -3.60 30.29 7.50
CA THR A 362 -3.85 30.90 8.82
C THR A 362 -4.24 32.37 8.70
N VAL A 363 -3.49 33.08 7.87
CA VAL A 363 -3.86 34.44 7.53
C VAL A 363 -5.28 34.50 7.01
N MET A 364 -5.62 33.61 6.09
CA MET A 364 -6.94 33.60 5.52
C MET A 364 -7.99 33.32 6.59
N GLU A 365 -7.75 32.35 7.48
CA GLU A 365 -8.65 32.12 8.64
C GLU A 365 -8.93 33.39 9.43
N ILE A 366 -7.88 34.15 9.73
CA ILE A 366 -8.05 35.37 10.52
C ILE A 366 -8.74 36.50 9.73
N PHE A 367 -8.67 36.48 8.42
CA PHE A 367 -9.49 37.40 7.67
C PHE A 367 -10.96 36.93 7.74
N LEU A 368 -11.21 35.63 7.66
CA LEU A 368 -12.60 35.16 7.66
C LEU A 368 -13.28 35.52 8.99
N GLN A 369 -12.56 35.42 10.10
CA GLN A 369 -13.19 35.76 11.40
C GLN A 369 -13.24 37.26 11.67
N THR A 370 -12.16 37.99 11.46
CA THR A 370 -12.16 39.43 11.72
C THR A 370 -12.78 40.28 10.62
N ARG A 371 -12.70 39.80 9.37
CA ARG A 371 -12.99 40.62 8.18
C ARG A 371 -12.31 41.98 8.21
N ASN A 372 -11.12 42.03 8.82
CA ASN A 372 -10.37 43.26 8.97
C ASN A 372 -9.18 43.25 8.00
N PRO A 373 -9.26 44.05 6.93
CA PRO A 373 -8.16 44.07 5.96
C PRO A 373 -6.79 44.40 6.56
N GLN A 374 -6.73 45.29 7.54
CA GLN A 374 -5.44 45.69 8.08
C GLN A 374 -4.81 44.57 8.87
N ALA A 375 -5.62 43.85 9.63
CA ALA A 375 -5.17 42.74 10.42
C ALA A 375 -4.58 41.63 9.53
N ALA A 376 -5.26 41.34 8.42
CA ALA A 376 -4.83 40.30 7.45
C ALA A 376 -3.51 40.72 6.84
N ALA A 377 -3.45 41.99 6.42
CA ALA A 377 -2.23 42.53 5.84
C ALA A 377 -1.04 42.46 6.81
N ASN A 378 -1.30 42.87 8.05
CA ASN A 378 -0.28 42.82 9.08
C ASN A 378 0.19 41.40 9.34
N ALA A 379 -0.76 40.46 9.33
CA ALA A 379 -0.44 39.04 9.53
C ALA A 379 0.44 38.48 8.41
N ALA A 380 0.10 38.80 7.16
CA ALA A 380 0.90 38.31 6.02
C ALA A 380 2.29 38.90 6.11
N GLN A 381 2.40 40.17 6.51
CA GLN A 381 3.72 40.78 6.67
C GLN A 381 4.56 40.11 7.79
N ALA A 382 3.91 39.76 8.88
CA ALA A 382 4.62 39.12 9.98
C ALA A 382 5.20 37.76 9.51
N ILE A 383 4.41 36.99 8.79
CA ILE A 383 4.90 35.71 8.26
C ILE A 383 6.06 35.95 7.29
N ALA A 384 5.90 36.94 6.40
CA ALA A 384 6.96 37.26 5.43
C ALA A 384 8.26 37.58 6.17
N ASP A 385 8.15 38.37 7.24
CA ASP A 385 9.32 38.73 8.03
C ASP A 385 9.93 37.51 8.75
N GLN A 386 9.08 36.64 9.26
CA GLN A 386 9.54 35.46 10.01
C GLN A 386 10.25 34.45 9.12
N VAL A 387 9.80 34.32 7.87
CA VAL A 387 10.41 33.34 6.96
C VAL A 387 11.48 33.96 6.08
N GLY A 388 11.64 35.27 6.18
CA GLY A 388 12.65 35.97 5.37
C GLY A 388 12.29 35.97 3.90
N LEU A 389 11.02 36.26 3.60
CA LEU A 389 10.49 36.21 2.24
C LEU A 389 11.36 37.07 1.33
N GLY A 390 11.81 36.47 0.23
CA GLY A 390 12.73 37.13 -0.71
C GLY A 390 14.18 36.66 -0.62
N ARG A 391 14.53 35.91 0.42
CA ARG A 391 15.92 35.48 0.61
C ARG A 391 16.39 34.38 -0.35
N LEU A 392 15.52 33.47 -0.75
CA LEU A 392 15.88 32.44 -1.72
C LEU A 392 15.94 33.04 -3.12
N MET B 1 -20.68 15.69 -7.85
CA MET B 1 -22.11 15.51 -8.26
C MET B 1 -22.67 14.22 -7.68
N LYS B 2 -23.85 14.32 -7.07
CA LYS B 2 -24.54 13.16 -6.54
C LYS B 2 -26.04 13.17 -6.89
N LEU B 3 -26.66 12.01 -6.80
CA LEU B 3 -28.09 11.85 -6.88
C LEU B 3 -28.51 10.75 -5.91
N GLU B 4 -29.44 11.06 -4.99
CA GLU B 4 -29.94 10.07 -4.03
C GLU B 4 -31.37 9.68 -4.37
N ILE B 5 -31.53 8.43 -4.77
CA ILE B 5 -32.80 7.85 -5.15
C ILE B 5 -33.30 6.95 -4.02
N PHE B 6 -34.53 7.19 -3.56
CA PHE B 6 -35.14 6.50 -2.42
C PHE B 6 -36.29 5.60 -2.90
N SER B 7 -36.26 4.32 -2.49
CA SER B 7 -37.26 3.36 -2.94
C SER B 7 -37.31 2.16 -2.01
N TRP B 8 -38.21 1.20 -2.28
CA TRP B 8 -38.13 -0.07 -1.58
C TRP B 8 -37.73 -1.21 -2.48
N TRP B 9 -37.06 -0.89 -3.59
CA TRP B 9 -36.64 -1.91 -4.52
C TRP B 9 -35.28 -2.53 -4.15
N ALA B 10 -35.25 -3.14 -2.97
CA ALA B 10 -34.08 -3.82 -2.46
C ALA B 10 -34.04 -5.28 -2.90
N GLY B 11 -32.86 -5.86 -2.85
CA GLY B 11 -32.72 -7.28 -3.06
C GLY B 11 -33.25 -7.69 -4.42
N ASP B 12 -34.04 -8.75 -4.47
CA ASP B 12 -34.52 -9.24 -5.76
C ASP B 12 -35.54 -8.33 -6.46
N GLU B 13 -36.01 -7.28 -5.77
CA GLU B 13 -36.83 -6.27 -6.43
C GLU B 13 -35.98 -5.23 -7.19
N GLY B 14 -34.67 -5.19 -6.91
CA GLY B 14 -33.74 -4.23 -7.50
C GLY B 14 -33.33 -4.27 -8.99
N PRO B 15 -33.35 -5.44 -9.65
CA PRO B 15 -32.80 -5.49 -11.02
C PRO B 15 -33.29 -4.39 -12.00
N ALA B 16 -34.60 -4.13 -12.00
CA ALA B 16 -35.18 -3.10 -12.85
C ALA B 16 -34.60 -1.73 -12.53
N LEU B 17 -34.64 -1.34 -11.26
CA LEU B 17 -34.08 -0.04 -10.86
C LEU B 17 -32.59 0.03 -11.20
N GLU B 18 -31.87 -1.04 -10.92
CA GLU B 18 -30.41 -1.05 -11.13
C GLU B 18 -30.08 -0.82 -12.62
N ALA B 19 -30.86 -1.40 -13.52
CA ALA B 19 -30.74 -1.16 -14.97
C ALA B 19 -31.02 0.29 -15.35
N LEU B 20 -32.03 0.88 -14.72
CA LEU B 20 -32.35 2.29 -14.96
C LEU B 20 -31.21 3.18 -14.46
N ILE B 21 -30.63 2.84 -13.31
CA ILE B 21 -29.48 3.59 -12.77
C ILE B 21 -28.26 3.49 -13.69
N ARG B 22 -28.01 2.30 -14.23
CA ARG B 22 -26.91 2.10 -15.19
C ARG B 22 -27.13 2.99 -16.41
N LEU B 23 -28.36 3.09 -16.87
CA LEU B 23 -28.66 3.93 -18.02
C LEU B 23 -28.46 5.39 -17.67
N TYR B 24 -28.89 5.78 -16.48
CA TYR B 24 -28.68 7.16 -16.03
C TYR B 24 -27.19 7.50 -16.05
N LYS B 25 -26.36 6.60 -15.53
CA LYS B 25 -24.92 6.85 -15.46
C LYS B 25 -24.29 6.94 -16.86
N GLN B 26 -24.80 6.18 -17.82
CA GLN B 26 -24.32 6.32 -19.20
C GLN B 26 -24.62 7.72 -19.76
N LYS B 27 -25.82 8.22 -19.45
CA LYS B 27 -26.29 9.51 -19.95
C LYS B 27 -25.75 10.72 -19.20
N TYR B 28 -25.46 10.53 -17.91
CA TYR B 28 -24.98 11.60 -17.02
C TYR B 28 -23.77 11.07 -16.27
N PRO B 29 -22.65 10.96 -16.98
CA PRO B 29 -21.46 10.51 -16.29
C PRO B 29 -21.03 11.53 -15.23
N GLY B 30 -20.25 11.05 -14.29
CA GLY B 30 -19.70 11.92 -13.26
C GLY B 30 -20.67 12.26 -12.15
N VAL B 31 -21.81 11.55 -12.10
CA VAL B 31 -22.76 11.72 -11.00
C VAL B 31 -22.76 10.44 -10.19
N GLU B 32 -22.44 10.57 -8.91
CA GLU B 32 -22.48 9.46 -7.97
C GLU B 32 -23.95 9.20 -7.62
N VAL B 33 -24.43 8.01 -7.90
CA VAL B 33 -25.82 7.66 -7.59
C VAL B 33 -25.86 6.84 -6.31
N ILE B 34 -26.60 7.35 -5.33
CA ILE B 34 -26.85 6.67 -4.07
C ILE B 34 -28.18 5.97 -4.20
N ASN B 35 -28.15 4.64 -4.18
CA ASN B 35 -29.34 3.83 -4.30
C ASN B 35 -29.82 3.53 -2.87
N ALA B 36 -30.64 4.43 -2.36
CA ALA B 36 -31.12 4.36 -0.98
C ALA B 36 -32.40 3.53 -0.93
N THR B 37 -32.28 2.25 -0.61
CA THR B 37 -33.45 1.39 -0.48
C THR B 37 -33.78 1.14 0.98
N VAL B 38 -35.07 0.95 1.26
CA VAL B 38 -35.52 0.51 2.57
C VAL B 38 -36.33 -0.77 2.33
N THR B 39 -35.79 -1.89 2.75
CA THR B 39 -36.38 -3.22 2.53
C THR B 39 -37.71 -3.35 3.25
N GLY B 40 -38.73 -3.81 2.52
CA GLY B 40 -40.03 -4.02 3.09
C GLY B 40 -41.07 -4.04 1.98
N GLY B 41 -41.74 -5.18 1.80
CA GLY B 41 -42.70 -5.32 0.73
C GLY B 41 -43.76 -4.24 0.80
N ALA B 42 -44.17 -3.77 -0.37
CA ALA B 42 -45.25 -2.80 -0.53
C ALA B 42 -44.97 -1.45 0.18
N GLY B 43 -43.71 -1.21 0.54
CA GLY B 43 -43.26 0.10 1.02
C GLY B 43 -43.58 0.48 2.45
N VAL B 44 -44.01 -0.49 3.26
CA VAL B 44 -44.38 -0.18 4.63
C VAL B 44 -43.22 0.47 5.40
N ASN B 45 -42.06 -0.19 5.41
CA ASN B 45 -40.89 0.38 6.10
C ASN B 45 -40.39 1.68 5.44
N ALA B 46 -40.38 1.70 4.10
CA ALA B 46 -39.88 2.86 3.36
C ALA B 46 -40.68 4.11 3.70
N ARG B 47 -42.00 3.98 3.77
CA ARG B 47 -42.87 5.11 4.16
C ARG B 47 -42.50 5.69 5.50
N ALA B 48 -42.25 4.80 6.47
CA ALA B 48 -41.93 5.24 7.82
C ALA B 48 -40.57 5.95 7.87
N VAL B 49 -39.58 5.42 7.14
CA VAL B 49 -38.28 6.08 7.07
C VAL B 49 -38.44 7.45 6.41
N LEU B 50 -39.18 7.49 5.32
CA LEU B 50 -39.32 8.72 4.56
C LEU B 50 -39.99 9.80 5.40
N LYS B 51 -41.04 9.45 6.13
CA LYS B 51 -41.67 10.40 7.00
C LYS B 51 -40.67 11.05 7.96
N THR B 52 -39.84 10.22 8.61
CA THR B 52 -38.84 10.76 9.51
C THR B 52 -37.87 11.70 8.80
N ARG B 53 -37.40 11.28 7.63
CA ARG B 53 -36.48 12.10 6.84
C ARG B 53 -37.12 13.44 6.42
N MET B 54 -38.35 13.39 5.95
CA MET B 54 -39.04 14.60 5.47
C MET B 54 -39.28 15.54 6.63
N LEU B 55 -39.78 15.03 7.75
CA LEU B 55 -40.02 15.87 8.92
C LEU B 55 -38.73 16.46 9.51
N GLY B 56 -37.59 15.80 9.29
CA GLY B 56 -36.30 16.27 9.77
C GLY B 56 -35.53 17.13 8.78
N GLY B 57 -36.19 17.55 7.70
CA GLY B 57 -35.58 18.45 6.72
C GLY B 57 -34.51 17.78 5.89
N ASP B 58 -34.65 16.46 5.69
CA ASP B 58 -33.62 15.67 5.02
C ASP B 58 -34.23 14.86 3.86
N PRO B 59 -34.85 15.54 2.89
CA PRO B 59 -35.45 14.78 1.79
C PRO B 59 -34.38 14.14 0.90
N PRO B 60 -34.68 12.96 0.34
CA PRO B 60 -33.82 12.44 -0.72
C PRO B 60 -34.07 13.29 -1.95
N ASP B 61 -33.33 13.05 -3.04
CA ASP B 61 -33.54 13.86 -4.24
C ASP B 61 -34.82 13.49 -4.98
N THR B 62 -35.21 12.24 -4.85
CA THR B 62 -36.44 11.74 -5.46
C THR B 62 -36.81 10.48 -4.70
N PHE B 63 -38.11 10.18 -4.61
CA PHE B 63 -38.54 8.95 -3.95
C PHE B 63 -39.68 8.25 -4.68
N GLN B 64 -39.62 6.93 -4.67
CA GLN B 64 -40.69 6.09 -5.19
C GLN B 64 -41.97 6.42 -4.44
N VAL B 65 -43.03 6.68 -5.19
CA VAL B 65 -44.33 6.97 -4.59
C VAL B 65 -45.43 6.53 -5.54
N HIS B 66 -46.52 6.01 -4.99
CA HIS B 66 -47.65 5.57 -5.82
C HIS B 66 -48.47 6.73 -6.32
N ALA B 67 -48.77 6.67 -7.62
CA ALA B 67 -49.70 7.60 -8.25
C ALA B 67 -51.08 7.46 -7.62
N GLY B 68 -51.76 8.60 -7.44
CA GLY B 68 -53.12 8.60 -6.90
C GLY B 68 -53.19 9.19 -5.50
N MET B 69 -54.15 8.71 -4.72
CA MET B 69 -54.43 9.31 -3.42
C MET B 69 -53.27 9.25 -2.45
N GLU B 70 -52.41 8.24 -2.58
CA GLU B 70 -51.25 8.14 -1.71
C GLU B 70 -50.34 9.36 -1.92
N LEU B 71 -49.97 9.61 -3.17
CA LEU B 71 -49.17 10.78 -3.54
C LEU B 71 -49.83 12.08 -3.11
N ILE B 72 -51.08 12.26 -3.52
CA ILE B 72 -51.75 13.55 -3.38
C ILE B 72 -52.07 13.86 -1.92
N GLY B 73 -52.63 12.88 -1.22
CA GLY B 73 -53.07 13.07 0.17
C GLY B 73 -51.98 13.25 1.20
N THR B 74 -50.78 12.75 0.92
CA THR B 74 -49.69 12.85 1.88
C THR B 74 -48.76 14.01 1.52
N TRP B 75 -48.12 13.91 0.36
CA TRP B 75 -47.01 14.83 0.04
C TRP B 75 -47.41 16.13 -0.62
N VAL B 76 -48.40 16.04 -1.49
CA VAL B 76 -48.81 17.22 -2.26
C VAL B 76 -49.60 18.18 -1.39
N VAL B 77 -50.59 17.65 -0.67
CA VAL B 77 -51.37 18.49 0.24
C VAL B 77 -50.51 19.10 1.34
N ALA B 78 -49.44 18.42 1.74
CA ALA B 78 -48.49 18.96 2.69
C ALA B 78 -47.55 20.02 2.09
N ASN B 79 -47.70 20.32 0.80
CA ASN B 79 -46.90 21.36 0.14
C ASN B 79 -45.41 21.01 0.14
N ARG B 80 -45.10 19.71 0.02
CA ARG B 80 -43.71 19.23 0.10
C ARG B 80 -43.10 18.88 -1.27
N MET B 81 -43.90 18.94 -2.32
CA MET B 81 -43.47 18.55 -3.64
C MET B 81 -43.44 19.74 -4.59
N GLU B 82 -42.53 19.69 -5.56
CA GLU B 82 -42.54 20.64 -6.67
C GLU B 82 -43.53 20.26 -7.77
N ASP B 83 -44.19 21.27 -8.33
CA ASP B 83 -45.06 21.11 -9.48
C ASP B 83 -44.22 20.81 -10.72
N LEU B 84 -44.53 19.70 -11.39
CA LEU B 84 -43.78 19.25 -12.58
C LEU B 84 -44.48 19.58 -13.90
N SER B 85 -45.51 20.43 -13.86
CA SER B 85 -46.29 20.79 -15.04
C SER B 85 -45.42 21.22 -16.23
N ALA B 86 -44.45 22.12 -15.96
CA ALA B 86 -43.54 22.61 -17.01
C ALA B 86 -42.71 21.47 -17.58
N LEU B 87 -42.19 20.61 -16.71
CA LEU B 87 -41.46 19.45 -17.16
C LEU B 87 -42.26 18.56 -18.09
N PHE B 88 -43.51 18.28 -17.73
CA PHE B 88 -44.38 17.44 -18.57
C PHE B 88 -44.53 18.03 -19.96
N ARG B 89 -44.75 19.34 -19.99
CA ARG B 89 -44.98 20.01 -21.28
C ARG B 89 -43.71 20.05 -22.12
N GLN B 90 -42.58 20.37 -21.49
CA GLN B 90 -41.27 20.36 -22.15
C GLN B 90 -40.93 19.00 -22.77
N GLU B 91 -41.29 17.92 -22.07
CA GLU B 91 -41.00 16.57 -22.53
C GLU B 91 -42.08 15.96 -23.41
N GLY B 92 -43.17 16.68 -23.65
CA GLY B 92 -44.27 16.14 -24.44
C GLY B 92 -45.07 15.04 -23.77
N TRP B 93 -45.04 15.01 -22.44
CA TRP B 93 -45.64 13.91 -21.67
C TRP B 93 -47.16 13.96 -21.60
N LEU B 94 -47.77 15.11 -21.89
CA LEU B 94 -49.24 15.16 -21.90
C LEU B 94 -49.80 14.29 -23.02
N GLN B 95 -49.02 14.06 -24.07
CA GLN B 95 -49.40 13.16 -25.15
C GLN B 95 -48.88 11.72 -24.97
N ALA B 96 -47.89 11.53 -24.09
CA ALA B 96 -47.21 10.25 -23.96
C ALA B 96 -47.86 9.30 -22.94
N PHE B 97 -48.69 9.83 -22.05
CA PHE B 97 -49.35 9.01 -21.01
C PHE B 97 -50.87 9.03 -21.17
N PRO B 98 -51.54 7.93 -20.77
CA PRO B 98 -53.01 7.91 -20.76
C PRO B 98 -53.56 9.03 -19.89
N LYS B 99 -54.66 9.67 -20.31
CA LYS B 99 -55.28 10.73 -19.51
C LYS B 99 -55.69 10.28 -18.10
N GLY B 100 -56.19 9.06 -17.97
CA GLY B 100 -56.53 8.49 -16.67
C GLY B 100 -55.34 8.45 -15.72
N LEU B 101 -54.15 8.20 -16.26
CA LEU B 101 -52.94 8.20 -15.42
C LEU B 101 -52.52 9.64 -15.09
N ILE B 102 -52.60 10.53 -16.08
CA ILE B 102 -52.35 11.96 -15.81
C ILE B 102 -53.26 12.46 -14.68
N ASP B 103 -54.52 12.04 -14.69
CA ASP B 103 -55.47 12.46 -13.66
C ASP B 103 -55.04 12.03 -12.26
N LEU B 104 -54.50 10.82 -12.15
CA LEU B 104 -54.07 10.30 -10.86
C LEU B 104 -52.94 11.10 -10.23
N ILE B 105 -52.11 11.74 -11.06
CA ILE B 105 -50.95 12.47 -10.59
C ILE B 105 -51.14 13.99 -10.59
N SER B 106 -52.37 14.42 -10.90
CA SER B 106 -52.73 15.83 -11.00
C SER B 106 -53.60 16.26 -9.82
N TYR B 107 -53.44 17.51 -9.41
CA TYR B 107 -54.18 18.07 -8.30
C TYR B 107 -54.00 19.58 -8.25
N LYS B 108 -55.12 20.29 -8.16
CA LYS B 108 -55.16 21.75 -8.05
C LYS B 108 -54.32 22.44 -9.12
N GLY B 109 -54.41 21.94 -10.34
CA GLY B 109 -53.72 22.53 -11.48
C GLY B 109 -52.27 22.14 -11.64
N GLY B 110 -51.74 21.36 -10.70
CA GLY B 110 -50.37 20.86 -10.74
C GLY B 110 -50.31 19.41 -11.19
N ILE B 111 -49.10 18.97 -11.58
CA ILE B 111 -48.80 17.57 -11.87
C ILE B 111 -47.57 17.22 -11.05
N TRP B 112 -47.65 16.13 -10.28
CA TRP B 112 -46.82 16.02 -9.07
C TRP B 112 -45.81 14.88 -9.03
N SER B 113 -45.84 14.00 -10.01
CA SER B 113 -44.84 12.94 -10.13
C SER B 113 -44.78 12.41 -11.54
N VAL B 114 -43.76 11.59 -11.81
CA VAL B 114 -43.56 11.00 -13.13
C VAL B 114 -43.73 9.49 -13.04
N PRO B 115 -44.79 8.95 -13.68
CA PRO B 115 -45.01 7.50 -13.65
C PRO B 115 -43.95 6.75 -14.42
N VAL B 116 -43.43 5.67 -13.84
CA VAL B 116 -42.41 4.87 -14.52
C VAL B 116 -42.98 3.58 -15.07
N ASN B 117 -44.14 3.18 -14.56
CA ASN B 117 -44.70 1.90 -14.90
C ASN B 117 -46.19 1.83 -14.63
N ILE B 118 -46.76 0.67 -14.96
CA ILE B 118 -48.08 0.26 -14.52
C ILE B 118 -47.92 -1.18 -14.04
N HIS B 119 -48.31 -1.43 -12.80
CA HIS B 119 -48.45 -2.78 -12.31
C HIS B 119 -49.95 -3.11 -12.21
N ARG B 120 -50.23 -4.40 -12.25
CA ARG B 120 -51.55 -4.92 -12.05
C ARG B 120 -51.61 -5.71 -10.73
N SER B 121 -52.62 -5.40 -9.92
CA SER B 121 -52.81 -6.03 -8.63
C SER B 121 -53.51 -7.39 -8.76
N ASN B 122 -54.54 -7.47 -9.61
CA ASN B 122 -55.45 -8.62 -9.58
C ASN B 122 -55.00 -9.73 -10.53
N VAL B 123 -53.91 -10.41 -10.17
CA VAL B 123 -53.38 -11.51 -10.98
C VAL B 123 -53.23 -12.76 -10.12
N MET B 124 -53.67 -13.89 -10.70
CA MET B 124 -53.55 -15.19 -10.08
C MET B 124 -52.45 -15.97 -10.80
N TRP B 125 -51.50 -16.48 -10.04
CA TRP B 125 -50.34 -17.19 -10.55
C TRP B 125 -50.47 -18.68 -10.22
N TYR B 126 -50.01 -19.51 -11.15
CA TYR B 126 -50.01 -20.96 -10.97
C TYR B 126 -49.05 -21.60 -11.95
N LEU B 127 -48.84 -22.91 -11.78
CA LEU B 127 -47.97 -23.72 -12.66
C LEU B 127 -48.86 -24.63 -13.51
N PRO B 128 -48.93 -24.38 -14.84
CA PRO B 128 -49.76 -25.19 -15.73
C PRO B 128 -49.54 -26.71 -15.54
N ALA B 129 -48.29 -27.11 -15.39
CA ALA B 129 -47.93 -28.52 -15.23
C ALA B 129 -48.48 -29.16 -13.94
N LYS B 130 -48.51 -28.40 -12.84
CA LYS B 130 -49.04 -28.88 -11.58
C LYS B 130 -50.56 -28.99 -11.62
N LEU B 131 -51.21 -27.98 -12.17
CA LEU B 131 -52.66 -28.05 -12.38
C LEU B 131 -53.02 -29.25 -13.27
N LYS B 132 -52.24 -29.46 -14.34
CA LYS B 132 -52.43 -30.61 -15.21
C LYS B 132 -52.30 -31.91 -14.42
N GLY B 133 -51.21 -32.06 -13.66
CA GLY B 133 -51.01 -33.23 -12.80
C GLY B 133 -52.07 -33.46 -11.72
N TRP B 134 -52.72 -32.40 -11.25
CA TRP B 134 -53.76 -32.50 -10.24
C TRP B 134 -55.14 -32.64 -10.88
N GLY B 135 -55.21 -32.51 -12.19
CA GLY B 135 -56.46 -32.64 -12.93
C GLY B 135 -57.45 -31.51 -12.73
N VAL B 136 -56.95 -30.29 -12.51
CA VAL B 136 -57.81 -29.12 -12.28
C VAL B 136 -57.53 -28.01 -13.29
N ASN B 137 -58.53 -27.15 -13.50
CA ASN B 137 -58.38 -25.93 -14.30
C ASN B 137 -58.11 -24.69 -13.42
N PRO B 138 -57.48 -23.66 -13.99
CA PRO B 138 -57.43 -22.39 -13.27
C PRO B 138 -58.83 -21.77 -13.14
N PRO B 139 -59.27 -21.49 -11.89
CA PRO B 139 -60.63 -21.02 -11.63
C PRO B 139 -60.92 -19.60 -12.11
N ARG B 140 -62.06 -19.41 -12.79
CA ARG B 140 -62.48 -18.11 -13.34
C ARG B 140 -63.39 -17.29 -12.40
N THR B 141 -63.90 -17.91 -11.35
CA THR B 141 -64.77 -17.27 -10.36
C THR B 141 -64.37 -17.75 -8.96
N TRP B 142 -64.74 -17.01 -7.92
CA TRP B 142 -64.43 -17.42 -6.54
C TRP B 142 -65.15 -18.72 -6.14
N ASP B 143 -66.36 -18.92 -6.65
CA ASP B 143 -67.07 -20.18 -6.38
C ASP B 143 -66.28 -21.38 -6.91
N LYS B 144 -65.81 -21.26 -8.15
CA LYS B 144 -64.98 -22.31 -8.77
C LYS B 144 -63.61 -22.43 -8.09
N PHE B 145 -63.04 -21.31 -7.67
CA PHE B 145 -61.80 -21.34 -6.89
C PHE B 145 -61.99 -22.17 -5.61
N LEU B 146 -63.09 -21.95 -4.92
CA LEU B 146 -63.33 -22.64 -3.67
C LEU B 146 -63.58 -24.13 -3.94
N ALA B 147 -64.30 -24.42 -5.02
CA ALA B 147 -64.55 -25.81 -5.41
C ALA B 147 -63.26 -26.54 -5.76
N THR B 148 -62.44 -25.90 -6.57
CA THR B 148 -61.16 -26.46 -6.96
C THR B 148 -60.25 -26.66 -5.76
N CYS B 149 -60.21 -25.69 -4.85
CA CYS B 149 -59.39 -25.84 -3.65
C CYS B 149 -59.85 -27.01 -2.78
N GLN B 150 -61.17 -27.23 -2.69
CA GLN B 150 -61.70 -28.42 -1.98
C GLN B 150 -61.21 -29.71 -2.65
N THR B 151 -61.41 -29.81 -3.95
CA THR B 151 -60.85 -30.90 -4.75
C THR B 151 -59.36 -31.15 -4.41
N LEU B 152 -58.55 -30.09 -4.48
CA LEU B 152 -57.13 -30.21 -4.22
C LEU B 152 -56.81 -30.66 -2.80
N LYS B 153 -57.56 -30.17 -1.81
CA LYS B 153 -57.37 -30.58 -0.41
C LYS B 153 -57.64 -32.07 -0.19
N GLN B 154 -58.66 -32.56 -0.90
CA GLN B 154 -59.05 -33.96 -0.81
C GLN B 154 -58.01 -34.85 -1.48
N LYS B 155 -57.25 -34.27 -2.42
CA LYS B 155 -56.08 -34.93 -3.01
C LYS B 155 -54.81 -34.80 -2.17
N GLY B 156 -54.86 -34.09 -1.05
CA GLY B 156 -53.71 -34.02 -0.15
C GLY B 156 -52.94 -32.70 -0.14
N LEU B 157 -53.38 -31.73 -0.92
CA LEU B 157 -52.78 -30.38 -0.89
C LEU B 157 -53.47 -29.59 0.21
N GLU B 158 -52.86 -29.56 1.37
CA GLU B 158 -53.48 -29.00 2.58
C GLU B 158 -53.79 -27.51 2.46
N ALA B 159 -52.94 -26.79 1.73
CA ALA B 159 -53.07 -25.33 1.60
C ALA B 159 -52.92 -24.92 0.14
N PRO B 160 -53.98 -25.09 -0.66
CA PRO B 160 -53.93 -24.76 -2.09
C PRO B 160 -53.63 -23.30 -2.41
N LEU B 161 -53.97 -22.39 -1.50
CA LEU B 161 -53.65 -20.96 -1.71
C LEU B 161 -52.40 -20.59 -0.93
N ALA B 162 -51.42 -20.03 -1.64
CA ALA B 162 -50.25 -19.45 -1.01
C ALA B 162 -50.57 -18.03 -0.59
N LEU B 163 -50.09 -17.66 0.58
CA LEU B 163 -50.33 -16.35 1.16
C LEU B 163 -49.20 -15.96 2.13
N GLY B 164 -48.95 -14.66 2.23
CA GLY B 164 -47.90 -14.16 3.11
C GLY B 164 -48.42 -13.17 4.14
N GLU B 165 -47.54 -12.22 4.48
CA GLU B 165 -47.76 -11.27 5.59
C GLU B 165 -48.97 -10.35 5.37
N ASN B 166 -49.33 -9.60 6.41
CA ASN B 166 -50.57 -8.80 6.47
C ASN B 166 -50.89 -8.05 5.18
N TRP B 167 -49.94 -7.30 4.62
CA TRP B 167 -50.32 -6.52 3.43
C TRP B 167 -50.70 -7.43 2.23
N THR B 168 -50.14 -8.63 2.17
CA THR B 168 -50.48 -9.57 1.07
C THR B 168 -51.90 -10.12 1.26
N GLN B 169 -52.34 -10.12 2.51
CA GLN B 169 -53.71 -10.54 2.86
C GLN B 169 -54.70 -9.42 2.47
N GLN B 170 -54.31 -8.17 2.72
CA GLN B 170 -55.05 -7.02 2.17
C GLN B 170 -55.05 -7.07 0.63
N HIS B 171 -53.91 -7.47 0.05
CA HIS B 171 -53.79 -7.55 -1.41
C HIS B 171 -54.80 -8.56 -1.95
N LEU B 172 -54.86 -9.72 -1.32
CA LEU B 172 -55.85 -10.73 -1.66
C LEU B 172 -57.25 -10.15 -1.52
N TRP B 173 -57.50 -9.46 -0.40
CA TRP B 173 -58.81 -8.88 -0.14
C TRP B 173 -59.28 -7.94 -1.26
N GLU B 174 -58.41 -7.10 -1.83
CA GLU B 174 -58.89 -6.15 -2.84
C GLU B 174 -59.35 -6.88 -4.12
N SER B 175 -58.72 -8.02 -4.43
CA SER B 175 -59.18 -8.87 -5.55
C SER B 175 -60.56 -9.48 -5.24
N VAL B 176 -60.72 -10.02 -4.04
CA VAL B 176 -62.03 -10.56 -3.62
C VAL B 176 -63.14 -9.48 -3.66
N ALA B 177 -62.84 -8.32 -3.10
CA ALA B 177 -63.78 -7.21 -3.05
C ALA B 177 -64.18 -6.76 -4.44
N LEU B 178 -63.20 -6.68 -5.35
CA LEU B 178 -63.50 -6.27 -6.72
C LEU B 178 -64.41 -7.29 -7.39
N ALA B 179 -64.17 -8.57 -7.15
CA ALA B 179 -64.99 -9.62 -7.76
C ALA B 179 -66.40 -9.58 -7.21
N VAL B 180 -66.53 -9.38 -5.91
CA VAL B 180 -67.84 -9.40 -5.25
C VAL B 180 -68.67 -8.14 -5.58
N LEU B 181 -68.02 -6.99 -5.62
CA LEU B 181 -68.71 -5.73 -5.81
C LEU B 181 -68.88 -5.35 -7.26
N GLY B 182 -67.95 -5.82 -8.10
CA GLY B 182 -67.77 -5.31 -9.45
C GLY B 182 -67.09 -3.95 -9.45
N PRO B 183 -66.61 -3.50 -10.62
CA PRO B 183 -65.82 -2.27 -10.68
C PRO B 183 -66.53 -0.98 -10.25
N ASP B 184 -67.83 -0.85 -10.55
CA ASP B 184 -68.55 0.37 -10.18
C ASP B 184 -68.68 0.51 -8.66
N ASP B 185 -69.11 -0.54 -8.00
CA ASP B 185 -69.27 -0.47 -6.54
C ASP B 185 -67.91 -0.46 -5.78
N TRP B 186 -66.91 -1.11 -6.34
CA TRP B 186 -65.52 -0.93 -5.85
C TRP B 186 -65.15 0.54 -5.85
N ASN B 187 -65.32 1.21 -6.99
CA ASN B 187 -65.12 2.66 -7.07
C ASN B 187 -65.96 3.45 -6.06
N ASN B 188 -67.19 3.00 -5.82
CA ASN B 188 -68.08 3.65 -4.86
C ASN B 188 -67.63 3.56 -3.39
N LEU B 189 -66.79 2.58 -3.04
CA LEU B 189 -66.20 2.60 -1.70
C LEU B 189 -65.36 3.85 -1.52
N TRP B 190 -64.60 4.18 -2.56
CA TRP B 190 -63.53 5.18 -2.45
C TRP B 190 -64.02 6.60 -2.67
N ASN B 191 -65.18 6.76 -3.31
CA ASN B 191 -65.84 8.08 -3.38
C ASN B 191 -66.88 8.33 -2.27
N GLY B 192 -67.04 7.34 -1.37
CA GLY B 192 -67.97 7.44 -0.25
C GLY B 192 -69.43 7.09 -0.54
N LYS B 193 -69.74 6.71 -1.78
CA LYS B 193 -71.14 6.42 -2.12
C LYS B 193 -71.62 5.06 -1.63
N LEU B 194 -70.71 4.10 -1.46
CA LEU B 194 -71.02 2.78 -0.90
C LEU B 194 -70.31 2.64 0.43
N LYS B 195 -71.07 2.37 1.49
CA LYS B 195 -70.49 2.17 2.81
C LYS B 195 -69.92 0.75 2.95
N PHE B 196 -68.88 0.60 3.77
CA PHE B 196 -68.30 -0.72 4.02
C PHE B 196 -69.28 -1.65 4.75
N THR B 197 -70.25 -1.04 5.43
CA THR B 197 -71.28 -1.78 6.16
C THR B 197 -72.49 -2.15 5.27
N ASP B 198 -72.49 -1.71 4.02
CA ASP B 198 -73.49 -2.18 3.08
C ASP B 198 -73.40 -3.71 2.93
N PRO B 199 -74.56 -4.41 2.92
CA PRO B 199 -74.52 -5.86 2.76
C PRO B 199 -73.65 -6.38 1.59
N LYS B 200 -73.60 -5.65 0.48
CA LYS B 200 -72.73 -6.01 -0.63
C LYS B 200 -71.27 -6.04 -0.20
N ALA B 201 -70.87 -5.06 0.59
CA ALA B 201 -69.48 -4.92 1.03
C ALA B 201 -69.17 -5.86 2.21
N VAL B 202 -70.17 -6.18 3.03
CA VAL B 202 -69.98 -7.19 4.07
C VAL B 202 -69.73 -8.57 3.45
N ARG B 203 -70.47 -8.85 2.36
CA ARG B 203 -70.32 -10.10 1.65
C ARG B 203 -68.89 -10.31 1.13
N ALA B 204 -68.21 -9.23 0.79
CA ALA B 204 -66.83 -9.32 0.37
C ALA B 204 -65.96 -9.99 1.46
N TRP B 205 -66.18 -9.63 2.72
CA TRP B 205 -65.48 -10.28 3.84
C TRP B 205 -65.89 -11.75 4.02
N GLU B 206 -67.16 -12.05 3.82
CA GLU B 206 -67.64 -13.44 3.88
C GLU B 206 -66.93 -14.33 2.85
N VAL B 207 -66.88 -13.88 1.60
CA VAL B 207 -66.18 -14.62 0.57
C VAL B 207 -64.68 -14.72 0.91
N PHE B 208 -64.11 -13.59 1.31
CA PHE B 208 -62.71 -13.54 1.70
C PHE B 208 -62.37 -14.57 2.78
N GLY B 209 -63.26 -14.73 3.78
CA GLY B 209 -63.01 -15.69 4.84
C GLY B 209 -62.93 -17.12 4.30
N ARG B 210 -63.80 -17.46 3.37
CA ARG B 210 -63.78 -18.79 2.77
C ARG B 210 -62.48 -19.04 2.04
N VAL B 211 -62.00 -18.02 1.33
CA VAL B 211 -60.75 -18.09 0.57
C VAL B 211 -59.57 -18.24 1.54
N LEU B 212 -59.63 -17.49 2.63
CA LEU B 212 -58.59 -17.49 3.64
C LEU B 212 -58.43 -18.88 4.29
N ASP B 213 -59.52 -19.63 4.36
CA ASP B 213 -59.42 -20.99 4.91
C ASP B 213 -58.78 -22.00 3.93
N CYS B 214 -58.39 -21.53 2.75
CA CYS B 214 -57.62 -22.32 1.79
C CYS B 214 -56.13 -22.01 1.85
N ALA B 215 -55.74 -21.07 2.71
CA ALA B 215 -54.35 -20.61 2.75
C ALA B 215 -53.46 -21.34 3.72
N ASN B 216 -52.15 -21.20 3.53
CA ASN B 216 -51.16 -21.73 4.48
C ASN B 216 -51.20 -21.02 5.83
N LYS B 217 -51.13 -21.81 6.90
CA LYS B 217 -51.34 -21.28 8.26
C LYS B 217 -50.19 -20.41 8.77
N ASP B 218 -49.03 -20.51 8.12
CA ASP B 218 -47.82 -19.77 8.48
C ASP B 218 -47.66 -18.47 7.68
N ALA B 219 -48.74 -18.03 7.05
CA ALA B 219 -48.71 -16.85 6.15
C ALA B 219 -48.13 -15.60 6.81
N ALA B 220 -48.47 -15.35 8.06
CA ALA B 220 -48.15 -14.05 8.70
C ALA B 220 -46.67 -13.68 8.62
N GLY B 221 -45.79 -14.69 8.65
CA GLY B 221 -44.34 -14.51 8.68
C GLY B 221 -43.63 -14.52 7.35
N LEU B 222 -44.38 -14.64 6.26
CA LEU B 222 -43.79 -14.79 4.93
C LEU B 222 -43.82 -13.49 4.09
N SER B 223 -42.74 -13.26 3.36
CA SER B 223 -42.69 -12.20 2.36
C SER B 223 -43.53 -12.57 1.15
N TRP B 224 -43.86 -11.58 0.31
CA TRP B 224 -44.59 -11.90 -0.91
C TRP B 224 -43.80 -12.92 -1.77
N GLN B 225 -42.48 -12.78 -1.81
CA GLN B 225 -41.64 -13.70 -2.61
C GLN B 225 -41.74 -15.12 -2.07
N GLN B 226 -41.73 -15.27 -0.75
CA GLN B 226 -41.84 -16.59 -0.12
C GLN B 226 -43.20 -17.23 -0.40
N ALA B 227 -44.25 -16.42 -0.51
CA ALA B 227 -45.55 -16.95 -0.89
C ALA B 227 -45.52 -17.44 -2.35
N VAL B 228 -44.91 -16.66 -3.23
CA VAL B 228 -44.77 -17.11 -4.61
C VAL B 228 -43.98 -18.43 -4.67
N ASP B 229 -42.95 -18.53 -3.85
CA ASP B 229 -42.10 -19.73 -3.80
C ASP B 229 -42.91 -20.99 -3.49
N ARG B 230 -43.95 -20.86 -2.67
CA ARG B 230 -44.81 -22.02 -2.37
C ARG B 230 -45.46 -22.58 -3.63
N VAL B 231 -45.89 -21.70 -4.53
CA VAL B 231 -46.49 -22.12 -5.79
C VAL B 231 -45.41 -22.75 -6.69
N VAL B 232 -44.28 -22.07 -6.80
CA VAL B 232 -43.16 -22.54 -7.62
C VAL B 232 -42.74 -23.96 -7.20
N GLN B 233 -42.75 -24.20 -5.89
CA GLN B 233 -42.28 -25.45 -5.28
C GLN B 233 -43.38 -26.50 -5.09
N GLY B 234 -44.56 -26.26 -5.63
CA GLY B 234 -45.66 -27.24 -5.56
C GLY B 234 -46.30 -27.44 -4.20
N LYS B 235 -46.05 -26.52 -3.26
CA LYS B 235 -46.66 -26.54 -1.92
C LYS B 235 -47.96 -25.76 -1.85
N ALA B 236 -48.38 -25.22 -2.99
CA ALA B 236 -49.60 -24.48 -3.17
C ALA B 236 -49.93 -24.49 -4.65
N ALA B 237 -51.20 -24.25 -4.98
CA ALA B 237 -51.61 -24.22 -6.37
C ALA B 237 -51.72 -22.80 -6.93
N PHE B 238 -52.12 -21.84 -6.08
CA PHE B 238 -52.41 -20.50 -6.54
C PHE B 238 -51.82 -19.43 -5.62
N ASN B 239 -51.56 -18.25 -6.19
CA ASN B 239 -51.17 -17.06 -5.42
C ASN B 239 -51.81 -15.85 -6.08
N ILE B 240 -52.40 -14.96 -5.28
CA ILE B 240 -52.94 -13.71 -5.78
C ILE B 240 -51.94 -12.60 -5.43
N MET B 241 -51.31 -12.02 -6.45
CA MET B 241 -50.26 -11.04 -6.17
C MET B 241 -50.02 -10.18 -7.40
N GLY B 242 -49.52 -8.97 -7.18
CA GLY B 242 -49.21 -8.04 -8.27
C GLY B 242 -48.16 -8.60 -9.20
N ASP B 243 -48.07 -8.04 -10.41
CA ASP B 243 -47.20 -8.63 -11.43
C ASP B 243 -45.70 -8.38 -11.30
N TRP B 244 -45.28 -7.71 -10.23
CA TRP B 244 -43.93 -7.87 -9.74
C TRP B 244 -43.55 -9.36 -9.56
N ALA B 245 -44.55 -10.21 -9.35
CA ALA B 245 -44.34 -11.64 -9.24
C ALA B 245 -43.81 -12.25 -10.55
N ALA B 246 -44.25 -11.71 -11.70
CA ALA B 246 -43.76 -12.19 -13.00
C ALA B 246 -42.29 -11.83 -13.13
N GLY B 247 -41.93 -10.60 -12.74
CA GLY B 247 -40.52 -10.17 -12.74
C GLY B 247 -39.64 -11.05 -11.86
N TYR B 248 -40.12 -11.39 -10.68
CA TYR B 248 -39.40 -12.29 -9.77
C TYR B 248 -39.21 -13.67 -10.45
N MET B 249 -40.28 -14.22 -11.00
CA MET B 249 -40.21 -15.56 -11.56
C MET B 249 -39.31 -15.63 -12.80
N THR B 250 -39.24 -14.56 -13.59
CA THR B 250 -38.42 -14.55 -14.81
C THR B 250 -37.02 -14.06 -14.49
N THR B 251 -36.92 -12.84 -13.99
CA THR B 251 -35.63 -12.23 -13.75
C THR B 251 -34.81 -12.95 -12.69
N THR B 252 -35.44 -13.38 -11.59
CA THR B 252 -34.69 -14.00 -10.49
C THR B 252 -34.69 -15.52 -10.63
N LEU B 253 -35.87 -16.12 -10.82
CA LEU B 253 -35.98 -17.58 -10.84
C LEU B 253 -35.80 -18.20 -12.23
N LYS B 254 -35.69 -17.37 -13.26
CA LYS B 254 -35.40 -17.81 -14.64
C LYS B 254 -36.43 -18.80 -15.20
N LEU B 255 -37.69 -18.64 -14.82
CA LEU B 255 -38.77 -19.48 -15.36
C LEU B 255 -39.31 -18.90 -16.64
N LYS B 256 -39.71 -19.78 -17.56
CA LYS B 256 -40.29 -19.39 -18.85
C LYS B 256 -41.77 -19.05 -18.72
N PRO B 257 -42.18 -17.80 -19.04
CA PRO B 257 -43.59 -17.43 -18.97
C PRO B 257 -44.47 -18.25 -19.89
N GLY B 258 -45.60 -18.73 -19.37
CA GLY B 258 -46.53 -19.55 -20.15
C GLY B 258 -46.29 -21.04 -19.99
N THR B 259 -45.03 -21.42 -19.79
CA THR B 259 -44.63 -22.82 -19.69
C THR B 259 -44.41 -23.23 -18.25
N ASP B 260 -43.45 -22.56 -17.61
CA ASP B 260 -43.02 -22.87 -16.25
C ASP B 260 -43.93 -22.21 -15.23
N PHE B 261 -44.62 -21.16 -15.65
CA PHE B 261 -45.71 -20.58 -14.86
C PHE B 261 -46.71 -19.95 -15.80
N ALA B 262 -47.91 -19.68 -15.29
CA ALA B 262 -48.91 -18.97 -16.05
C ALA B 262 -49.73 -18.07 -15.12
N TRP B 263 -50.69 -17.37 -15.71
CA TRP B 263 -51.45 -16.33 -15.03
C TRP B 263 -52.86 -16.20 -15.59
N ALA B 264 -53.74 -15.69 -14.75
CA ALA B 264 -55.06 -15.27 -15.14
C ALA B 264 -55.46 -14.09 -14.27
N PRO B 265 -56.50 -13.32 -14.66
CA PRO B 265 -57.05 -12.35 -13.71
C PRO B 265 -57.49 -13.04 -12.44
N SER B 266 -57.45 -12.34 -11.31
CA SER B 266 -57.98 -12.91 -10.10
C SER B 266 -59.41 -13.37 -10.41
N PRO B 267 -59.81 -14.52 -9.82
CA PRO B 267 -61.18 -15.00 -10.05
C PRO B 267 -62.23 -13.91 -9.91
N GLY B 268 -63.18 -13.89 -10.85
CA GLY B 268 -64.27 -12.94 -10.84
C GLY B 268 -63.94 -11.53 -11.29
N THR B 269 -62.71 -11.30 -11.79
CA THR B 269 -62.28 -9.96 -12.19
C THR B 269 -61.86 -9.87 -13.66
N GLN B 270 -62.07 -10.94 -14.43
CA GLN B 270 -61.82 -10.93 -15.88
C GLN B 270 -62.40 -9.68 -16.52
N GLY B 271 -61.59 -9.02 -17.34
CA GLY B 271 -62.03 -7.81 -18.03
C GLY B 271 -61.79 -6.52 -17.28
N VAL B 272 -61.33 -6.62 -16.03
CA VAL B 272 -61.05 -5.47 -15.20
C VAL B 272 -59.57 -5.55 -14.79
N PHE B 273 -58.89 -4.41 -14.91
CA PHE B 273 -57.45 -4.28 -14.64
C PHE B 273 -57.32 -3.34 -13.45
N MET B 274 -56.98 -3.89 -12.29
CA MET B 274 -56.82 -3.09 -11.07
C MET B 274 -55.37 -2.62 -11.06
N MET B 275 -55.16 -1.34 -11.35
CA MET B 275 -53.82 -0.82 -11.55
C MET B 275 -53.25 -0.12 -10.32
N LEU B 276 -51.92 0.04 -10.37
CA LEU B 276 -51.17 0.95 -9.53
C LEU B 276 -50.00 1.43 -10.40
N SER B 277 -49.36 2.50 -9.97
CA SER B 277 -48.23 3.02 -10.72
C SER B 277 -47.18 3.55 -9.76
N ASP B 278 -45.95 3.10 -9.96
CA ASP B 278 -44.80 3.63 -9.24
C ASP B 278 -44.35 4.86 -9.99
N SER B 279 -44.11 5.92 -9.25
CA SER B 279 -43.74 7.20 -9.86
C SER B 279 -42.64 7.85 -9.03
N PHE B 280 -41.95 8.84 -9.63
CA PHE B 280 -40.94 9.61 -8.92
C PHE B 280 -41.27 11.09 -9.05
N GLY B 281 -41.13 11.83 -7.96
CA GLY B 281 -41.34 13.29 -8.00
C GLY B 281 -40.12 14.05 -7.56
N LEU B 282 -40.33 15.32 -7.27
CA LEU B 282 -39.24 16.21 -6.91
C LEU B 282 -39.62 16.91 -5.61
N PRO B 283 -39.12 16.40 -4.48
CA PRO B 283 -39.39 17.06 -3.23
C PRO B 283 -38.70 18.41 -3.14
N LYS B 284 -39.39 19.36 -2.55
CA LYS B 284 -38.78 20.63 -2.18
C LYS B 284 -37.60 20.38 -1.24
N GLY B 285 -36.52 21.13 -1.44
CA GLY B 285 -35.37 20.99 -0.58
C GLY B 285 -34.40 19.92 -0.98
N ALA B 286 -34.65 19.22 -2.09
CA ALA B 286 -33.71 18.24 -2.60
C ALA B 286 -32.32 18.89 -2.71
N LYS B 287 -31.30 18.18 -2.25
CA LYS B 287 -29.93 18.69 -2.33
C LYS B 287 -29.39 18.79 -3.75
N ASN B 288 -29.80 17.86 -4.61
CA ASN B 288 -29.28 17.73 -5.99
C ASN B 288 -30.44 17.82 -7.00
N ARG B 289 -31.09 18.97 -6.98
CA ARG B 289 -32.29 19.18 -7.78
C ARG B 289 -32.09 18.95 -9.29
N GLN B 290 -31.03 19.53 -9.86
CA GLN B 290 -30.75 19.35 -11.27
C GLN B 290 -30.56 17.89 -11.67
N ASN B 291 -29.80 17.15 -10.87
CA ASN B 291 -29.57 15.73 -11.16
C ASN B 291 -30.88 14.93 -11.03
N ALA B 292 -31.72 15.35 -10.08
CA ALA B 292 -33.04 14.72 -9.92
C ALA B 292 -33.94 14.96 -11.14
N ILE B 293 -33.93 16.19 -11.65
CA ILE B 293 -34.73 16.51 -12.83
C ILE B 293 -34.28 15.68 -14.03
N ASN B 294 -32.96 15.52 -14.20
CA ASN B 294 -32.45 14.62 -15.24
C ASN B 294 -32.92 13.16 -15.04
N TRP B 295 -32.92 12.69 -13.80
CA TRP B 295 -33.51 11.39 -13.48
C TRP B 295 -34.98 11.31 -13.94
N LEU B 296 -35.78 12.30 -13.59
CA LEU B 296 -37.19 12.34 -13.97
C LEU B 296 -37.38 12.29 -15.50
N ARG B 297 -36.55 13.05 -16.22
CA ARG B 297 -36.60 13.01 -17.68
C ARG B 297 -36.38 11.60 -18.21
N LEU B 298 -35.44 10.86 -17.61
CA LEU B 298 -35.18 9.47 -17.99
C LEU B 298 -36.35 8.55 -17.61
N VAL B 299 -36.82 8.70 -16.39
CA VAL B 299 -37.94 7.90 -15.86
C VAL B 299 -39.18 7.96 -16.75
N GLY B 300 -39.44 9.14 -17.29
CA GLY B 300 -40.57 9.36 -18.15
C GLY B 300 -40.34 9.05 -19.62
N SER B 301 -39.15 8.61 -19.98
CA SER B 301 -38.78 8.35 -21.37
C SER B 301 -39.08 6.92 -21.79
N LYS B 302 -39.31 6.75 -23.09
CA LYS B 302 -39.51 5.42 -23.66
C LYS B 302 -38.28 4.55 -23.43
N GLU B 303 -37.10 5.11 -23.68
CA GLU B 303 -35.84 4.39 -23.53
C GLU B 303 -35.69 3.89 -22.09
N GLY B 304 -35.95 4.76 -21.13
CA GLY B 304 -35.91 4.35 -19.72
C GLY B 304 -36.89 3.26 -19.39
N GLN B 305 -38.15 3.46 -19.76
CA GLN B 305 -39.21 2.56 -19.34
C GLN B 305 -39.12 1.19 -20.01
N ASP B 306 -38.65 1.16 -21.27
CA ASP B 306 -38.51 -0.12 -21.97
C ASP B 306 -37.20 -0.84 -21.63
N THR B 307 -36.32 -0.15 -20.91
CA THR B 307 -35.10 -0.76 -20.39
C THR B 307 -35.37 -1.48 -19.06
N SER B 308 -36.06 -0.78 -18.17
CA SER B 308 -36.30 -1.29 -16.80
C SER B 308 -37.50 -2.23 -16.67
N ASN B 309 -38.65 -1.85 -17.23
CA ASN B 309 -39.88 -2.60 -16.98
C ASN B 309 -39.88 -4.08 -17.39
N PRO B 310 -39.23 -4.42 -18.53
CA PRO B 310 -39.15 -5.84 -18.88
C PRO B 310 -38.61 -6.72 -17.76
N LEU B 311 -37.75 -6.15 -16.91
CA LEU B 311 -37.15 -6.88 -15.77
C LEU B 311 -38.05 -6.94 -14.54
N LYS B 312 -38.95 -5.97 -14.44
CA LYS B 312 -39.74 -5.74 -13.21
C LYS B 312 -41.01 -6.58 -13.16
N GLY B 313 -41.62 -6.84 -14.31
CA GLY B 313 -42.94 -7.50 -14.35
C GLY B 313 -44.09 -6.53 -14.62
N SER B 314 -43.83 -5.24 -14.41
CA SER B 314 -44.74 -4.19 -14.81
C SER B 314 -44.61 -3.91 -16.29
N ILE B 315 -45.54 -3.13 -16.81
CA ILE B 315 -45.48 -2.62 -18.18
C ILE B 315 -45.12 -1.12 -18.08
N ALA B 316 -44.75 -0.55 -19.22
CA ALA B 316 -44.47 0.88 -19.25
C ALA B 316 -45.75 1.67 -19.09
N ALA B 317 -45.63 2.86 -18.51
CA ALA B 317 -46.73 3.83 -18.47
C ALA B 317 -46.94 4.52 -19.81
N ARG B 318 -45.87 4.61 -20.60
CA ARG B 318 -45.94 5.30 -21.89
C ARG B 318 -46.76 4.55 -22.95
N LEU B 319 -47.59 5.30 -23.66
CA LEU B 319 -48.42 4.77 -24.71
C LEU B 319 -47.60 4.20 -25.86
N ASP B 320 -46.43 4.79 -26.11
CA ASP B 320 -45.58 4.38 -27.24
C ASP B 320 -44.57 3.26 -26.92
N SER B 321 -44.76 2.58 -25.78
CA SER B 321 -43.88 1.48 -25.40
C SER B 321 -43.84 0.41 -26.48
N ASP B 322 -42.65 -0.17 -26.66
CA ASP B 322 -42.42 -1.20 -27.69
C ASP B 322 -42.67 -2.60 -27.11
N PRO B 323 -43.80 -3.25 -27.47
CA PRO B 323 -44.11 -4.59 -26.90
C PRO B 323 -43.06 -5.66 -27.15
N SER B 324 -42.23 -5.49 -28.19
CA SER B 324 -41.20 -6.47 -28.52
C SER B 324 -40.11 -6.56 -27.46
N LYS B 325 -40.04 -5.56 -26.59
CA LYS B 325 -39.09 -5.56 -25.48
C LYS B 325 -39.58 -6.40 -24.28
N TYR B 326 -40.82 -6.88 -24.35
CA TYR B 326 -41.46 -7.58 -23.22
C TYR B 326 -41.65 -9.07 -23.52
N ASN B 327 -41.56 -9.87 -22.47
CA ASN B 327 -41.86 -11.29 -22.59
C ASN B 327 -43.36 -11.55 -22.69
N ALA B 328 -43.76 -12.82 -22.70
CA ALA B 328 -45.16 -13.19 -22.93
C ALA B 328 -46.10 -12.61 -21.88
N TYR B 329 -45.62 -12.49 -20.63
CA TYR B 329 -46.46 -11.87 -19.61
C TYR B 329 -46.66 -10.38 -19.91
N GLY B 330 -45.56 -9.65 -20.11
CA GLY B 330 -45.64 -8.21 -20.32
C GLY B 330 -46.52 -7.87 -21.51
N GLN B 331 -46.38 -8.62 -22.60
CA GLN B 331 -47.22 -8.33 -23.78
C GLN B 331 -48.69 -8.59 -23.49
N SER B 332 -48.97 -9.59 -22.67
CA SER B 332 -50.36 -9.91 -22.27
C SER B 332 -51.00 -8.80 -21.41
N ALA B 333 -50.23 -8.31 -20.45
CA ALA B 333 -50.65 -7.21 -19.59
C ALA B 333 -50.88 -5.95 -20.41
N MET B 334 -49.96 -5.67 -21.35
CA MET B 334 -50.10 -4.53 -22.25
C MET B 334 -51.44 -4.55 -23.00
N ARG B 335 -51.83 -5.73 -23.48
CA ARG B 335 -53.12 -5.88 -24.16
C ARG B 335 -54.34 -5.64 -23.26
N ASP B 336 -54.30 -6.23 -22.07
CA ASP B 336 -55.34 -5.99 -21.09
C ASP B 336 -55.42 -4.53 -20.65
N TRP B 337 -54.27 -3.88 -20.46
CA TRP B 337 -54.22 -2.48 -20.09
C TRP B 337 -54.98 -1.62 -21.08
N ARG B 338 -54.85 -1.98 -22.36
CA ARG B 338 -55.44 -1.16 -23.41
C ARG B 338 -56.91 -1.49 -23.69
N SER B 339 -57.37 -2.65 -23.27
CA SER B 339 -58.73 -3.07 -23.56
C SER B 339 -59.68 -3.16 -22.36
N ASN B 340 -59.13 -3.33 -21.15
CA ASN B 340 -59.96 -3.62 -19.96
C ASN B 340 -60.55 -2.36 -19.34
N ARG B 341 -61.57 -2.57 -18.52
CA ARG B 341 -62.06 -1.55 -17.58
C ARG B 341 -60.96 -1.37 -16.53
N ILE B 342 -60.55 -0.12 -16.28
CA ILE B 342 -59.50 0.16 -15.30
C ILE B 342 -60.10 0.68 -14.00
N VAL B 343 -59.64 0.11 -12.88
CA VAL B 343 -59.91 0.65 -11.55
C VAL B 343 -58.55 0.70 -10.82
N GLY B 344 -58.53 1.36 -9.67
CA GLY B 344 -57.33 1.48 -8.88
C GLY B 344 -57.23 0.57 -7.67
N SER B 345 -55.99 0.30 -7.28
CA SER B 345 -55.64 -0.44 -6.07
C SER B 345 -55.76 0.41 -4.79
N LEU B 346 -56.24 -0.25 -3.74
CA LEU B 346 -56.21 0.28 -2.38
C LEU B 346 -54.82 0.11 -1.75
N VAL B 347 -54.34 -1.13 -1.74
CA VAL B 347 -53.14 -1.50 -1.00
C VAL B 347 -51.94 -0.75 -1.58
N HIS B 348 -52.01 -0.45 -2.88
CA HIS B 348 -50.91 0.17 -3.59
C HIS B 348 -51.19 1.60 -4.05
N GLY B 349 -52.04 2.29 -3.29
CA GLY B 349 -52.02 3.76 -3.23
C GLY B 349 -52.88 4.57 -4.19
N ALA B 350 -53.57 3.90 -5.09
CA ALA B 350 -54.31 4.65 -6.15
C ALA B 350 -55.57 5.32 -5.63
N VAL B 351 -56.35 4.61 -4.81
CA VAL B 351 -57.76 4.99 -4.54
C VAL B 351 -58.08 5.59 -3.18
N ALA B 352 -57.23 5.32 -2.19
CA ALA B 352 -57.49 5.75 -0.83
C ALA B 352 -56.31 6.51 -0.27
N PRO B 353 -56.57 7.50 0.61
CA PRO B 353 -55.49 8.20 1.26
C PRO B 353 -54.73 7.29 2.19
N GLU B 354 -53.48 7.65 2.43
CA GLU B 354 -52.62 6.89 3.28
C GLU B 354 -53.14 6.76 4.72
N SER B 355 -53.87 7.78 5.17
CA SER B 355 -54.58 7.73 6.45
C SER B 355 -55.49 6.49 6.55
N PHE B 356 -56.17 6.16 5.47
CA PHE B 356 -56.98 4.94 5.43
C PHE B 356 -56.10 3.70 5.20
N MET B 357 -55.21 3.76 4.22
CA MET B 357 -54.35 2.61 3.90
C MET B 357 -53.63 2.08 5.15
N SER B 358 -53.10 3.01 5.94
CA SER B 358 -52.25 2.65 7.08
C SER B 358 -53.02 2.04 8.21
N GLN B 359 -54.33 2.27 8.24
CA GLN B 359 -55.21 1.72 9.27
C GLN B 359 -55.92 0.45 8.84
N PHE B 360 -55.98 0.21 7.54
CA PHE B 360 -56.67 -0.99 7.03
C PHE B 360 -56.03 -2.29 7.50
N GLY B 361 -54.72 -2.27 7.78
CA GLY B 361 -54.06 -3.44 8.34
C GLY B 361 -54.63 -3.83 9.69
N THR B 362 -55.12 -2.85 10.46
CA THR B 362 -55.71 -3.11 11.78
C THR B 362 -57.10 -3.75 11.63
N VAL B 363 -57.85 -3.30 10.61
CA VAL B 363 -59.12 -3.91 10.25
C VAL B 363 -58.89 -5.35 9.84
N MET B 364 -57.88 -5.58 9.00
CA MET B 364 -57.53 -6.92 8.53
C MET B 364 -57.17 -7.83 9.73
N GLU B 365 -56.46 -7.30 10.71
CA GLU B 365 -56.09 -8.11 11.86
C GLU B 365 -57.33 -8.49 12.69
N ILE B 366 -58.28 -7.57 12.84
CA ILE B 366 -59.58 -7.91 13.49
C ILE B 366 -60.20 -9.09 12.73
N PHE B 367 -60.20 -9.03 11.41
CA PHE B 367 -60.79 -10.13 10.65
C PHE B 367 -59.98 -11.42 10.81
N LEU B 368 -58.66 -11.34 10.82
CA LEU B 368 -57.85 -12.54 10.99
C LEU B 368 -58.13 -13.24 12.30
N GLN B 369 -58.36 -12.47 13.37
CA GLN B 369 -58.58 -13.06 14.70
C GLN B 369 -60.00 -13.66 14.83
N THR B 370 -61.00 -12.98 14.27
CA THR B 370 -62.40 -13.36 14.47
C THR B 370 -63.04 -14.05 13.26
N ARG B 371 -62.54 -13.77 12.06
CA ARG B 371 -63.19 -14.15 10.82
C ARG B 371 -64.67 -13.71 10.78
N ASN B 372 -64.92 -12.56 11.41
CA ASN B 372 -66.26 -12.02 11.58
C ASN B 372 -66.48 -10.89 10.57
N PRO B 373 -67.28 -11.14 9.52
CA PRO B 373 -67.45 -10.15 8.46
C PRO B 373 -68.06 -8.82 8.94
N GLN B 374 -69.04 -8.89 9.84
CA GLN B 374 -69.67 -7.67 10.36
C GLN B 374 -68.67 -6.82 11.14
N ALA B 375 -67.85 -7.48 11.95
CA ALA B 375 -66.91 -6.79 12.81
C ALA B 375 -65.88 -6.07 11.95
N ALA B 376 -65.38 -6.73 10.90
CA ALA B 376 -64.40 -6.14 9.99
C ALA B 376 -65.02 -4.96 9.20
N ALA B 377 -66.21 -5.18 8.65
CA ALA B 377 -66.91 -4.12 7.92
C ALA B 377 -67.16 -2.90 8.81
N ASN B 378 -67.59 -3.14 10.04
CA ASN B 378 -67.81 -2.04 10.97
C ASN B 378 -66.52 -1.27 11.23
N ALA B 379 -65.42 -1.98 11.42
CA ALA B 379 -64.12 -1.35 11.69
C ALA B 379 -63.64 -0.55 10.46
N ALA B 380 -63.86 -1.09 9.27
CA ALA B 380 -63.54 -0.38 8.01
C ALA B 380 -64.33 0.93 7.91
N GLN B 381 -65.62 0.86 8.21
CA GLN B 381 -66.46 2.05 8.12
C GLN B 381 -66.05 3.10 9.15
N ALA B 382 -65.64 2.67 10.34
CA ALA B 382 -65.17 3.61 11.36
C ALA B 382 -63.96 4.43 10.85
N ILE B 383 -63.03 3.76 10.16
CA ILE B 383 -61.88 4.43 9.57
C ILE B 383 -62.32 5.37 8.44
N ALA B 384 -63.18 4.88 7.55
CA ALA B 384 -63.69 5.70 6.46
C ALA B 384 -64.34 6.98 7.00
N ASP B 385 -65.12 6.84 8.06
CA ASP B 385 -65.78 7.99 8.69
C ASP B 385 -64.79 8.96 9.30
N GLN B 386 -63.78 8.43 9.98
CA GLN B 386 -62.75 9.27 10.62
C GLN B 386 -61.94 10.06 9.59
N VAL B 387 -61.54 9.42 8.50
CA VAL B 387 -60.67 10.08 7.52
C VAL B 387 -61.45 10.89 6.49
N GLY B 388 -62.76 10.74 6.41
CA GLY B 388 -63.57 11.54 5.50
C GLY B 388 -63.44 11.03 4.08
N LEU B 389 -63.58 9.71 3.94
CA LEU B 389 -63.37 9.06 2.66
C LEU B 389 -64.30 9.64 1.60
N GLY B 390 -63.74 9.94 0.44
CA GLY B 390 -64.49 10.57 -0.64
C GLY B 390 -64.32 12.08 -0.74
N ARG B 391 -63.82 12.72 0.33
CA ARG B 391 -63.66 14.18 0.36
C ARG B 391 -62.53 14.71 -0.55
N LEU B 392 -61.42 13.99 -0.66
CA LEU B 392 -60.34 14.39 -1.59
C LEU B 392 -60.72 14.06 -3.03
N MET C 1 -52.61 -14.91 21.75
CA MET C 1 -51.72 -13.77 22.09
C MET C 1 -50.42 -13.73 21.38
N LYS C 2 -49.73 -12.61 21.53
CA LYS C 2 -48.70 -12.23 20.59
C LYS C 2 -47.59 -11.46 21.32
N LEU C 3 -46.46 -11.38 20.63
CA LEU C 3 -45.33 -10.57 21.06
C LEU C 3 -44.66 -10.00 19.80
N GLU C 4 -44.51 -8.68 19.74
CA GLU C 4 -43.85 -8.06 18.57
C GLU C 4 -42.49 -7.48 19.00
N ILE C 5 -41.43 -8.07 18.44
CA ILE C 5 -40.03 -7.71 18.73
C ILE C 5 -39.49 -6.90 17.55
N PHE C 6 -38.91 -5.73 17.84
CA PHE C 6 -38.41 -4.83 16.80
C PHE C 6 -36.90 -4.71 16.88
N SER C 7 -36.21 -4.87 15.75
CA SER C 7 -34.75 -4.82 15.71
C SER C 7 -34.26 -4.57 14.30
N TRP C 8 -32.94 -4.47 14.15
CA TRP C 8 -32.35 -4.48 12.81
C TRP C 8 -31.58 -5.74 12.48
N TRP C 9 -31.91 -6.84 13.15
CA TRP C 9 -31.20 -8.10 12.94
C TRP C 9 -31.86 -8.94 11.83
N ALA C 10 -31.87 -8.35 10.65
CA ALA C 10 -32.44 -8.97 9.44
C ALA C 10 -31.36 -9.76 8.71
N GLY C 11 -31.81 -10.67 7.84
CA GLY C 11 -30.90 -11.43 7.01
C GLY C 11 -29.82 -12.15 7.78
N ASP C 12 -28.57 -12.02 7.35
CA ASP C 12 -27.49 -12.77 7.98
C ASP C 12 -27.13 -12.26 9.39
N GLU C 13 -27.76 -11.16 9.82
CA GLU C 13 -27.67 -10.73 11.22
C GLU C 13 -28.69 -11.41 12.14
N GLY C 14 -29.63 -12.15 11.54
CA GLY C 14 -30.72 -12.79 12.28
C GLY C 14 -30.51 -14.09 13.05
N PRO C 15 -29.49 -14.90 12.71
CA PRO C 15 -29.38 -16.22 13.42
C PRO C 15 -29.47 -16.18 14.95
N ALA C 16 -28.73 -15.28 15.59
CA ALA C 16 -28.73 -15.19 17.04
C ALA C 16 -30.14 -14.87 17.58
N LEU C 17 -30.79 -13.85 17.02
CA LEU C 17 -32.13 -13.47 17.46
C LEU C 17 -33.11 -14.61 17.23
N GLU C 18 -33.00 -15.24 16.07
CA GLU C 18 -33.90 -16.33 15.70
C GLU C 18 -33.79 -17.49 16.71
N ALA C 19 -32.57 -17.79 17.16
CA ALA C 19 -32.35 -18.80 18.22
C ALA C 19 -33.01 -18.37 19.53
N LEU C 20 -32.90 -17.09 19.88
CA LEU C 20 -33.53 -16.58 21.10
C LEU C 20 -35.06 -16.68 21.02
N ILE C 21 -35.61 -16.39 19.84
CA ILE C 21 -37.05 -16.49 19.61
C ILE C 21 -37.51 -17.95 19.72
N ARG C 22 -36.75 -18.88 19.13
CA ARG C 22 -37.05 -20.31 19.29
C ARG C 22 -37.10 -20.73 20.77
N LEU C 23 -36.15 -20.24 21.56
CA LEU C 23 -36.11 -20.54 22.99
C LEU C 23 -37.32 -19.94 23.71
N TYR C 24 -37.70 -18.72 23.32
CA TYR C 24 -38.88 -18.08 23.90
C TYR C 24 -40.12 -18.93 23.64
N LYS C 25 -40.26 -19.39 22.40
CA LYS C 25 -41.42 -20.19 22.01
C LYS C 25 -41.45 -21.53 22.75
N GLN C 26 -40.29 -22.14 23.00
CA GLN C 26 -40.23 -23.33 23.86
C GLN C 26 -40.71 -23.07 25.27
N LYS C 27 -40.38 -21.89 25.81
CA LYS C 27 -40.77 -21.54 27.19
C LYS C 27 -42.20 -20.99 27.27
N TYR C 28 -42.71 -20.44 26.16
CA TYR C 28 -44.09 -19.88 26.07
C TYR C 28 -44.73 -20.23 24.72
N PRO C 29 -45.13 -21.51 24.53
CA PRO C 29 -45.54 -22.02 23.22
C PRO C 29 -46.83 -21.46 22.56
N GLY C 30 -47.69 -20.82 23.35
CA GLY C 30 -48.96 -20.29 22.84
C GLY C 30 -48.91 -18.82 22.46
N VAL C 31 -47.70 -18.27 22.34
CA VAL C 31 -47.52 -16.85 22.00
C VAL C 31 -46.97 -16.75 20.58
N GLU C 32 -47.70 -16.07 19.72
CA GLU C 32 -47.25 -15.82 18.36
C GLU C 32 -46.23 -14.69 18.40
N VAL C 33 -45.04 -14.95 17.88
CA VAL C 33 -43.96 -13.94 17.89
C VAL C 33 -43.82 -13.31 16.51
N ILE C 34 -43.97 -11.99 16.47
CA ILE C 34 -43.76 -11.23 15.25
C ILE C 34 -42.33 -10.67 15.33
N ASN C 35 -41.49 -11.13 14.40
CA ASN C 35 -40.11 -10.69 14.32
C ASN C 35 -40.03 -9.51 13.34
N ALA C 36 -40.22 -8.31 13.89
CA ALA C 36 -40.28 -7.08 13.10
C ALA C 36 -38.87 -6.53 12.93
N THR C 37 -38.26 -6.77 11.77
CA THR C 37 -36.93 -6.21 11.51
C THR C 37 -37.00 -5.08 10.49
N VAL C 38 -36.06 -4.15 10.62
CA VAL C 38 -35.85 -3.11 9.60
C VAL C 38 -34.39 -3.18 9.18
N THR C 39 -34.17 -3.64 7.95
CA THR C 39 -32.81 -3.82 7.41
C THR C 39 -32.03 -2.50 7.33
N GLY C 40 -30.80 -2.52 7.82
CA GLY C 40 -29.95 -1.35 7.74
C GLY C 40 -28.87 -1.45 8.80
N GLY C 41 -27.61 -1.55 8.36
CA GLY C 41 -26.50 -1.69 9.29
C GLY C 41 -26.49 -0.59 10.34
N ALA C 42 -26.16 -0.97 11.57
CA ALA C 42 -26.02 -0.05 12.70
C ALA C 42 -27.32 0.68 13.07
N GLY C 43 -28.45 0.22 12.54
CA GLY C 43 -29.75 0.68 12.97
C GLY C 43 -30.27 1.97 12.39
N VAL C 44 -29.62 2.47 11.35
CA VAL C 44 -29.99 3.77 10.83
C VAL C 44 -31.46 3.78 10.35
N ASN C 45 -31.84 2.81 9.52
CA ASN C 45 -33.23 2.72 9.06
C ASN C 45 -34.17 2.35 10.19
N ALA C 46 -33.75 1.42 11.06
CA ALA C 46 -34.63 1.00 12.18
C ALA C 46 -35.00 2.18 13.07
N ARG C 47 -34.04 3.05 13.35
CA ARG C 47 -34.30 4.24 14.17
C ARG C 47 -35.38 5.10 13.55
N ALA C 48 -35.30 5.30 12.24
CA ALA C 48 -36.24 6.15 11.52
C ALA C 48 -37.65 5.55 11.52
N VAL C 49 -37.74 4.24 11.30
CA VAL C 49 -39.04 3.56 11.36
C VAL C 49 -39.60 3.68 12.78
N LEU C 50 -38.77 3.41 13.79
CA LEU C 50 -39.24 3.44 15.17
C LEU C 50 -39.74 4.82 15.58
N LYS C 51 -39.03 5.87 15.16
CA LYS C 51 -39.48 7.22 15.45
C LYS C 51 -40.91 7.44 14.93
N THR C 52 -41.16 7.05 13.68
CA THR C 52 -42.49 7.17 13.11
C THR C 52 -43.51 6.36 13.90
N ARG C 53 -43.17 5.15 14.28
CA ARG C 53 -44.11 4.32 15.03
C ARG C 53 -44.44 4.89 16.40
N MET C 54 -43.42 5.41 17.07
CA MET C 54 -43.57 5.93 18.44
C MET C 54 -44.37 7.22 18.44
N LEU C 55 -44.09 8.10 17.49
CA LEU C 55 -44.87 9.34 17.35
C LEU C 55 -46.32 9.09 16.97
N GLY C 56 -46.56 7.99 16.28
CA GLY C 56 -47.91 7.62 15.89
C GLY C 56 -48.63 6.74 16.89
N GLY C 57 -48.10 6.63 18.11
CA GLY C 57 -48.71 5.82 19.18
C GLY C 57 -48.84 4.35 18.83
N ASP C 58 -47.86 3.84 18.09
CA ASP C 58 -47.83 2.44 17.65
C ASP C 58 -46.51 1.77 18.07
N PRO C 59 -46.23 1.75 19.39
CA PRO C 59 -44.97 1.12 19.81
C PRO C 59 -44.99 -0.40 19.56
N PRO C 60 -43.81 -0.99 19.29
CA PRO C 60 -43.73 -2.45 19.32
C PRO C 60 -43.70 -2.84 20.79
N ASP C 61 -43.72 -4.14 21.08
CA ASP C 61 -43.71 -4.56 22.48
C ASP C 61 -42.37 -4.35 23.13
N THR C 62 -41.31 -4.46 22.33
CA THR C 62 -39.96 -4.22 22.79
C THR C 62 -39.11 -3.91 21.55
N PHE C 63 -38.03 -3.14 21.73
CA PHE C 63 -37.15 -2.83 20.63
C PHE C 63 -35.67 -2.83 21.02
N GLN C 64 -34.85 -3.33 20.09
CA GLN C 64 -33.42 -3.23 20.18
C GLN C 64 -33.01 -1.77 20.34
N VAL C 65 -32.19 -1.51 21.36
CA VAL C 65 -31.74 -0.14 21.65
C VAL C 65 -30.38 -0.24 22.36
N HIS C 66 -29.48 0.66 22.00
CA HIS C 66 -28.15 0.65 22.61
C HIS C 66 -28.17 1.21 24.02
N ALA C 67 -27.50 0.51 24.91
CA ALA C 67 -27.27 0.99 26.26
C ALA C 67 -26.42 2.26 26.22
N GLY C 68 -26.77 3.20 27.11
CA GLY C 68 -26.03 4.44 27.23
C GLY C 68 -26.83 5.63 26.76
N MET C 69 -26.12 6.63 26.25
CA MET C 69 -26.76 7.89 25.90
C MET C 69 -27.83 7.79 24.82
N GLU C 70 -27.69 6.81 23.94
CA GLU C 70 -28.71 6.63 22.94
C GLU C 70 -30.05 6.31 23.61
N LEU C 71 -30.05 5.29 24.46
CA LEU C 71 -31.25 4.92 25.24
C LEU C 71 -31.80 6.07 26.08
N ILE C 72 -30.91 6.62 26.90
CA ILE C 72 -31.33 7.58 27.91
C ILE C 72 -31.80 8.88 27.27
N GLY C 73 -30.99 9.40 26.33
CA GLY C 73 -31.28 10.70 25.73
C GLY C 73 -32.46 10.79 24.76
N THR C 74 -32.90 9.66 24.22
CA THR C 74 -34.01 9.66 23.28
C THR C 74 -35.28 9.22 23.99
N TRP C 75 -35.27 8.01 24.53
CA TRP C 75 -36.48 7.36 25.03
C TRP C 75 -36.83 7.64 26.48
N VAL C 76 -35.83 7.62 27.34
CA VAL C 76 -36.06 7.75 28.76
C VAL C 76 -36.42 9.21 29.09
N VAL C 77 -35.61 10.13 28.58
CA VAL C 77 -35.90 11.55 28.80
C VAL C 77 -37.26 11.97 28.22
N ALA C 78 -37.71 11.30 27.16
CA ALA C 78 -39.02 11.56 26.57
C ALA C 78 -40.16 10.88 27.34
N ASN C 79 -39.82 10.20 28.43
CA ASN C 79 -40.81 9.52 29.30
C ASN C 79 -41.62 8.44 28.57
N ARG C 80 -40.97 7.72 27.67
CA ARG C 80 -41.63 6.72 26.82
C ARG C 80 -41.38 5.28 27.28
N MET C 81 -40.50 5.10 28.26
CA MET C 81 -40.11 3.77 28.71
C MET C 81 -40.57 3.49 30.14
N GLU C 82 -40.86 2.22 30.43
CA GLU C 82 -41.13 1.80 31.81
C GLU C 82 -39.84 1.54 32.57
N ASP C 83 -39.84 1.89 33.87
CA ASP C 83 -38.74 1.62 34.76
C ASP C 83 -38.75 0.14 35.09
N LEU C 84 -37.59 -0.51 34.90
CA LEU C 84 -37.43 -1.96 35.10
C LEU C 84 -36.72 -2.31 36.42
N SER C 85 -36.58 -1.34 37.32
CA SER C 85 -35.89 -1.54 38.60
C SER C 85 -36.39 -2.79 39.36
N ALA C 86 -37.70 -2.90 39.49
CA ALA C 86 -38.30 -4.06 40.20
C ALA C 86 -37.94 -5.35 39.48
N LEU C 87 -38.05 -5.35 38.16
CA LEU C 87 -37.73 -6.52 37.36
C LEU C 87 -36.30 -6.96 37.60
N PHE C 88 -35.37 -6.01 37.56
CA PHE C 88 -33.97 -6.32 37.80
C PHE C 88 -33.78 -7.01 39.15
N ARG C 89 -34.43 -6.47 40.17
CA ARG C 89 -34.27 -7.03 41.50
C ARG C 89 -34.93 -8.41 41.61
N GLN C 90 -36.12 -8.56 41.03
CA GLN C 90 -36.81 -9.86 41.02
C GLN C 90 -35.98 -10.95 40.35
N GLU C 91 -35.20 -10.56 39.34
CA GLU C 91 -34.42 -11.51 38.57
C GLU C 91 -32.99 -11.69 39.06
N GLY C 92 -32.58 -10.93 40.10
CA GLY C 92 -31.23 -11.02 40.61
C GLY C 92 -30.19 -10.42 39.68
N TRP C 93 -30.61 -9.47 38.83
CA TRP C 93 -29.73 -8.93 37.79
C TRP C 93 -28.73 -7.88 38.29
N LEU C 94 -28.95 -7.29 39.46
CA LEU C 94 -27.94 -6.37 40.02
C LEU C 94 -26.63 -7.10 40.36
N GLN C 95 -26.71 -8.40 40.60
CA GLN C 95 -25.53 -9.22 40.84
C GLN C 95 -25.03 -9.87 39.55
N ALA C 96 -25.87 -9.90 38.52
CA ALA C 96 -25.56 -10.62 37.30
C ALA C 96 -24.85 -9.79 36.24
N PHE C 97 -24.99 -8.46 36.28
CA PHE C 97 -24.32 -7.58 35.32
C PHE C 97 -23.25 -6.73 36.01
N PRO C 98 -22.15 -6.39 35.30
CA PRO C 98 -21.15 -5.44 35.82
C PRO C 98 -21.76 -4.06 36.15
N LYS C 99 -21.29 -3.44 37.23
CA LYS C 99 -21.81 -2.14 37.69
C LYS C 99 -21.76 -1.06 36.61
N GLY C 100 -20.71 -1.08 35.79
CA GLY C 100 -20.54 -0.06 34.77
C GLY C 100 -21.62 -0.19 33.71
N LEU C 101 -22.04 -1.43 33.46
CA LEU C 101 -23.09 -1.69 32.48
C LEU C 101 -24.43 -1.24 33.04
N ILE C 102 -24.69 -1.60 34.29
CA ILE C 102 -25.86 -1.10 34.99
C ILE C 102 -25.89 0.43 34.97
N ASP C 103 -24.75 1.08 35.15
CA ASP C 103 -24.72 2.55 35.12
C ASP C 103 -25.20 3.09 33.78
N LEU C 104 -24.78 2.42 32.71
CA LEU C 104 -25.10 2.80 31.35
C LEU C 104 -26.60 2.79 31.06
N ILE C 105 -27.32 1.88 31.72
CA ILE C 105 -28.79 1.76 31.53
C ILE C 105 -29.64 2.39 32.64
N SER C 106 -28.98 3.13 33.54
CA SER C 106 -29.65 3.75 34.69
C SER C 106 -29.71 5.26 34.56
N TYR C 107 -30.81 5.85 35.02
CA TYR C 107 -31.01 7.30 34.97
C TYR C 107 -32.08 7.72 35.98
N LYS C 108 -31.79 8.77 36.75
CA LYS C 108 -32.72 9.35 37.72
C LYS C 108 -33.42 8.27 38.56
N GLY C 109 -32.62 7.31 39.04
CA GLY C 109 -33.11 6.26 39.93
C GLY C 109 -33.70 5.04 39.25
N GLY C 110 -34.02 5.17 37.95
CA GLY C 110 -34.56 4.06 37.18
C GLY C 110 -33.50 3.24 36.47
N ILE C 111 -33.89 2.06 36.02
CA ILE C 111 -33.10 1.18 35.15
C ILE C 111 -34.01 0.89 33.95
N TRP C 112 -33.52 1.11 32.74
CA TRP C 112 -34.42 1.35 31.61
C TRP C 112 -34.40 0.35 30.44
N SER C 113 -33.50 -0.61 30.47
CA SER C 113 -33.45 -1.66 29.46
C SER C 113 -32.67 -2.84 29.99
N VAL C 114 -32.75 -3.96 29.28
CA VAL C 114 -32.09 -5.18 29.67
C VAL C 114 -31.01 -5.53 28.64
N PRO C 115 -29.71 -5.53 29.05
CA PRO C 115 -28.67 -5.84 28.08
C PRO C 115 -28.65 -7.32 27.74
N VAL C 116 -28.52 -7.65 26.46
CA VAL C 116 -28.47 -9.02 26.00
C VAL C 116 -27.05 -9.45 25.66
N ASN C 117 -26.17 -8.49 25.44
CA ASN C 117 -24.82 -8.80 25.00
C ASN C 117 -23.86 -7.66 25.28
N ILE C 118 -22.60 -7.89 24.91
CA ILE C 118 -21.55 -6.87 24.82
C ILE C 118 -20.86 -7.10 23.48
N HIS C 119 -20.82 -6.05 22.66
CA HIS C 119 -20.03 -6.08 21.44
C HIS C 119 -18.80 -5.17 21.63
N ARG C 120 -17.76 -5.45 20.86
CA ARG C 120 -16.56 -4.63 20.86
C ARG C 120 -16.46 -3.95 19.52
N SER C 121 -16.22 -2.64 19.56
CA SER C 121 -16.09 -1.84 18.34
C SER C 121 -14.70 -1.97 17.72
N ASN C 122 -13.68 -1.89 18.57
CA ASN C 122 -12.31 -1.71 18.10
C ASN C 122 -11.58 -3.01 17.82
N VAL C 123 -12.03 -3.74 16.79
CA VAL C 123 -11.39 -4.96 16.34
C VAL C 123 -10.95 -4.84 14.90
N MET C 124 -9.73 -5.31 14.65
CA MET C 124 -9.16 -5.43 13.34
C MET C 124 -9.15 -6.90 12.94
N TRP C 125 -9.72 -7.19 11.76
CA TRP C 125 -9.87 -8.52 11.21
C TRP C 125 -8.92 -8.71 10.03
N TYR C 126 -8.40 -9.93 9.90
CA TYR C 126 -7.42 -10.26 8.87
C TYR C 126 -7.37 -11.78 8.73
N LEU C 127 -6.80 -12.26 7.63
CA LEU C 127 -6.56 -13.70 7.42
C LEU C 127 -5.07 -13.97 7.69
N PRO C 128 -4.76 -14.84 8.67
CA PRO C 128 -3.35 -15.20 8.93
C PRO C 128 -2.60 -15.70 7.68
N ALA C 129 -3.26 -16.53 6.88
CA ALA C 129 -2.65 -17.10 5.65
C ALA C 129 -2.25 -16.03 4.63
N LYS C 130 -3.05 -14.98 4.54
CA LYS C 130 -2.80 -13.90 3.60
C LYS C 130 -1.65 -13.05 4.07
N LEU C 131 -1.65 -12.66 5.34
CA LEU C 131 -0.56 -11.85 5.87
C LEU C 131 0.79 -12.59 5.77
N LYS C 132 0.78 -13.88 6.08
CA LYS C 132 2.00 -14.69 5.93
C LYS C 132 2.43 -14.80 4.47
N GLY C 133 1.49 -14.99 3.55
CA GLY C 133 1.79 -14.98 2.12
C GLY C 133 2.28 -13.65 1.54
N TRP C 134 2.00 -12.55 2.26
CA TRP C 134 2.45 -11.19 1.88
C TRP C 134 3.67 -10.79 2.69
N GLY C 135 4.03 -11.59 3.68
CA GLY C 135 5.19 -11.31 4.50
C GLY C 135 5.06 -10.12 5.43
N VAL C 136 3.85 -9.91 5.98
CA VAL C 136 3.62 -8.83 6.95
C VAL C 136 3.00 -9.34 8.26
N ASN C 137 3.16 -8.56 9.33
CA ASN C 137 2.49 -8.81 10.60
C ASN C 137 1.25 -7.93 10.78
N PRO C 138 0.32 -8.37 11.65
CA PRO C 138 -0.77 -7.49 12.11
C PRO C 138 -0.22 -6.24 12.80
N PRO C 139 -0.54 -5.05 12.27
CA PRO C 139 -0.03 -3.81 12.88
C PRO C 139 -0.59 -3.48 14.26
N ARG C 140 0.31 -3.10 15.16
CA ARG C 140 -0.03 -2.81 16.56
C ARG C 140 -0.25 -1.32 16.84
N THR C 141 0.14 -0.45 15.90
CA THR C 141 -0.04 0.99 16.01
C THR C 141 -0.43 1.51 14.64
N TRP C 142 -0.95 2.74 14.58
CA TRP C 142 -1.35 3.30 13.29
C TRP C 142 -0.16 3.60 12.39
N ASP C 143 0.97 4.01 12.97
CA ASP C 143 2.20 4.17 12.18
C ASP C 143 2.59 2.85 11.54
N LYS C 144 2.62 1.77 12.32
CA LYS C 144 2.94 0.45 11.75
C LYS C 144 1.91 0.01 10.72
N PHE C 145 0.63 0.34 10.98
CA PHE C 145 -0.44 0.04 10.02
C PHE C 145 -0.18 0.75 8.70
N LEU C 146 0.11 2.04 8.77
CA LEU C 146 0.36 2.83 7.56
C LEU C 146 1.61 2.30 6.84
N ALA C 147 2.63 1.95 7.61
CA ALA C 147 3.86 1.40 7.03
C ALA C 147 3.56 0.08 6.30
N THR C 148 2.81 -0.81 6.95
CA THR C 148 2.46 -2.11 6.35
C THR C 148 1.56 -1.97 5.11
N CYS C 149 0.63 -1.03 5.14
CA CYS C 149 -0.22 -0.78 3.98
C CYS C 149 0.59 -0.26 2.79
N GLN C 150 1.56 0.62 3.06
CA GLN C 150 2.50 1.04 2.01
C GLN C 150 3.21 -0.17 1.39
N THR C 151 3.79 -1.02 2.23
CA THR C 151 4.39 -2.28 1.77
C THR C 151 3.45 -3.14 0.90
N LEU C 152 2.21 -3.31 1.35
CA LEU C 152 1.25 -4.11 0.61
C LEU C 152 0.86 -3.46 -0.71
N LYS C 153 0.77 -2.13 -0.71
CA LYS C 153 0.48 -1.37 -1.93
C LYS C 153 1.58 -1.59 -2.96
N GLN C 154 2.83 -1.56 -2.48
CA GLN C 154 4.01 -1.80 -3.32
C GLN C 154 4.10 -3.24 -3.84
N LYS C 155 3.41 -4.18 -3.17
CA LYS C 155 3.25 -5.56 -3.68
C LYS C 155 2.05 -5.72 -4.61
N GLY C 156 1.30 -4.65 -4.84
CA GLY C 156 0.20 -4.68 -5.80
C GLY C 156 -1.19 -4.80 -5.18
N LEU C 157 -1.29 -4.76 -3.85
CA LEU C 157 -2.60 -4.72 -3.17
C LEU C 157 -3.04 -3.26 -3.07
N GLU C 158 -3.82 -2.81 -4.04
CA GLU C 158 -4.16 -1.40 -4.23
C GLU C 158 -4.94 -0.78 -3.06
N ALA C 159 -5.76 -1.60 -2.39
CA ALA C 159 -6.55 -1.15 -1.24
C ALA C 159 -6.44 -2.15 -0.09
N PRO C 160 -5.35 -2.04 0.69
CA PRO C 160 -5.11 -2.94 1.85
C PRO C 160 -6.22 -2.87 2.93
N LEU C 161 -6.87 -1.72 3.05
CA LEU C 161 -7.97 -1.56 4.03
C LEU C 161 -9.34 -1.68 3.34
N ALA C 162 -10.17 -2.61 3.82
CA ALA C 162 -11.55 -2.78 3.37
C ALA C 162 -12.42 -1.82 4.16
N LEU C 163 -13.33 -1.14 3.48
CA LEU C 163 -14.19 -0.16 4.12
C LEU C 163 -15.53 -0.13 3.40
N GLY C 164 -16.60 0.16 4.15
CA GLY C 164 -17.92 0.28 3.53
C GLY C 164 -18.54 1.67 3.67
N GLU C 165 -19.86 1.67 3.74
CA GLU C 165 -20.69 2.87 3.79
C GLU C 165 -20.38 3.82 4.98
N ASN C 166 -20.99 5.01 4.93
CA ASN C 166 -20.67 6.11 5.84
C ASN C 166 -20.55 5.70 7.31
N TRP C 167 -21.52 4.95 7.84
CA TRP C 167 -21.41 4.62 9.28
C TRP C 167 -20.16 3.77 9.56
N THR C 168 -19.72 2.94 8.59
CA THR C 168 -18.52 2.09 8.78
C THR C 168 -17.24 2.96 8.76
N GLN C 169 -17.35 4.11 8.12
CA GLN C 169 -16.29 5.12 8.12
C GLN C 169 -16.22 5.84 9.45
N GLN C 170 -17.39 6.17 10.01
CA GLN C 170 -17.44 6.65 11.38
C GLN C 170 -16.90 5.59 12.35
N HIS C 171 -17.22 4.32 12.09
CA HIS C 171 -16.78 3.21 12.95
C HIS C 171 -15.25 3.15 12.96
N LEU C 172 -14.65 3.24 11.77
CA LEU C 172 -13.20 3.30 11.64
C LEU C 172 -12.66 4.51 12.42
N TRP C 173 -13.29 5.66 12.23
CA TRP C 173 -12.89 6.91 12.91
C TRP C 173 -12.82 6.76 14.43
N GLU C 174 -13.78 6.08 15.05
CA GLU C 174 -13.77 6.01 16.52
C GLU C 174 -12.60 5.18 17.02
N SER C 175 -12.18 4.18 16.25
CA SER C 175 -10.95 3.43 16.57
C SER C 175 -9.71 4.34 16.44
N VAL C 176 -9.64 5.12 15.36
CA VAL C 176 -8.51 6.05 15.19
C VAL C 176 -8.47 7.09 16.30
N ALA C 177 -9.61 7.68 16.62
CA ALA C 177 -9.70 8.72 17.64
C ALA C 177 -9.27 8.17 19.00
N LEU C 178 -9.73 6.96 19.33
CA LEU C 178 -9.33 6.35 20.61
C LEU C 178 -7.81 6.15 20.68
N ALA C 179 -7.22 5.70 19.57
CA ALA C 179 -5.77 5.47 19.49
C ALA C 179 -4.99 6.78 19.61
N VAL C 180 -5.48 7.82 18.94
CA VAL C 180 -4.79 9.11 18.96
C VAL C 180 -4.94 9.83 20.29
N LEU C 181 -6.13 9.79 20.86
CA LEU C 181 -6.44 10.52 22.08
C LEU C 181 -6.10 9.77 23.35
N GLY C 182 -6.13 8.43 23.28
CA GLY C 182 -6.19 7.58 24.46
C GLY C 182 -7.55 7.62 25.14
N PRO C 183 -7.80 6.67 26.04
CA PRO C 183 -9.13 6.56 26.65
C PRO C 183 -9.61 7.76 27.45
N ASP C 184 -8.73 8.43 28.19
CA ASP C 184 -9.18 9.55 29.02
C ASP C 184 -9.68 10.72 28.16
N ASP C 185 -8.90 11.10 27.14
CA ASP C 185 -9.31 12.20 26.26
C ASP C 185 -10.44 11.79 25.31
N TRP C 186 -10.49 10.53 24.92
CA TRP C 186 -11.71 9.99 24.27
C TRP C 186 -12.92 10.31 25.16
N ASN C 187 -12.89 9.91 26.43
CA ASN C 187 -13.99 10.22 27.35
C ASN C 187 -14.27 11.74 27.49
N ASN C 188 -13.21 12.56 27.43
CA ASN C 188 -13.33 14.01 27.54
C ASN C 188 -14.05 14.70 26.38
N LEU C 189 -14.06 14.07 25.21
CA LEU C 189 -14.93 14.55 24.14
C LEU C 189 -16.39 14.55 24.59
N TRP C 190 -16.80 13.46 25.25
CA TRP C 190 -18.23 13.17 25.50
C TRP C 190 -18.77 13.82 26.80
N ASN C 191 -17.87 14.16 27.72
CA ASN C 191 -18.25 15.00 28.88
C ASN C 191 -18.05 16.50 28.63
N GLY C 192 -17.50 16.85 27.46
CA GLY C 192 -17.35 18.26 27.06
C GLY C 192 -16.08 18.92 27.53
N LYS C 193 -15.20 18.16 28.16
CA LYS C 193 -13.96 18.72 28.69
C LYS C 193 -12.89 18.91 27.61
N LEU C 194 -13.00 18.18 26.50
CA LEU C 194 -12.07 18.33 25.38
C LEU C 194 -12.86 18.70 24.15
N LYS C 195 -12.53 19.83 23.55
CA LYS C 195 -13.22 20.29 22.34
C LYS C 195 -12.71 19.53 21.10
N PHE C 196 -13.60 19.39 20.12
CA PHE C 196 -13.23 18.72 18.86
C PHE C 196 -12.23 19.56 18.08
N THR C 197 -12.20 20.86 18.38
CA THR C 197 -11.25 21.78 17.77
C THR C 197 -9.91 21.83 18.51
N ASP C 198 -9.79 21.14 19.66
CA ASP C 198 -8.48 20.99 20.29
C ASP C 198 -7.48 20.36 19.30
N PRO C 199 -6.24 20.88 19.26
CA PRO C 199 -5.27 20.24 18.37
C PRO C 199 -5.14 18.72 18.51
N LYS C 200 -5.26 18.18 19.72
CA LYS C 200 -5.20 16.74 19.90
C LYS C 200 -6.29 16.05 19.09
N ALA C 201 -7.49 16.65 19.11
CA ALA C 201 -8.66 16.07 18.44
C ALA C 201 -8.61 16.31 16.91
N VAL C 202 -8.06 17.44 16.49
CA VAL C 202 -7.86 17.69 15.05
C VAL C 202 -6.89 16.68 14.48
N ARG C 203 -5.87 16.35 15.27
CA ARG C 203 -4.91 15.34 14.86
C ARG C 203 -5.57 13.98 14.57
N ALA C 204 -6.65 13.65 15.29
CA ALA C 204 -7.35 12.40 15.00
C ALA C 204 -7.83 12.33 13.54
N TRP C 205 -8.34 13.45 13.02
CA TRP C 205 -8.73 13.52 11.61
C TRP C 205 -7.53 13.38 10.67
N GLU C 206 -6.38 13.96 11.05
CA GLU C 206 -5.16 13.84 10.26
C GLU C 206 -4.76 12.39 10.08
N VAL C 207 -4.69 11.66 11.18
CA VAL C 207 -4.32 10.25 11.08
C VAL C 207 -5.40 9.47 10.30
N PHE C 208 -6.66 9.76 10.61
CA PHE C 208 -7.79 9.14 9.91
C PHE C 208 -7.68 9.31 8.39
N GLY C 209 -7.32 10.51 7.94
CA GLY C 209 -7.15 10.78 6.51
C GLY C 209 -6.10 9.89 5.86
N ARG C 210 -5.00 9.67 6.56
CA ARG C 210 -3.95 8.80 6.03
C ARG C 210 -4.43 7.34 5.93
N VAL C 211 -5.19 6.90 6.94
CA VAL C 211 -5.78 5.56 6.95
C VAL C 211 -6.77 5.40 5.81
N LEU C 212 -7.57 6.44 5.59
CA LEU C 212 -8.58 6.44 4.55
C LEU C 212 -7.98 6.31 3.14
N ASP C 213 -6.77 6.84 2.95
CA ASP C 213 -6.09 6.67 1.66
C ASP C 213 -5.56 5.24 1.41
N CYS C 214 -5.75 4.35 2.39
CA CYS C 214 -5.49 2.92 2.22
C CYS C 214 -6.72 2.10 1.84
N ALA C 215 -7.89 2.74 1.78
CA ALA C 215 -9.16 2.04 1.56
C ALA C 215 -9.60 1.92 0.12
N ASN C 216 -10.53 0.99 -0.10
CA ASN C 216 -11.18 0.81 -1.40
C ASN C 216 -12.00 2.04 -1.77
N LYS C 217 -11.88 2.47 -3.02
CA LYS C 217 -12.55 3.67 -3.50
C LYS C 217 -14.07 3.51 -3.65
N ASP C 218 -14.56 2.27 -3.67
CA ASP C 218 -16.00 2.00 -3.81
C ASP C 218 -16.70 1.78 -2.46
N ALA C 219 -16.04 2.21 -1.38
CA ALA C 219 -16.57 1.98 -0.03
C ALA C 219 -18.01 2.47 0.17
N ALA C 220 -18.34 3.65 -0.38
CA ALA C 220 -19.61 4.31 -0.07
C ALA C 220 -20.85 3.44 -0.27
N GLY C 221 -20.82 2.57 -1.28
CA GLY C 221 -21.98 1.74 -1.59
C GLY C 221 -22.01 0.36 -0.97
N LEU C 222 -21.08 0.07 -0.06
CA LEU C 222 -20.92 -1.28 0.49
C LEU C 222 -21.49 -1.41 1.91
N SER C 223 -22.12 -2.55 2.17
CA SER C 223 -22.51 -2.90 3.54
C SER C 223 -21.29 -3.31 4.34
N TRP C 224 -21.43 -3.36 5.66
CA TRP C 224 -20.36 -3.86 6.49
C TRP C 224 -19.99 -5.31 6.12
N GLN C 225 -20.97 -6.14 5.79
CA GLN C 225 -20.66 -7.52 5.37
C GLN C 225 -19.84 -7.53 4.09
N GLN C 226 -20.18 -6.69 3.15
CA GLN C 226 -19.44 -6.61 1.87
C GLN C 226 -17.98 -6.20 2.08
N ALA C 227 -17.74 -5.31 3.04
CA ALA C 227 -16.39 -4.91 3.37
C ALA C 227 -15.63 -6.09 3.99
N VAL C 228 -16.28 -6.83 4.88
CA VAL C 228 -15.64 -8.02 5.47
C VAL C 228 -15.28 -9.01 4.34
N ASP C 229 -16.20 -9.19 3.41
CA ASP C 229 -16.02 -10.07 2.27
C ASP C 229 -14.73 -9.74 1.50
N ARG C 230 -14.41 -8.46 1.35
CA ARG C 230 -13.18 -8.08 0.67
C ARG C 230 -11.95 -8.68 1.36
N VAL C 231 -11.97 -8.74 2.68
CA VAL C 231 -10.86 -9.35 3.43
C VAL C 231 -10.84 -10.88 3.24
N VAL C 232 -12.01 -11.49 3.34
CA VAL C 232 -12.16 -12.93 3.17
C VAL C 232 -11.67 -13.35 1.79
N GLN C 233 -12.00 -12.54 0.78
CA GLN C 233 -11.67 -12.86 -0.61
C GLN C 233 -10.27 -12.39 -1.04
N GLY C 234 -9.49 -11.87 -0.11
CA GLY C 234 -8.11 -11.45 -0.41
C GLY C 234 -7.96 -10.18 -1.24
N LYS C 235 -9.02 -9.38 -1.32
CA LYS C 235 -8.98 -8.08 -2.00
C LYS C 235 -8.60 -6.94 -1.04
N ALA C 236 -8.37 -7.29 0.22
CA ALA C 236 -7.95 -6.36 1.24
C ALA C 236 -7.27 -7.18 2.31
N ALA C 237 -6.45 -6.52 3.13
CA ALA C 237 -5.73 -7.19 4.21
C ALA C 237 -6.40 -7.01 5.57
N PHE C 238 -7.06 -5.87 5.76
CA PHE C 238 -7.60 -5.53 7.06
C PHE C 238 -9.00 -4.94 6.97
N ASN C 239 -9.77 -5.13 8.03
CA ASN C 239 -11.06 -4.43 8.21
C ASN C 239 -11.25 -4.08 9.68
N ILE C 240 -11.67 -2.84 9.96
CA ILE C 240 -11.93 -2.40 11.33
C ILE C 240 -13.47 -2.42 11.50
N MET C 241 -13.96 -3.33 12.33
CA MET C 241 -15.41 -3.52 12.47
C MET C 241 -15.72 -4.21 13.80
N GLY C 242 -16.91 -3.98 14.32
CA GLY C 242 -17.34 -4.63 15.54
C GLY C 242 -17.39 -6.11 15.38
N ASP C 243 -17.43 -6.83 16.51
CA ASP C 243 -17.31 -8.29 16.47
C ASP C 243 -18.57 -9.09 16.03
N TRP C 244 -19.62 -8.37 15.63
CA TRP C 244 -20.63 -9.00 14.77
C TRP C 244 -20.01 -9.60 13.49
N ALA C 245 -18.84 -9.08 13.11
CA ALA C 245 -18.05 -9.63 12.03
C ALA C 245 -17.60 -11.08 12.29
N ALA C 246 -17.25 -11.38 13.54
CA ALA C 246 -16.89 -12.76 13.91
C ALA C 246 -18.12 -13.68 13.73
N GLY C 247 -19.28 -13.22 14.18
CA GLY C 247 -20.53 -13.97 13.96
C GLY C 247 -20.81 -14.24 12.50
N TYR C 248 -20.61 -13.24 11.65
CA TYR C 248 -20.83 -13.38 10.23
C TYR C 248 -19.85 -14.42 9.63
N MET C 249 -18.58 -14.29 9.96
CA MET C 249 -17.57 -15.20 9.42
C MET C 249 -17.71 -16.65 9.91
N THR C 250 -18.18 -16.85 11.15
CA THR C 250 -18.41 -18.23 11.64
C THR C 250 -19.80 -18.75 11.26
N THR C 251 -20.84 -18.10 11.76
CA THR C 251 -22.22 -18.55 11.56
C THR C 251 -22.69 -18.56 10.11
N THR C 252 -22.30 -17.55 9.33
CA THR C 252 -22.72 -17.49 7.93
C THR C 252 -21.66 -18.13 7.00
N LEU C 253 -20.41 -17.68 7.10
CA LEU C 253 -19.36 -18.14 6.17
C LEU C 253 -18.65 -19.44 6.58
N LYS C 254 -18.96 -19.96 7.76
CA LYS C 254 -18.42 -21.24 8.22
C LYS C 254 -16.89 -21.28 8.33
N LEU C 255 -16.28 -20.13 8.59
CA LEU C 255 -14.83 -20.05 8.75
C LEU C 255 -14.41 -20.34 10.19
N LYS C 256 -13.23 -20.94 10.33
CA LYS C 256 -12.72 -21.37 11.63
C LYS C 256 -11.91 -20.28 12.31
N PRO C 257 -12.36 -19.78 13.49
CA PRO C 257 -11.65 -18.70 14.16
C PRO C 257 -10.21 -19.07 14.47
N GLY C 258 -9.28 -18.13 14.26
CA GLY C 258 -7.86 -18.35 14.54
C GLY C 258 -7.09 -18.90 13.35
N THR C 259 -7.75 -19.75 12.55
CA THR C 259 -7.12 -20.43 11.43
C THR C 259 -7.48 -19.75 10.11
N ASP C 260 -8.79 -19.69 9.82
CA ASP C 260 -9.30 -19.08 8.59
C ASP C 260 -9.41 -17.56 8.69
N PHE C 261 -9.49 -17.04 9.91
CA PHE C 261 -9.40 -15.59 10.14
C PHE C 261 -8.83 -15.36 11.52
N ALA C 262 -8.38 -14.15 11.77
CA ALA C 262 -7.87 -13.79 13.07
C ALA C 262 -8.24 -12.34 13.42
N TRP C 263 -7.83 -11.90 14.59
CA TRP C 263 -8.21 -10.60 15.11
C TRP C 263 -7.16 -10.00 16.03
N ALA C 264 -7.20 -8.68 16.13
CA ALA C 264 -6.42 -7.93 17.12
C ALA C 264 -7.20 -6.68 17.48
N PRO C 265 -6.89 -6.05 18.62
CA PRO C 265 -7.48 -4.74 18.84
C PRO C 265 -7.11 -3.77 17.71
N SER C 266 -7.94 -2.76 17.47
CA SER C 266 -7.59 -1.78 16.45
C SER C 266 -6.21 -1.23 16.81
N PRO C 267 -5.37 -1.02 15.80
CA PRO C 267 -4.06 -0.44 16.04
C PRO C 267 -4.08 0.71 17.04
N GLY C 268 -3.19 0.66 18.03
CA GLY C 268 -3.04 1.71 18.99
C GLY C 268 -4.04 1.71 20.12
N THR C 269 -4.88 0.67 20.20
CA THR C 269 -5.93 0.62 21.24
C THR C 269 -5.84 -0.63 22.12
N GLN C 270 -4.78 -1.43 21.92
CA GLN C 270 -4.56 -2.63 22.75
C GLN C 270 -4.69 -2.29 24.24
N GLY C 271 -5.37 -3.17 24.98
CA GLY C 271 -5.69 -2.94 26.38
C GLY C 271 -6.89 -2.08 26.69
N VAL C 272 -7.53 -1.57 25.63
CA VAL C 272 -8.77 -0.81 25.74
C VAL C 272 -9.85 -1.56 24.94
N PHE C 273 -11.02 -1.68 25.56
CA PHE C 273 -12.16 -2.40 24.97
C PHE C 273 -13.22 -1.31 24.80
N MET C 274 -13.48 -0.90 23.55
CA MET C 274 -14.53 0.07 23.28
C MET C 274 -15.81 -0.73 23.10
N MET C 275 -16.70 -0.59 24.07
CA MET C 275 -17.86 -1.48 24.11
C MET C 275 -19.12 -0.80 23.57
N LEU C 276 -20.08 -1.65 23.23
CA LEU C 276 -21.48 -1.25 23.07
C LEU C 276 -22.33 -2.42 23.57
N SER C 277 -23.60 -2.16 23.79
CA SER C 277 -24.51 -3.22 24.23
C SER C 277 -25.87 -3.07 23.62
N ASP C 278 -26.34 -4.15 22.99
CA ASP C 278 -27.71 -4.23 22.53
C ASP C 278 -28.59 -4.62 23.71
N SER C 279 -29.71 -3.91 23.85
CA SER C 279 -30.60 -4.11 24.98
C SER C 279 -32.04 -4.03 24.52
N PHE C 280 -32.95 -4.52 25.36
CA PHE C 280 -34.39 -4.44 25.10
C PHE C 280 -35.07 -3.84 26.32
N GLY C 281 -36.00 -2.93 26.11
CA GLY C 281 -36.76 -2.34 27.22
C GLY C 281 -38.25 -2.55 27.03
N LEU C 282 -39.03 -1.81 27.80
CA LEU C 282 -40.48 -1.94 27.82
C LEU C 282 -41.11 -0.57 27.54
N PRO C 283 -41.44 -0.29 26.27
CA PRO C 283 -42.11 0.96 25.99
C PRO C 283 -43.50 1.05 26.62
N LYS C 284 -43.84 2.22 27.15
CA LYS C 284 -45.20 2.50 27.54
C LYS C 284 -46.11 2.34 26.32
N GLY C 285 -47.30 1.77 26.54
CA GLY C 285 -48.25 1.57 25.44
C GLY C 285 -48.11 0.27 24.68
N ALA C 286 -47.13 -0.56 25.06
CA ALA C 286 -46.99 -1.88 24.44
C ALA C 286 -48.34 -2.61 24.48
N LYS C 287 -48.74 -3.18 23.35
CA LYS C 287 -49.99 -3.95 23.28
C LYS C 287 -49.96 -5.25 24.08
N ASN C 288 -48.78 -5.86 24.21
CA ASN C 288 -48.60 -7.16 24.86
C ASN C 288 -47.51 -7.07 25.94
N ARG C 289 -47.79 -6.24 26.94
CA ARG C 289 -46.88 -5.95 28.04
C ARG C 289 -46.40 -7.20 28.78
N GLN C 290 -47.34 -8.09 29.13
CA GLN C 290 -46.99 -9.28 29.87
C GLN C 290 -46.03 -10.18 29.08
N ASN C 291 -46.31 -10.38 27.80
CA ASN C 291 -45.44 -11.21 26.98
C ASN C 291 -44.06 -10.56 26.77
N ALA C 292 -44.05 -9.23 26.72
CA ALA C 292 -42.80 -8.46 26.59
C ALA C 292 -41.96 -8.63 27.84
N ILE C 293 -42.58 -8.57 29.01
CA ILE C 293 -41.84 -8.81 30.25
C ILE C 293 -41.20 -10.20 30.28
N ASN C 294 -41.94 -11.23 29.86
CA ASN C 294 -41.36 -12.56 29.77
C ASN C 294 -40.18 -12.63 28.81
N TRP C 295 -40.26 -11.90 27.70
CA TRP C 295 -39.13 -11.78 26.78
C TRP C 295 -37.92 -11.14 27.48
N LEU C 296 -38.15 -10.07 28.24
CA LEU C 296 -37.08 -9.41 28.99
C LEU C 296 -36.40 -10.37 29.99
N ARG C 297 -37.23 -11.15 30.69
CA ARG C 297 -36.69 -12.15 31.62
C ARG C 297 -35.78 -13.14 30.89
N LEU C 298 -36.16 -13.53 29.66
CA LEU C 298 -35.33 -14.42 28.87
C LEU C 298 -34.04 -13.74 28.38
N VAL C 299 -34.18 -12.53 27.82
CA VAL C 299 -33.06 -11.72 27.35
C VAL C 299 -31.97 -11.56 28.42
N GLY C 300 -32.38 -11.37 29.67
CA GLY C 300 -31.44 -11.16 30.76
C GLY C 300 -30.89 -12.42 31.40
N SER C 301 -31.34 -13.59 30.96
CA SER C 301 -30.96 -14.86 31.58
C SER C 301 -29.69 -15.43 30.98
N LYS C 302 -29.01 -16.26 31.75
CA LYS C 302 -27.81 -16.92 31.28
C LYS C 302 -28.17 -17.88 30.16
N GLU C 303 -29.26 -18.62 30.32
CA GLU C 303 -29.72 -19.54 29.27
C GLU C 303 -29.93 -18.80 27.93
N GLY C 304 -30.64 -17.68 27.95
CA GLY C 304 -30.87 -16.92 26.73
C GLY C 304 -29.58 -16.39 26.12
N GLN C 305 -28.75 -15.75 26.95
CA GLN C 305 -27.53 -15.10 26.46
C GLN C 305 -26.51 -16.09 25.95
N ASP C 306 -26.40 -17.25 26.58
CA ASP C 306 -25.43 -18.26 26.13
C ASP C 306 -25.97 -19.11 24.97
N THR C 307 -27.27 -19.02 24.69
CA THR C 307 -27.85 -19.62 23.47
C THR C 307 -27.61 -18.74 22.24
N SER C 308 -27.83 -17.45 22.39
CA SER C 308 -27.85 -16.54 21.23
C SER C 308 -26.47 -15.94 20.90
N ASN C 309 -25.74 -15.49 21.90
CA ASN C 309 -24.49 -14.78 21.65
C ASN C 309 -23.38 -15.56 20.91
N PRO C 310 -23.24 -16.85 21.18
CA PRO C 310 -22.25 -17.62 20.39
C PRO C 310 -22.45 -17.53 18.87
N LEU C 311 -23.69 -17.31 18.42
CA LEU C 311 -24.00 -17.18 17.01
C LEU C 311 -23.70 -15.76 16.50
N LYS C 312 -23.76 -14.79 17.40
CA LYS C 312 -23.78 -13.35 17.05
C LYS C 312 -22.39 -12.77 16.84
N GLY C 313 -21.43 -13.25 17.63
CA GLY C 313 -20.08 -12.67 17.69
C GLY C 313 -19.82 -11.81 18.90
N SER C 314 -20.90 -11.38 19.56
CA SER C 314 -20.83 -10.69 20.83
C SER C 314 -20.60 -11.69 21.96
N ILE C 315 -20.32 -11.18 23.15
CA ILE C 315 -20.27 -12.01 24.35
C ILE C 315 -21.49 -11.68 25.18
N ALA C 316 -21.76 -12.48 26.21
CA ALA C 316 -22.89 -12.22 27.07
C ALA C 316 -22.59 -11.02 27.95
N ALA C 317 -23.63 -10.29 28.35
CA ALA C 317 -23.50 -9.22 29.32
C ALA C 317 -23.37 -9.80 30.74
N ARG C 318 -23.85 -11.01 30.91
CA ARG C 318 -23.88 -11.68 32.21
C ARG C 318 -22.50 -12.11 32.67
N LEU C 319 -22.19 -11.76 33.93
CA LEU C 319 -20.94 -12.14 34.57
C LEU C 319 -20.79 -13.66 34.64
N ASP C 320 -21.89 -14.38 34.81
CA ASP C 320 -21.83 -15.86 34.97
C ASP C 320 -21.87 -16.66 33.67
N SER C 321 -21.66 -15.98 32.53
CA SER C 321 -21.68 -16.65 31.22
C SER C 321 -20.65 -17.79 31.15
N ASP C 322 -21.03 -18.86 30.46
CA ASP C 322 -20.20 -20.05 30.33
C ASP C 322 -19.28 -19.96 29.12
N PRO C 323 -17.97 -19.70 29.35
CA PRO C 323 -17.03 -19.54 28.24
C PRO C 323 -16.95 -20.73 27.29
N SER C 324 -17.28 -21.93 27.76
CA SER C 324 -17.24 -23.13 26.91
C SER C 324 -18.32 -23.15 25.85
N LYS C 325 -19.30 -22.26 25.95
CA LYS C 325 -20.34 -22.12 24.93
C LYS C 325 -19.86 -21.27 23.75
N TYR C 326 -18.66 -20.69 23.88
CA TYR C 326 -18.12 -19.74 22.89
C TYR C 326 -16.90 -20.27 22.18
N ASN C 327 -16.76 -19.88 20.92
CA ASN C 327 -15.58 -20.21 20.14
C ASN C 327 -14.36 -19.40 20.57
N ALA C 328 -13.27 -19.56 19.84
CA ALA C 328 -12.00 -18.95 20.21
C ALA C 328 -12.09 -17.44 20.23
N TYR C 329 -12.87 -16.86 19.31
CA TYR C 329 -13.05 -15.41 19.34
C TYR C 329 -13.79 -15.00 20.62
N GLY C 330 -14.97 -15.57 20.83
CA GLY C 330 -15.78 -15.23 22.01
C GLY C 330 -15.01 -15.35 23.30
N GLN C 331 -14.26 -16.44 23.48
CA GLN C 331 -13.45 -16.63 24.69
C GLN C 331 -12.39 -15.52 24.85
N SER C 332 -11.80 -15.13 23.72
CA SER C 332 -10.83 -14.02 23.70
C SER C 332 -11.44 -12.68 24.13
N ALA C 333 -12.62 -12.37 23.58
CA ALA C 333 -13.30 -11.15 23.96
C ALA C 333 -13.71 -11.15 25.43
N MET C 334 -14.16 -12.31 25.93
CA MET C 334 -14.57 -12.45 27.33
C MET C 334 -13.42 -12.10 28.27
N ARG C 335 -12.22 -12.53 27.92
CA ARG C 335 -11.01 -12.20 28.70
C ARG C 335 -10.69 -10.69 28.71
N ASP C 336 -10.73 -10.07 27.52
CA ASP C 336 -10.45 -8.65 27.40
C ASP C 336 -11.50 -7.81 28.10
N TRP C 337 -12.76 -8.23 28.02
CA TRP C 337 -13.84 -7.55 28.71
C TRP C 337 -13.57 -7.46 30.22
N ARG C 338 -12.99 -8.50 30.77
CA ARG C 338 -12.82 -8.57 32.22
C ARG C 338 -11.53 -7.91 32.73
N SER C 339 -10.58 -7.70 31.83
CA SER C 339 -9.27 -7.15 32.18
C SER C 339 -8.97 -5.73 31.66
N ASN C 340 -9.53 -5.36 30.50
CA ASN C 340 -9.15 -4.11 29.82
C ASN C 340 -9.78 -2.87 30.44
N ARG C 341 -9.24 -1.71 30.11
CA ARG C 341 -9.91 -0.46 30.41
C ARG C 341 -11.09 -0.36 29.44
N ILE C 342 -12.24 0.03 29.96
CA ILE C 342 -13.46 0.09 29.17
C ILE C 342 -13.84 1.53 28.87
N VAL C 343 -14.10 1.79 27.59
CA VAL C 343 -14.70 3.04 27.13
C VAL C 343 -15.89 2.68 26.25
N GLY C 344 -16.70 3.69 25.91
CA GLY C 344 -17.91 3.47 25.13
C GLY C 344 -17.77 3.89 23.67
N SER C 345 -18.53 3.22 22.81
CA SER C 345 -18.68 3.58 21.40
C SER C 345 -19.53 4.80 21.19
N LEU C 346 -19.11 5.65 20.24
CA LEU C 346 -19.93 6.74 19.69
C LEU C 346 -20.96 6.21 18.69
N VAL C 347 -20.48 5.51 17.66
CA VAL C 347 -21.31 5.12 16.54
C VAL C 347 -22.43 4.17 17.01
N HIS C 348 -22.16 3.44 18.10
CA HIS C 348 -23.12 2.42 18.60
C HIS C 348 -23.72 2.79 19.97
N GLY C 349 -23.82 4.09 20.21
CA GLY C 349 -24.81 4.63 21.13
C GLY C 349 -24.46 4.77 22.59
N ALA C 350 -23.26 4.35 22.97
CA ALA C 350 -22.88 4.37 24.39
C ALA C 350 -22.60 5.79 24.96
N VAL C 351 -21.89 6.62 24.21
CA VAL C 351 -21.29 7.83 24.82
C VAL C 351 -21.88 9.18 24.43
N ALA C 352 -22.61 9.22 23.33
CA ALA C 352 -23.18 10.46 22.81
C ALA C 352 -24.66 10.33 22.57
N PRO C 353 -25.40 11.45 22.76
CA PRO C 353 -26.82 11.43 22.44
C PRO C 353 -27.05 11.23 20.95
N GLU C 354 -28.21 10.70 20.63
CA GLU C 354 -28.60 10.46 19.25
C GLU C 354 -28.61 11.75 18.40
N SER C 355 -28.90 12.87 19.05
CA SER C 355 -28.84 14.20 18.44
C SER C 355 -27.45 14.49 17.83
N PHE C 356 -26.39 14.06 18.50
CA PHE C 356 -25.04 14.14 17.96
C PHE C 356 -24.75 13.01 16.97
N MET C 357 -25.07 11.78 17.36
CA MET C 357 -24.80 10.61 16.52
C MET C 357 -25.36 10.80 15.12
N SER C 358 -26.58 11.33 15.06
CA SER C 358 -27.34 11.45 13.83
C SER C 358 -26.74 12.49 12.88
N GLN C 359 -26.00 13.45 13.43
CA GLN C 359 -25.39 14.49 12.63
C GLN C 359 -23.92 14.24 12.32
N PHE C 360 -23.32 13.27 13.00
CA PHE C 360 -21.88 13.02 12.78
C PHE C 360 -21.60 12.47 11.39
N GLY C 361 -22.58 11.79 10.79
CA GLY C 361 -22.46 11.34 9.41
C GLY C 361 -22.25 12.50 8.43
N THR C 362 -22.84 13.65 8.75
CA THR C 362 -22.69 14.86 7.92
C THR C 362 -21.27 15.44 8.04
N VAL C 363 -20.73 15.39 9.25
CA VAL C 363 -19.34 15.78 9.48
C VAL C 363 -18.39 14.86 8.69
N MET C 364 -18.66 13.56 8.80
CA MET C 364 -17.87 12.56 8.08
C MET C 364 -17.91 12.83 6.58
N GLU C 365 -19.07 13.17 6.05
CA GLU C 365 -19.19 13.43 4.60
C GLU C 365 -18.35 14.64 4.19
N ILE C 366 -18.35 15.69 5.01
CA ILE C 366 -17.45 16.85 4.78
C ILE C 366 -16.00 16.39 4.71
N PHE C 367 -15.59 15.52 5.63
CA PHE C 367 -14.23 15.01 5.58
C PHE C 367 -14.00 14.15 4.35
N LEU C 368 -14.96 13.31 3.98
CA LEU C 368 -14.77 12.46 2.80
C LEU C 368 -14.52 13.30 1.54
N GLN C 369 -15.21 14.41 1.42
CA GLN C 369 -15.12 15.28 0.25
C GLN C 369 -13.84 16.10 0.26
N THR C 370 -13.48 16.66 1.42
CA THR C 370 -12.35 17.60 1.48
C THR C 370 -11.05 17.01 2.03
N ARG C 371 -11.17 15.96 2.85
CA ARG C 371 -10.08 15.42 3.63
C ARG C 371 -9.36 16.51 4.46
N ASN C 372 -10.14 17.50 4.90
CA ASN C 372 -9.66 18.69 5.59
C ASN C 372 -9.92 18.55 7.10
N PRO C 373 -8.86 18.26 7.89
CA PRO C 373 -9.07 18.01 9.33
C PRO C 373 -9.68 19.19 10.10
N GLN C 374 -9.25 20.42 9.81
CA GLN C 374 -9.84 21.56 10.49
C GLN C 374 -11.32 21.73 10.15
N ALA C 375 -11.70 21.51 8.90
CA ALA C 375 -13.10 21.71 8.50
C ALA C 375 -13.97 20.67 9.21
N ALA C 376 -13.48 19.43 9.30
CA ALA C 376 -14.24 18.34 9.98
C ALA C 376 -14.33 18.61 11.48
N ALA C 377 -13.21 18.98 12.10
CA ALA C 377 -13.22 19.34 13.53
C ALA C 377 -14.18 20.49 13.83
N ASN C 378 -14.13 21.56 13.03
CA ASN C 378 -15.04 22.69 13.22
C ASN C 378 -16.49 22.25 13.11
N ALA C 379 -16.80 21.38 12.15
CA ALA C 379 -18.18 20.91 11.98
C ALA C 379 -18.63 20.06 13.17
N ALA C 380 -17.74 19.19 13.66
CA ALA C 380 -18.04 18.36 14.83
C ALA C 380 -18.31 19.24 16.05
N GLN C 381 -17.50 20.28 16.25
CA GLN C 381 -17.68 21.17 17.39
C GLN C 381 -18.97 21.98 17.31
N ALA C 382 -19.37 22.36 16.11
CA ALA C 382 -20.63 23.06 15.91
C ALA C 382 -21.82 22.20 16.40
N ILE C 383 -21.78 20.91 16.07
CA ILE C 383 -22.81 19.96 16.53
C ILE C 383 -22.77 19.85 18.03
N ALA C 384 -21.58 19.63 18.57
CA ALA C 384 -21.40 19.48 20.02
C ALA C 384 -21.99 20.68 20.74
N ASP C 385 -21.67 21.88 20.24
CA ASP C 385 -22.18 23.11 20.82
C ASP C 385 -23.70 23.19 20.73
N GLN C 386 -24.26 22.82 19.59
CA GLN C 386 -25.70 22.81 19.37
C GLN C 386 -26.47 21.85 20.31
N VAL C 387 -25.96 20.63 20.47
CA VAL C 387 -26.63 19.63 21.31
C VAL C 387 -26.26 19.75 22.79
N GLY C 388 -25.18 20.46 23.09
CA GLY C 388 -24.71 20.65 24.44
C GLY C 388 -24.04 19.45 25.07
N LEU C 389 -23.06 18.87 24.40
CA LEU C 389 -22.35 17.69 24.93
C LEU C 389 -21.86 17.92 26.36
N GLY C 390 -22.17 16.96 27.24
CA GLY C 390 -21.83 17.09 28.66
C GLY C 390 -23.05 17.36 29.53
N ARG C 391 -24.07 18.02 28.99
CA ARG C 391 -25.34 18.22 29.71
C ARG C 391 -26.15 16.92 29.68
N MET D 1 -10.24 48.97 34.50
CA MET D 1 -8.75 48.94 34.64
C MET D 1 -8.35 47.45 34.61
N LYS D 2 -7.59 47.04 33.59
CA LYS D 2 -7.31 45.62 33.37
C LYS D 2 -5.89 45.35 32.95
N LEU D 3 -5.49 44.10 33.16
CA LEU D 3 -4.21 43.58 32.70
C LEU D 3 -4.43 42.11 32.26
N GLU D 4 -4.16 41.80 31.00
CA GLU D 4 -4.28 40.41 30.52
C GLU D 4 -2.88 39.81 30.33
N ILE D 5 -2.57 38.85 31.18
CA ILE D 5 -1.29 38.15 31.17
C ILE D 5 -1.46 36.78 30.55
N PHE D 6 -0.70 36.53 29.49
CA PHE D 6 -0.80 35.27 28.72
C PHE D 6 0.41 34.39 29.07
N SER D 7 0.18 33.11 29.39
CA SER D 7 1.26 32.20 29.79
C SER D 7 0.78 30.75 29.66
N TRP D 8 1.68 29.81 29.94
CA TRP D 8 1.28 28.40 30.10
C TRP D 8 1.41 27.87 31.52
N TRP D 9 1.36 28.79 32.49
CA TRP D 9 1.54 28.44 33.88
C TRP D 9 0.18 28.11 34.52
N ALA D 10 -0.48 27.11 33.94
CA ALA D 10 -1.77 26.61 34.40
C ALA D 10 -1.58 25.57 35.48
N GLY D 11 -2.64 25.35 36.25
CA GLY D 11 -2.65 24.24 37.20
C GLY D 11 -1.53 24.37 38.18
N ASP D 12 -0.81 23.26 38.42
CA ASP D 12 0.23 23.26 39.45
C ASP D 12 1.49 24.02 39.05
N GLU D 13 1.51 24.53 37.83
CA GLU D 13 2.56 25.48 37.42
C GLU D 13 2.26 26.91 37.86
N GLY D 14 1.03 27.18 38.31
CA GLY D 14 0.55 28.51 38.61
C GLY D 14 0.99 29.20 39.91
N PRO D 15 1.41 28.46 40.95
CA PRO D 15 1.75 29.15 42.22
C PRO D 15 2.67 30.36 42.17
N ALA D 16 3.81 30.23 41.51
CA ALA D 16 4.74 31.35 41.34
C ALA D 16 4.06 32.56 40.67
N LEU D 17 3.41 32.34 39.53
CA LEU D 17 2.68 33.40 38.86
C LEU D 17 1.60 34.01 39.74
N GLU D 18 0.83 33.14 40.43
CA GLU D 18 -0.25 33.60 41.30
C GLU D 18 0.27 34.49 42.43
N ALA D 19 1.44 34.16 42.95
CA ALA D 19 2.11 35.03 43.94
C ALA D 19 2.46 36.40 43.36
N LEU D 20 2.97 36.42 42.12
CA LEU D 20 3.30 37.69 41.46
C LEU D 20 2.04 38.52 41.21
N ILE D 21 0.95 37.86 40.84
CA ILE D 21 -0.29 38.56 40.58
C ILE D 21 -0.80 39.19 41.89
N ARG D 22 -0.71 38.45 42.99
CA ARG D 22 -1.13 39.01 44.29
C ARG D 22 -0.33 40.24 44.68
N LEU D 23 0.97 40.19 44.44
CA LEU D 23 1.83 41.33 44.69
C LEU D 23 1.46 42.53 43.80
N TYR D 24 1.21 42.26 42.53
CA TYR D 24 0.74 43.30 41.61
C TYR D 24 -0.55 43.95 42.10
N LYS D 25 -1.50 43.13 42.55
CA LYS D 25 -2.78 43.65 43.01
C LYS D 25 -2.64 44.47 44.30
N GLN D 26 -1.68 44.10 45.15
CA GLN D 26 -1.33 44.93 46.31
C GLN D 26 -0.88 46.32 45.91
N LYS D 27 -0.05 46.37 44.87
CA LYS D 27 0.51 47.64 44.41
C LYS D 27 -0.54 48.45 43.66
N TYR D 28 -1.43 47.76 42.95
CA TYR D 28 -2.37 48.40 42.03
C TYR D 28 -3.75 47.83 42.27
N PRO D 29 -4.40 48.23 43.37
CA PRO D 29 -5.65 47.60 43.77
C PRO D 29 -6.83 47.75 42.80
N GLY D 30 -6.77 48.73 41.90
CA GLY D 30 -7.85 48.91 40.92
C GLY D 30 -7.88 47.97 39.71
N VAL D 31 -6.82 47.17 39.52
CA VAL D 31 -6.61 46.42 38.27
C VAL D 31 -7.23 45.02 38.35
N GLU D 32 -8.12 44.74 37.39
CA GLU D 32 -8.62 43.39 37.14
C GLU D 32 -7.54 42.64 36.35
N VAL D 33 -6.96 41.62 36.97
CA VAL D 33 -5.95 40.81 36.28
C VAL D 33 -6.56 39.55 35.69
N ILE D 34 -6.52 39.44 34.36
CA ILE D 34 -6.99 38.27 33.65
C ILE D 34 -5.77 37.35 33.47
N ASN D 35 -5.82 36.21 34.15
CA ASN D 35 -4.74 35.22 34.09
C ASN D 35 -5.09 34.25 32.96
N ALA D 36 -4.63 34.60 31.76
CA ALA D 36 -4.96 33.88 30.54
C ALA D 36 -3.93 32.77 30.30
N THR D 37 -4.17 31.61 30.87
CA THR D 37 -3.27 30.47 30.62
C THR D 37 -3.79 29.57 29.51
N VAL D 38 -2.83 28.92 28.85
CA VAL D 38 -3.14 27.89 27.86
C VAL D 38 -2.36 26.68 28.30
N THR D 39 -3.08 25.67 28.77
CA THR D 39 -2.45 24.50 29.35
C THR D 39 -1.66 23.72 28.29
N GLY D 40 -0.47 23.32 28.68
CA GLY D 40 0.42 22.59 27.80
C GLY D 40 1.85 22.78 28.19
N GLY D 41 2.53 21.70 28.55
CA GLY D 41 3.91 21.81 28.98
C GLY D 41 4.79 22.44 27.92
N ALA D 42 5.78 23.21 28.36
CA ALA D 42 6.79 23.82 27.51
C ALA D 42 6.21 24.73 26.44
N GLY D 43 4.96 25.14 26.63
CA GLY D 43 4.35 26.20 25.83
C GLY D 43 3.98 25.85 24.42
N VAL D 44 4.03 24.58 24.08
CA VAL D 44 3.74 24.23 22.69
C VAL D 44 2.28 24.63 22.36
N ASN D 45 1.30 24.25 23.19
CA ASN D 45 -0.08 24.67 22.93
C ASN D 45 -0.28 26.19 23.00
N ALA D 46 0.37 26.83 23.96
CA ALA D 46 0.24 28.28 24.14
C ALA D 46 0.74 29.05 22.93
N ARG D 47 1.82 28.57 22.33
CA ARG D 47 2.37 29.18 21.09
C ARG D 47 1.40 29.36 19.96
N ALA D 48 0.68 28.29 19.63
CA ALA D 48 -0.27 28.31 18.54
C ALA D 48 -1.43 29.24 18.84
N VAL D 49 -1.92 29.21 20.08
CA VAL D 49 -3.01 30.08 20.49
C VAL D 49 -2.55 31.52 20.41
N LEU D 50 -1.35 31.79 20.93
CA LEU D 50 -0.80 33.15 20.86
C LEU D 50 -0.65 33.63 19.40
N LYS D 51 -0.17 32.73 18.55
CA LYS D 51 0.03 33.06 17.15
C LYS D 51 -1.28 33.48 16.49
N THR D 52 -2.34 32.75 16.76
CA THR D 52 -3.66 33.06 16.21
C THR D 52 -4.11 34.46 16.65
N ARG D 53 -3.91 34.74 17.94
CA ARG D 53 -4.26 36.06 18.50
C ARG D 53 -3.44 37.18 17.93
N MET D 54 -2.12 37.00 17.87
CA MET D 54 -1.22 38.03 17.40
C MET D 54 -1.48 38.33 15.92
N LEU D 55 -1.62 37.29 15.10
CA LEU D 55 -1.94 37.48 13.68
C LEU D 55 -3.37 38.01 13.45
N GLY D 56 -4.28 37.80 14.40
CA GLY D 56 -5.63 38.37 14.30
C GLY D 56 -5.74 39.81 14.79
N GLY D 57 -4.61 40.39 15.18
CA GLY D 57 -4.55 41.75 15.73
C GLY D 57 -5.12 41.88 17.13
N ASP D 58 -4.96 40.85 17.95
CA ASP D 58 -5.52 40.80 19.29
C ASP D 58 -4.44 40.38 20.31
N PRO D 59 -3.36 41.17 20.43
CA PRO D 59 -2.33 40.78 21.40
C PRO D 59 -2.87 40.82 22.83
N PRO D 60 -2.32 39.97 23.71
CA PRO D 60 -2.57 40.15 25.14
C PRO D 60 -1.70 41.33 25.59
N ASP D 61 -1.82 41.76 26.84
CA ASP D 61 -0.99 42.87 27.29
C ASP D 61 0.49 42.50 27.44
N THR D 62 0.73 41.24 27.76
CA THR D 62 2.06 40.69 27.86
C THR D 62 1.94 39.19 27.76
N PHE D 63 3.02 38.53 27.36
CA PHE D 63 3.01 37.06 27.23
C PHE D 63 4.32 36.45 27.63
N GLN D 64 4.24 35.29 28.28
CA GLN D 64 5.41 34.52 28.63
C GLN D 64 6.12 34.13 27.34
N VAL D 65 7.42 34.37 27.28
CA VAL D 65 8.21 34.03 26.11
C VAL D 65 9.64 33.78 26.53
N HIS D 66 10.26 32.80 25.91
CA HIS D 66 11.62 32.44 26.24
C HIS D 66 12.62 33.43 25.68
N ALA D 67 13.55 33.82 26.53
CA ALA D 67 14.69 34.63 26.07
C ALA D 67 15.49 33.85 25.04
N GLY D 68 15.95 34.54 24.00
CA GLY D 68 16.77 33.95 22.96
C GLY D 68 16.06 33.92 21.61
N MET D 69 16.41 32.94 20.80
CA MET D 69 15.89 32.89 19.43
C MET D 69 14.39 32.67 19.33
N GLU D 70 13.77 32.07 20.34
CA GLU D 70 12.31 31.94 20.30
C GLU D 70 11.68 33.32 20.25
N LEU D 71 12.10 34.20 21.15
CA LEU D 71 11.64 35.60 21.21
C LEU D 71 11.99 36.33 19.91
N ILE D 72 13.26 36.28 19.53
CA ILE D 72 13.77 37.14 18.45
C ILE D 72 13.19 36.75 17.09
N GLY D 73 13.23 35.44 16.79
CA GLY D 73 12.87 34.92 15.50
C GLY D 73 11.38 34.85 15.18
N THR D 74 10.54 35.18 16.16
CA THR D 74 9.11 35.21 15.94
C THR D 74 8.56 36.64 16.00
N TRP D 75 8.39 37.20 17.19
CA TRP D 75 7.66 38.47 17.31
C TRP D 75 8.56 39.70 17.18
N VAL D 76 9.85 39.56 17.42
CA VAL D 76 10.76 40.69 17.28
C VAL D 76 11.11 40.95 15.79
N VAL D 77 11.51 39.91 15.05
CA VAL D 77 11.80 40.08 13.61
C VAL D 77 10.55 40.56 12.85
N ALA D 78 9.37 40.25 13.39
CA ALA D 78 8.09 40.68 12.81
C ALA D 78 7.70 42.10 13.26
N ASN D 79 8.57 42.77 14.03
CA ASN D 79 8.34 44.15 14.47
C ASN D 79 7.03 44.32 15.25
N ARG D 80 6.69 43.32 16.06
CA ARG D 80 5.44 43.31 16.84
C ARG D 80 5.64 43.67 18.31
N MET D 81 6.88 43.88 18.74
CA MET D 81 7.25 44.15 20.15
C MET D 81 7.82 45.55 20.30
N GLU D 82 7.56 46.18 21.44
CA GLU D 82 8.18 47.47 21.77
C GLU D 82 9.59 47.29 22.33
N ASP D 83 10.51 48.16 21.91
CA ASP D 83 11.86 48.17 22.44
C ASP D 83 11.79 48.66 23.88
N LEU D 84 12.36 47.88 24.80
CA LEU D 84 12.33 48.17 26.24
C LEU D 84 13.60 48.86 26.74
N SER D 85 14.48 49.24 25.81
CA SER D 85 15.75 49.87 26.17
C SER D 85 15.58 51.05 27.15
N ALA D 86 14.60 51.91 26.92
CA ALA D 86 14.38 53.05 27.79
C ALA D 86 13.85 52.65 29.16
N LEU D 87 12.97 51.64 29.20
CA LEU D 87 12.54 51.07 30.49
C LEU D 87 13.71 50.49 31.29
N PHE D 88 14.61 49.77 30.62
CA PHE D 88 15.81 49.24 31.25
C PHE D 88 16.70 50.36 31.82
N ARG D 89 16.88 51.42 31.05
CA ARG D 89 17.60 52.60 31.52
C ARG D 89 16.89 53.18 32.74
N GLN D 90 15.59 53.45 32.64
CA GLN D 90 14.82 53.99 33.76
C GLN D 90 14.94 53.18 35.04
N GLU D 91 14.85 51.84 34.91
CA GLU D 91 14.76 50.97 36.09
C GLU D 91 16.14 50.54 36.60
N GLY D 92 17.21 50.97 35.93
CA GLY D 92 18.56 50.57 36.32
C GLY D 92 18.86 49.09 36.10
N TRP D 93 18.33 48.53 35.01
CA TRP D 93 18.39 47.07 34.79
C TRP D 93 19.55 46.61 33.95
N LEU D 94 20.22 47.53 33.26
CA LEU D 94 21.26 47.09 32.35
C LEU D 94 22.43 46.44 33.07
N GLN D 95 22.66 46.82 34.33
CA GLN D 95 23.68 46.16 35.14
C GLN D 95 23.09 45.27 36.24
N ALA D 96 21.78 44.99 36.17
CA ALA D 96 21.08 44.20 37.19
C ALA D 96 20.98 42.71 36.80
N PHE D 97 21.33 42.41 35.55
CA PHE D 97 21.23 41.06 34.98
C PHE D 97 22.59 40.69 34.38
N PRO D 98 22.94 39.38 34.35
CA PRO D 98 24.20 38.96 33.73
C PRO D 98 24.28 39.38 32.27
N LYS D 99 25.47 39.78 31.81
CA LYS D 99 25.61 40.28 30.44
C LYS D 99 25.16 39.24 29.39
N GLY D 100 25.41 37.96 29.66
CA GLY D 100 24.99 36.89 28.76
C GLY D 100 23.48 36.82 28.58
N LEU D 101 22.75 37.15 29.65
CA LEU D 101 21.29 37.16 29.58
C LEU D 101 20.79 38.41 28.83
N ILE D 102 21.46 39.54 29.07
CA ILE D 102 21.19 40.76 28.30
C ILE D 102 21.35 40.48 26.81
N ASP D 103 22.43 39.78 26.45
CA ASP D 103 22.69 39.46 25.05
C ASP D 103 21.57 38.62 24.45
N LEU D 104 21.08 37.68 25.24
CA LEU D 104 19.98 36.81 24.80
C LEU D 104 18.66 37.53 24.48
N ILE D 105 18.36 38.61 25.22
CA ILE D 105 17.12 39.39 25.03
C ILE D 105 17.28 40.61 24.09
N SER D 106 18.48 40.78 23.52
CA SER D 106 18.83 41.91 22.66
C SER D 106 18.92 41.50 21.20
N TYR D 107 18.52 42.39 20.29
CA TYR D 107 18.62 42.14 18.86
C TYR D 107 18.58 43.43 18.12
N LYS D 108 19.48 43.57 17.14
CA LYS D 108 19.57 44.77 16.32
C LYS D 108 19.54 46.06 17.14
N GLY D 109 20.22 46.06 18.29
CA GLY D 109 20.31 47.24 19.15
C GLY D 109 19.22 47.39 20.21
N GLY D 110 18.08 46.70 20.02
CA GLY D 110 16.97 46.80 20.97
C GLY D 110 17.05 45.74 22.07
N ILE D 111 16.25 45.94 23.11
CA ILE D 111 16.10 44.96 24.21
C ILE D 111 14.60 44.65 24.27
N TRP D 112 14.24 43.36 24.19
CA TRP D 112 12.88 43.03 23.77
C TRP D 112 11.97 42.34 24.81
N SER D 113 12.54 41.96 25.95
CA SER D 113 11.76 41.38 27.03
C SER D 113 12.48 41.54 28.37
N VAL D 114 11.76 41.21 29.44
CA VAL D 114 12.27 41.32 30.80
C VAL D 114 12.35 39.92 31.38
N PRO D 115 13.56 39.44 31.66
CA PRO D 115 13.66 38.07 32.17
C PRO D 115 13.25 38.00 33.64
N VAL D 116 12.40 37.02 33.97
CA VAL D 116 11.89 36.87 35.35
C VAL D 116 12.65 35.80 36.14
N ASN D 117 13.36 34.94 35.42
CA ASN D 117 14.01 33.81 36.07
C ASN D 117 15.12 33.20 35.24
N ILE D 118 15.77 32.20 35.81
CA ILE D 118 16.63 31.28 35.06
C ILE D 118 16.21 29.86 35.48
N HIS D 119 15.88 29.02 34.50
CA HIS D 119 15.66 27.60 34.75
C HIS D 119 16.86 26.85 34.14
N ARG D 120 17.12 25.67 34.67
CA ARG D 120 18.14 24.74 34.18
C ARG D 120 17.43 23.54 33.56
N SER D 121 17.87 23.18 32.37
CA SER D 121 17.30 22.05 31.63
C SER D 121 17.88 20.72 32.08
N ASN D 122 19.20 20.68 32.22
CA ASN D 122 19.95 19.41 32.35
C ASN D 122 20.08 18.94 33.79
N VAL D 123 18.95 18.57 34.38
CA VAL D 123 18.95 18.05 35.77
C VAL D 123 18.32 16.66 35.80
N MET D 124 18.93 15.77 36.56
CA MET D 124 18.43 14.41 36.80
C MET D 124 17.90 14.36 38.24
N TRP D 125 16.66 13.91 38.40
CA TRP D 125 15.98 13.83 39.69
C TRP D 125 15.85 12.36 40.08
N TYR D 126 15.92 12.12 41.38
CA TYR D 126 15.84 10.76 41.94
C TYR D 126 15.55 10.86 43.43
N LEU D 127 15.23 9.72 44.05
CA LEU D 127 14.94 9.67 45.49
C LEU D 127 16.10 8.95 46.16
N PRO D 128 16.89 9.65 47.00
CA PRO D 128 18.03 8.95 47.62
C PRO D 128 17.65 7.63 48.33
N ALA D 129 16.50 7.59 48.99
CA ALA D 129 16.10 6.41 49.79
C ALA D 129 15.81 5.22 48.88
N LYS D 130 15.17 5.50 47.73
CA LYS D 130 14.91 4.47 46.73
C LYS D 130 16.19 3.90 46.13
N LEU D 131 17.12 4.78 45.74
CA LEU D 131 18.37 4.31 45.19
C LEU D 131 19.15 3.48 46.22
N LYS D 132 19.11 3.93 47.48
CA LYS D 132 19.75 3.21 48.58
C LYS D 132 19.13 1.82 48.73
N GLY D 133 17.79 1.75 48.68
CA GLY D 133 17.07 0.48 48.75
C GLY D 133 17.45 -0.50 47.64
N TRP D 134 17.67 0.03 46.44
CA TRP D 134 18.01 -0.80 45.27
C TRP D 134 19.50 -1.05 45.17
N GLY D 135 20.27 -0.42 46.04
CA GLY D 135 21.71 -0.58 46.10
C GLY D 135 22.46 0.06 44.94
N VAL D 136 21.99 1.20 44.45
CA VAL D 136 22.66 1.88 43.33
C VAL D 136 22.98 3.34 43.65
N ASN D 137 23.95 3.89 42.91
CA ASN D 137 24.32 5.30 43.00
C ASN D 137 23.75 6.10 41.82
N PRO D 138 23.62 7.42 41.99
CA PRO D 138 23.23 8.26 40.84
C PRO D 138 24.31 8.24 39.78
N PRO D 139 23.95 7.92 38.53
CA PRO D 139 24.95 7.81 37.46
C PRO D 139 25.52 9.16 37.00
N ARG D 140 26.83 9.21 36.82
CA ARG D 140 27.53 10.43 36.43
C ARG D 140 27.86 10.48 34.94
N THR D 141 27.69 9.35 34.24
CA THR D 141 27.90 9.28 32.78
C THR D 141 26.79 8.45 32.18
N TRP D 142 26.57 8.57 30.87
CA TRP D 142 25.52 7.77 30.24
C TRP D 142 25.86 6.26 30.26
N ASP D 143 27.13 5.90 30.10
CA ASP D 143 27.49 4.48 30.21
C ASP D 143 27.10 3.93 31.58
N LYS D 144 27.44 4.66 32.65
CA LYS D 144 27.04 4.23 33.98
C LYS D 144 25.52 4.24 34.19
N PHE D 145 24.83 5.18 33.54
CA PHE D 145 23.36 5.22 33.60
C PHE D 145 22.75 3.94 32.99
N LEU D 146 23.25 3.57 31.82
CA LEU D 146 22.75 2.40 31.13
C LEU D 146 23.00 1.12 31.96
N ALA D 147 24.19 1.00 32.53
CA ALA D 147 24.54 -0.17 33.36
C ALA D 147 23.66 -0.23 34.59
N THR D 148 23.49 0.91 35.26
CA THR D 148 22.63 0.99 36.43
C THR D 148 21.18 0.67 36.12
N CYS D 149 20.70 1.11 34.95
CA CYS D 149 19.33 0.82 34.55
C CYS D 149 19.13 -0.68 34.31
N GLN D 150 20.13 -1.33 33.72
CA GLN D 150 20.09 -2.79 33.53
C GLN D 150 19.99 -3.51 34.88
N THR D 151 20.77 -3.09 35.87
CA THR D 151 20.66 -3.62 37.23
C THR D 151 19.28 -3.41 37.83
N LEU D 152 18.72 -2.21 37.62
CA LEU D 152 17.41 -1.92 38.15
C LEU D 152 16.33 -2.79 37.50
N LYS D 153 16.49 -3.12 36.23
CA LYS D 153 15.51 -3.96 35.56
C LYS D 153 15.54 -5.36 36.20
N GLN D 154 16.73 -5.78 36.58
CA GLN D 154 16.91 -7.09 37.24
C GLN D 154 16.25 -7.11 38.61
N LYS D 155 16.06 -5.92 39.21
CA LYS D 155 15.35 -5.80 40.47
C LYS D 155 13.85 -5.56 40.31
N GLY D 156 13.32 -5.70 39.10
CA GLY D 156 11.90 -5.59 38.85
C GLY D 156 11.40 -4.19 38.46
N LEU D 157 12.32 -3.24 38.35
CA LEU D 157 11.97 -1.89 37.85
C LEU D 157 12.10 -1.88 36.33
N GLU D 158 11.00 -2.18 35.66
CA GLU D 158 11.02 -2.45 34.22
C GLU D 158 11.34 -1.21 33.39
N ALA D 159 11.04 -0.05 33.96
CA ALA D 159 11.27 1.25 33.29
C ALA D 159 11.98 2.22 34.28
N PRO D 160 13.29 2.03 34.47
CA PRO D 160 14.03 2.85 35.44
C PRO D 160 14.04 4.36 35.10
N LEU D 161 13.91 4.68 33.82
CA LEU D 161 13.79 6.08 33.39
C LEU D 161 12.32 6.49 33.18
N ALA D 162 11.90 7.51 33.93
CA ALA D 162 10.61 8.14 33.70
C ALA D 162 10.72 9.09 32.52
N LEU D 163 9.70 9.04 31.67
CA LEU D 163 9.64 9.87 30.47
C LEU D 163 8.18 10.18 30.14
N GLY D 164 7.94 11.34 29.56
CA GLY D 164 6.63 11.73 29.10
C GLY D 164 6.50 12.00 27.61
N GLU D 165 5.59 12.93 27.31
CA GLU D 165 5.21 13.30 25.95
C GLU D 165 6.38 13.83 25.09
N ASN D 166 6.11 13.99 23.80
CA ASN D 166 7.12 14.33 22.80
C ASN D 166 8.11 15.41 23.24
N TRP D 167 7.62 16.55 23.77
CA TRP D 167 8.60 17.60 24.10
C TRP D 167 9.56 17.17 25.20
N THR D 168 9.11 16.27 26.10
CA THR D 168 9.97 15.79 27.19
C THR D 168 11.04 14.81 26.67
N GLN D 169 10.72 14.18 25.54
CA GLN D 169 11.68 13.33 24.81
C GLN D 169 12.73 14.20 24.15
N GLN D 170 12.31 15.30 23.54
CA GLN D 170 13.26 16.31 23.07
C GLN D 170 14.13 16.86 24.22
N HIS D 171 13.51 17.10 25.36
CA HIS D 171 14.19 17.63 26.52
C HIS D 171 15.29 16.65 26.96
N LEU D 172 14.95 15.36 27.03
CA LEU D 172 15.94 14.34 27.33
C LEU D 172 17.07 14.37 26.28
N TRP D 173 16.70 14.47 25.01
CA TRP D 173 17.66 14.51 23.90
C TRP D 173 18.69 15.65 24.07
N GLU D 174 18.27 16.84 24.47
CA GLU D 174 19.26 17.94 24.55
C GLU D 174 20.28 17.70 25.67
N SER D 175 19.89 17.05 26.78
CA SER D 175 20.89 16.58 27.76
C SER D 175 21.87 15.54 27.18
N VAL D 176 21.35 14.58 26.42
CA VAL D 176 22.21 13.56 25.80
C VAL D 176 23.16 14.20 24.78
N ALA D 177 22.61 15.07 23.93
CA ALA D 177 23.43 15.73 22.92
C ALA D 177 24.53 16.57 23.57
N LEU D 178 24.20 17.28 24.63
CA LEU D 178 25.19 18.10 25.33
C LEU D 178 26.31 17.19 25.91
N ALA D 179 25.93 16.07 26.49
CA ALA D 179 26.92 15.12 27.02
C ALA D 179 27.83 14.57 25.92
N VAL D 180 27.24 14.17 24.79
CA VAL D 180 27.98 13.55 23.70
C VAL D 180 28.89 14.55 22.98
N LEU D 181 28.38 15.77 22.77
CA LEU D 181 29.09 16.74 21.97
C LEU D 181 30.04 17.62 22.79
N GLY D 182 29.68 17.85 24.05
CA GLY D 182 30.31 18.90 24.85
C GLY D 182 29.75 20.26 24.46
N PRO D 183 30.00 21.26 25.31
CA PRO D 183 29.38 22.57 25.12
C PRO D 183 29.75 23.31 23.83
N ASP D 184 31.02 23.24 23.42
CA ASP D 184 31.40 23.99 22.21
C ASP D 184 30.72 23.42 20.98
N ASP D 185 30.70 22.09 20.86
CA ASP D 185 30.06 21.48 19.68
C ASP D 185 28.52 21.55 19.76
N TRP D 186 27.97 21.54 20.97
CA TRP D 186 26.54 21.88 21.14
C TRP D 186 26.24 23.26 20.53
N ASN D 187 27.05 24.24 20.94
CA ASN D 187 26.90 25.59 20.40
C ASN D 187 27.07 25.63 18.88
N ASN D 188 27.95 24.80 18.35
CA ASN D 188 28.21 24.78 16.91
C ASN D 188 27.07 24.25 16.07
N LEU D 189 26.15 23.49 16.66
CA LEU D 189 24.93 23.15 15.92
C LEU D 189 24.13 24.39 15.52
N TRP D 190 24.06 25.35 16.44
CA TRP D 190 23.07 26.45 16.37
C TRP D 190 23.59 27.67 15.61
N ASN D 191 24.91 27.74 15.39
CA ASN D 191 25.52 28.75 14.52
C ASN D 191 25.88 28.14 13.15
N GLY D 192 25.56 26.86 12.96
CA GLY D 192 25.73 26.22 11.67
C GLY D 192 27.14 25.70 11.41
N LYS D 193 28.02 25.79 12.38
CA LYS D 193 29.39 25.32 12.18
C LYS D 193 29.54 23.80 12.24
N LEU D 194 28.62 23.14 12.95
CA LEU D 194 28.57 21.68 13.00
C LEU D 194 27.25 21.21 12.43
N LYS D 195 27.29 20.36 11.42
CA LYS D 195 26.08 19.79 10.82
C LYS D 195 25.49 18.69 11.71
N PHE D 196 24.16 18.54 11.65
CA PHE D 196 23.50 17.47 12.39
C PHE D 196 23.89 16.10 11.85
N THR D 197 24.34 16.10 10.59
CA THR D 197 24.80 14.90 9.93
C THR D 197 26.27 14.55 10.21
N ASP D 198 26.99 15.40 10.93
CA ASP D 198 28.35 15.06 11.35
C ASP D 198 28.30 13.80 12.24
N PRO D 199 29.22 12.83 12.02
CA PRO D 199 29.23 11.63 12.88
C PRO D 199 29.17 11.91 14.40
N LYS D 200 29.80 13.00 14.84
CA LYS D 200 29.73 13.40 16.26
C LYS D 200 28.29 13.68 16.69
N ALA D 201 27.50 14.32 15.81
CA ALA D 201 26.11 14.64 16.10
C ALA D 201 25.19 13.44 15.90
N VAL D 202 25.53 12.58 14.94
CA VAL D 202 24.78 11.33 14.76
C VAL D 202 24.86 10.46 16.03
N ARG D 203 26.02 10.47 16.67
CA ARG D 203 26.23 9.71 17.89
C ARG D 203 25.30 10.12 19.04
N ALA D 204 24.86 11.38 19.07
CA ALA D 204 23.87 11.80 20.06
C ALA D 204 22.60 10.93 19.98
N TRP D 205 22.17 10.62 18.77
CA TRP D 205 20.97 9.80 18.55
C TRP D 205 21.20 8.35 18.93
N GLU D 206 22.43 7.89 18.73
CA GLU D 206 22.82 6.52 19.08
C GLU D 206 22.71 6.30 20.59
N VAL D 207 23.29 7.22 21.36
CA VAL D 207 23.23 7.15 22.79
C VAL D 207 21.77 7.34 23.26
N PHE D 208 21.09 8.33 22.67
CA PHE D 208 19.69 8.60 23.02
C PHE D 208 18.80 7.36 22.85
N GLY D 209 19.01 6.62 21.76
CA GLY D 209 18.25 5.38 21.55
C GLY D 209 18.42 4.39 22.68
N ARG D 210 19.65 4.22 23.14
CA ARG D 210 19.90 3.29 24.24
C ARG D 210 19.23 3.74 25.51
N VAL D 211 19.21 5.05 25.73
CA VAL D 211 18.57 5.62 26.89
C VAL D 211 17.06 5.44 26.84
N LEU D 212 16.47 5.62 25.66
CA LEU D 212 15.03 5.44 25.49
C LEU D 212 14.59 4.02 25.81
N ASP D 213 15.50 3.07 25.62
CA ASP D 213 15.18 1.67 25.95
C ASP D 213 15.11 1.41 27.46
N CYS D 214 15.40 2.42 28.28
CA CYS D 214 15.22 2.35 29.73
C CYS D 214 13.94 3.00 30.22
N ALA D 215 13.18 3.58 29.29
CA ALA D 215 12.00 4.38 29.63
C ALA D 215 10.69 3.60 29.65
N ASN D 216 9.69 4.19 30.29
CA ASN D 216 8.34 3.66 30.26
C ASN D 216 7.69 3.74 28.88
N LYS D 217 7.01 2.66 28.49
CA LYS D 217 6.44 2.55 27.17
C LYS D 217 5.21 3.41 26.92
N ASP D 218 4.59 3.85 28.01
CA ASP D 218 3.42 4.72 27.94
C ASP D 218 3.78 6.21 27.95
N ALA D 219 5.04 6.54 27.67
CA ALA D 219 5.52 7.94 27.79
C ALA D 219 4.70 8.93 26.98
N ALA D 220 4.30 8.54 25.77
CA ALA D 220 3.70 9.51 24.84
C ALA D 220 2.50 10.25 25.43
N GLY D 221 1.77 9.58 26.31
CA GLY D 221 0.59 10.21 26.92
C GLY D 221 0.74 10.89 28.28
N LEU D 222 1.96 11.03 28.78
CA LEU D 222 2.17 11.57 30.11
C LEU D 222 2.68 13.02 30.06
N SER D 223 2.15 13.82 30.97
CA SER D 223 2.71 15.16 31.18
C SER D 223 4.05 15.08 31.87
N TRP D 224 4.79 16.20 31.88
CA TRP D 224 6.04 16.19 32.61
C TRP D 224 5.83 15.87 34.10
N GLN D 225 4.73 16.36 34.66
CA GLN D 225 4.44 16.15 36.09
C GLN D 225 4.19 14.66 36.34
N GLN D 226 3.49 14.02 35.40
CA GLN D 226 3.20 12.58 35.54
C GLN D 226 4.45 11.75 35.45
N ALA D 227 5.43 12.19 34.66
CA ALA D 227 6.69 11.50 34.62
C ALA D 227 7.44 11.69 35.94
N VAL D 228 7.43 12.90 36.48
CA VAL D 228 8.05 13.09 37.79
C VAL D 228 7.37 12.19 38.84
N ASP D 229 6.04 12.11 38.77
CA ASP D 229 5.26 11.31 39.72
C ASP D 229 5.75 9.85 39.74
N ARG D 230 6.17 9.32 38.60
CA ARG D 230 6.71 7.93 38.57
C ARG D 230 7.93 7.76 39.44
N VAL D 231 8.82 8.75 39.43
CA VAL D 231 9.98 8.74 40.30
C VAL D 231 9.54 8.86 41.76
N VAL D 232 8.71 9.84 42.08
CA VAL D 232 8.24 10.04 43.45
C VAL D 232 7.58 8.77 44.00
N GLN D 233 6.82 8.09 43.15
CA GLN D 233 6.04 6.89 43.52
C GLN D 233 6.87 5.59 43.45
N GLY D 234 8.14 5.70 43.07
CA GLY D 234 9.02 4.55 43.01
C GLY D 234 8.80 3.61 41.85
N LYS D 235 8.07 4.07 40.83
CA LYS D 235 7.86 3.31 39.58
C LYS D 235 8.94 3.61 38.52
N ALA D 236 9.86 4.47 38.89
CA ALA D 236 11.04 4.79 38.11
C ALA D 236 12.09 5.26 39.07
N ALA D 237 13.33 5.29 38.61
CA ALA D 237 14.48 5.71 39.42
C ALA D 237 14.94 7.14 39.12
N PHE D 238 14.85 7.52 37.85
CA PHE D 238 15.41 8.78 37.34
C PHE D 238 14.45 9.50 36.40
N ASN D 239 14.57 10.82 36.36
CA ASN D 239 13.88 11.63 35.38
C ASN D 239 14.80 12.79 35.00
N ILE D 240 14.92 13.05 33.70
CA ILE D 240 15.70 14.20 33.19
C ILE D 240 14.70 15.32 32.88
N MET D 241 14.71 16.41 33.65
CA MET D 241 13.70 17.44 33.45
C MET D 241 14.19 18.76 34.04
N GLY D 242 13.65 19.85 33.53
CA GLY D 242 14.02 21.15 34.04
C GLY D 242 13.61 21.35 35.48
N ASP D 243 14.20 22.35 36.14
CA ASP D 243 14.02 22.51 37.59
C ASP D 243 12.68 23.09 38.04
N TRP D 244 11.77 23.31 37.10
CA TRP D 244 10.35 23.42 37.45
C TRP D 244 9.90 22.14 38.19
N ALA D 245 10.63 21.04 38.01
CA ALA D 245 10.34 19.79 38.75
C ALA D 245 10.58 19.98 40.25
N ALA D 246 11.62 20.75 40.62
CA ALA D 246 11.92 21.02 42.02
C ALA D 246 10.78 21.82 42.65
N GLY D 247 10.29 22.81 41.92
CA GLY D 247 9.13 23.58 42.36
C GLY D 247 7.87 22.76 42.55
N TYR D 248 7.63 21.83 41.63
CA TYR D 248 6.52 20.89 41.76
C TYR D 248 6.66 20.00 43.01
N MET D 249 7.83 19.41 43.17
CA MET D 249 8.08 18.52 44.29
C MET D 249 8.01 19.20 45.66
N THR D 250 8.39 20.49 45.73
CA THR D 250 8.33 21.26 46.98
C THR D 250 6.98 21.99 47.15
N THR D 251 6.62 22.84 46.20
CA THR D 251 5.45 23.67 46.36
C THR D 251 4.19 22.83 46.34
N THR D 252 4.12 21.85 45.43
CA THR D 252 2.91 21.06 45.28
C THR D 252 2.94 19.78 46.14
N LEU D 253 4.03 19.01 46.05
CA LEU D 253 4.09 17.71 46.75
C LEU D 253 4.63 17.77 48.17
N LYS D 254 5.14 18.92 48.58
CA LYS D 254 5.60 19.12 49.95
C LYS D 254 6.77 18.24 50.35
N LEU D 255 7.63 17.90 49.40
CA LEU D 255 8.79 17.10 49.68
C LEU D 255 9.95 17.98 50.12
N LYS D 256 10.81 17.42 50.98
CA LYS D 256 12.00 18.12 51.47
C LYS D 256 13.19 17.92 50.56
N PRO D 257 13.74 19.02 50.02
CA PRO D 257 14.91 18.89 49.16
C PRO D 257 16.09 18.23 49.84
N GLY D 258 16.74 17.30 49.14
CA GLY D 258 17.92 16.63 49.66
C GLY D 258 17.62 15.31 50.33
N THR D 259 16.46 15.21 50.97
CA THR D 259 16.05 14.07 51.78
C THR D 259 15.01 13.22 51.05
N ASP D 260 13.89 13.84 50.68
CA ASP D 260 12.78 13.19 50.02
C ASP D 260 12.98 13.15 48.49
N PHE D 261 13.90 13.96 47.99
CA PHE D 261 14.35 13.89 46.59
C PHE D 261 15.69 14.55 46.49
N ALA D 262 16.37 14.30 45.38
CA ALA D 262 17.69 14.85 45.17
C ALA D 262 17.94 15.03 43.66
N TRP D 263 19.10 15.61 43.35
CA TRP D 263 19.38 16.06 42.00
C TRP D 263 20.86 15.96 41.70
N ALA D 264 21.15 15.85 40.41
CA ALA D 264 22.49 15.92 39.88
C ALA D 264 22.38 16.50 38.46
N PRO D 265 23.50 16.99 37.90
CA PRO D 265 23.47 17.31 36.49
C PRO D 265 23.13 16.06 35.67
N SER D 266 22.48 16.23 34.53
CA SER D 266 22.28 15.12 33.62
C SER D 266 23.63 14.43 33.41
N PRO D 267 23.61 13.09 33.35
CA PRO D 267 24.86 12.36 33.11
C PRO D 267 25.70 12.92 31.97
N GLY D 268 27.01 13.04 32.20
CA GLY D 268 27.95 13.56 31.23
C GLY D 268 27.95 15.07 31.01
N THR D 269 27.18 15.81 31.82
CA THR D 269 27.07 17.29 31.68
C THR D 269 27.53 18.06 32.92
N GLN D 270 28.09 17.36 33.90
CA GLN D 270 28.62 18.01 35.12
C GLN D 270 29.50 19.20 34.71
N GLY D 271 29.24 20.35 35.32
CA GLY D 271 30.04 21.55 35.07
C GLY D 271 29.48 22.46 33.97
N VAL D 272 28.40 22.01 33.32
CA VAL D 272 27.73 22.80 32.30
C VAL D 272 26.28 23.02 32.75
N PHE D 273 25.80 24.25 32.60
CA PHE D 273 24.45 24.66 33.02
C PHE D 273 23.75 25.02 31.71
N MET D 274 22.80 24.18 31.29
CA MET D 274 21.99 24.46 30.10
C MET D 274 20.79 25.26 30.55
N MET D 275 20.79 26.53 30.19
CA MET D 275 19.81 27.46 30.74
C MET D 275 18.65 27.77 29.80
N LEU D 276 17.60 28.32 30.39
CA LEU D 276 16.54 28.99 29.67
C LEU D 276 16.02 30.08 30.58
N SER D 277 15.25 31.00 30.04
CA SER D 277 14.71 32.08 30.84
C SER D 277 13.34 32.44 30.37
N ASP D 278 12.38 32.44 31.30
CA ASP D 278 11.05 32.95 31.05
C ASP D 278 11.08 34.46 31.14
N SER D 279 10.47 35.11 30.16
CA SER D 279 10.49 36.59 30.11
C SER D 279 9.14 37.13 29.65
N PHE D 280 8.94 38.42 29.87
CA PHE D 280 7.72 39.11 29.47
C PHE D 280 8.11 40.40 28.73
N GLY D 281 7.42 40.71 27.65
CA GLY D 281 7.65 41.95 26.92
C GLY D 281 6.38 42.74 26.75
N LEU D 282 6.45 43.72 25.84
CA LEU D 282 5.35 44.65 25.59
C LEU D 282 4.95 44.59 24.12
N PRO D 283 3.91 43.81 23.81
CA PRO D 283 3.43 43.74 22.44
C PRO D 283 2.86 45.09 22.02
N LYS D 284 3.25 45.52 20.84
CA LYS D 284 2.55 46.62 20.18
C LYS D 284 1.03 46.34 20.11
N GLY D 285 0.24 47.38 20.36
CA GLY D 285 -1.21 47.26 20.32
C GLY D 285 -1.87 46.71 21.59
N ALA D 286 -1.07 46.45 22.62
CA ALA D 286 -1.62 46.04 23.92
C ALA D 286 -2.73 47.01 24.33
N LYS D 287 -3.87 46.46 24.74
CA LYS D 287 -5.00 47.32 25.14
C LYS D 287 -4.73 48.13 26.43
N ASN D 288 -3.95 47.54 27.34
CA ASN D 288 -3.64 48.12 28.66
C ASN D 288 -2.15 48.31 28.80
N ARG D 289 -1.62 49.25 28.03
CA ARG D 289 -0.17 49.40 27.92
C ARG D 289 0.51 49.81 29.22
N GLN D 290 -0.04 50.79 29.93
CA GLN D 290 0.60 51.24 31.18
C GLN D 290 0.56 50.14 32.25
N ASN D 291 -0.55 49.42 32.34
CA ASN D 291 -0.64 48.31 33.29
C ASN D 291 0.36 47.20 32.96
N ALA D 292 0.59 46.98 31.68
CA ALA D 292 1.62 46.03 31.22
C ALA D 292 3.03 46.51 31.59
N ILE D 293 3.33 47.80 31.38
CA ILE D 293 4.63 48.33 31.78
C ILE D 293 4.86 48.13 33.29
N ASN D 294 3.82 48.35 34.08
CA ASN D 294 3.92 48.17 35.53
C ASN D 294 4.13 46.71 35.90
N TRP D 295 3.51 45.81 35.12
CA TRP D 295 3.81 44.38 35.28
C TRP D 295 5.28 44.10 35.02
N LEU D 296 5.82 44.66 33.93
CA LEU D 296 7.23 44.47 33.60
C LEU D 296 8.13 44.99 34.71
N ARG D 297 7.79 46.16 35.25
CA ARG D 297 8.59 46.72 36.35
C ARG D 297 8.61 45.81 37.58
N LEU D 298 7.49 45.16 37.88
CA LEU D 298 7.43 44.19 38.97
C LEU D 298 8.25 42.92 38.68
N VAL D 299 8.05 42.39 37.48
CA VAL D 299 8.69 41.17 37.03
C VAL D 299 10.21 41.26 37.00
N GLY D 300 10.71 42.47 36.71
CA GLY D 300 12.14 42.70 36.66
C GLY D 300 12.76 43.16 37.96
N SER D 301 11.96 43.23 39.02
CA SER D 301 12.41 43.69 40.35
C SER D 301 12.86 42.56 41.25
N LYS D 302 13.73 42.87 42.20
CA LYS D 302 14.16 41.88 43.19
C LYS D 302 12.99 41.41 44.04
N GLU D 303 12.12 42.33 44.45
CA GLU D 303 10.93 41.99 45.23
C GLU D 303 10.09 40.94 44.49
N GLY D 304 9.81 41.19 43.21
CA GLY D 304 9.02 40.28 42.42
C GLY D 304 9.71 38.93 42.26
N GLN D 305 10.99 38.95 41.87
CA GLN D 305 11.70 37.72 41.56
C GLN D 305 12.00 36.83 42.77
N ASP D 306 12.25 37.45 43.93
CA ASP D 306 12.50 36.68 45.14
C ASP D 306 11.24 36.24 45.85
N THR D 307 10.09 36.75 45.40
CA THR D 307 8.79 36.27 45.85
C THR D 307 8.37 35.02 45.05
N SER D 308 8.48 35.10 43.72
CA SER D 308 7.94 34.04 42.85
C SER D 308 8.89 32.85 42.62
N ASN D 309 10.17 33.09 42.43
CA ASN D 309 11.08 32.02 42.03
C ASN D 309 11.26 30.91 43.06
N PRO D 310 11.27 31.25 44.37
CA PRO D 310 11.34 30.14 45.32
C PRO D 310 10.21 29.12 45.17
N LEU D 311 9.03 29.56 44.72
CA LEU D 311 7.88 28.68 44.52
C LEU D 311 7.98 27.86 43.24
N LYS D 312 8.73 28.39 42.27
CA LYS D 312 8.74 27.87 40.89
C LYS D 312 9.78 26.78 40.66
N GLY D 313 10.89 26.84 41.38
CA GLY D 313 12.03 25.94 41.19
C GLY D 313 13.17 26.55 40.39
N SER D 314 12.88 27.67 39.71
CA SER D 314 13.92 28.47 39.06
C SER D 314 14.62 29.36 40.07
N ILE D 315 15.71 29.98 39.61
CA ILE D 315 16.43 30.99 40.37
C ILE D 315 16.08 32.34 39.74
N ALA D 316 16.38 33.43 40.45
CA ALA D 316 16.14 34.78 39.93
C ALA D 316 17.08 35.05 38.79
N ALA D 317 16.67 35.91 37.86
CA ALA D 317 17.57 36.37 36.82
C ALA D 317 18.46 37.51 37.34
N ARG D 318 17.96 38.24 38.32
CA ARG D 318 18.69 39.37 38.87
C ARG D 318 19.95 38.95 39.63
N LEU D 319 21.03 39.72 39.40
CA LEU D 319 22.29 39.48 40.09
C LEU D 319 22.19 39.71 41.60
N ASP D 320 21.27 40.54 42.06
CA ASP D 320 21.19 40.89 43.49
C ASP D 320 20.19 40.03 44.28
N SER D 321 19.76 38.91 43.72
CA SER D 321 18.84 38.02 44.40
C SER D 321 19.40 37.57 45.76
N ASP D 322 18.52 37.47 46.74
CA ASP D 322 18.88 37.04 48.08
C ASP D 322 18.81 35.51 48.19
N PRO D 323 19.96 34.82 48.30
CA PRO D 323 19.90 33.34 48.37
C PRO D 323 19.14 32.82 49.58
N SER D 324 18.99 33.66 50.62
CA SER D 324 18.30 33.20 51.84
C SER D 324 16.81 32.92 51.63
N LYS D 325 16.26 33.39 50.52
CA LYS D 325 14.86 33.15 50.17
C LYS D 325 14.63 31.79 49.47
N TYR D 326 15.72 31.09 49.15
CA TYR D 326 15.67 29.86 48.34
C TYR D 326 16.02 28.65 49.19
N ASN D 327 15.36 27.54 48.89
CA ASN D 327 15.64 26.28 49.55
C ASN D 327 16.96 25.65 49.05
N ALA D 328 17.23 24.42 49.50
CA ALA D 328 18.50 23.78 49.20
C ALA D 328 18.72 23.58 47.70
N TYR D 329 17.63 23.30 46.98
CA TYR D 329 17.75 23.15 45.51
C TYR D 329 18.13 24.52 44.89
N GLY D 330 17.34 25.54 45.20
CA GLY D 330 17.56 26.89 44.63
C GLY D 330 18.96 27.42 44.89
N GLN D 331 19.48 27.17 46.09
CA GLN D 331 20.84 27.62 46.44
C GLN D 331 21.89 26.85 45.67
N SER D 332 21.67 25.56 45.48
CA SER D 332 22.55 24.73 44.66
C SER D 332 22.60 25.27 43.22
N ALA D 333 21.43 25.55 42.67
CA ALA D 333 21.35 26.04 41.28
C ALA D 333 22.04 27.41 41.13
N MET D 334 21.90 28.26 42.14
CA MET D 334 22.56 29.59 42.14
C MET D 334 24.07 29.47 42.09
N ARG D 335 24.62 28.55 42.88
CA ARG D 335 26.05 28.26 42.84
C ARG D 335 26.52 27.79 41.48
N ASP D 336 25.79 26.83 40.91
CA ASP D 336 26.13 26.32 39.58
C ASP D 336 25.99 27.39 38.50
N TRP D 337 24.95 28.21 38.58
CA TRP D 337 24.77 29.32 37.65
C TRP D 337 26.02 30.20 37.63
N ARG D 338 26.62 30.37 38.80
CA ARG D 338 27.77 31.28 38.96
C ARG D 338 29.12 30.70 38.55
N SER D 339 29.27 29.38 38.61
CA SER D 339 30.55 28.70 38.36
C SER D 339 30.64 27.96 37.04
N ASN D 340 29.49 27.49 36.53
CA ASN D 340 29.51 26.58 35.39
C ASN D 340 29.66 27.30 34.06
N ARG D 341 30.09 26.54 33.06
CA ARG D 341 29.99 26.92 31.66
C ARG D 341 28.50 26.95 31.30
N ILE D 342 28.07 28.03 30.66
CA ILE D 342 26.65 28.21 30.35
C ILE D 342 26.42 27.99 28.87
N VAL D 343 25.43 27.15 28.54
CA VAL D 343 24.94 27.03 27.16
C VAL D 343 23.42 27.18 27.21
N GLY D 344 22.78 27.31 26.04
CA GLY D 344 21.35 27.45 26.00
C GLY D 344 20.59 26.20 25.60
N SER D 345 19.34 26.16 26.04
CA SER D 345 18.38 25.10 25.66
C SER D 345 17.81 25.28 24.27
N LEU D 346 17.63 24.16 23.58
CA LEU D 346 16.90 24.09 22.33
C LEU D 346 15.39 24.08 22.59
N VAL D 347 14.96 23.14 23.43
CA VAL D 347 13.53 22.89 23.60
C VAL D 347 12.84 24.11 24.25
N HIS D 348 13.62 24.87 25.01
CA HIS D 348 13.09 26.01 25.77
C HIS D 348 13.63 27.34 25.25
N GLY D 349 13.91 27.36 23.95
CA GLY D 349 13.85 28.59 23.19
C GLY D 349 15.09 29.46 23.12
N ALA D 350 16.18 29.07 23.77
CA ALA D 350 17.36 29.94 23.80
C ALA D 350 18.15 29.96 22.48
N VAL D 351 18.36 28.81 21.87
CA VAL D 351 19.36 28.69 20.80
C VAL D 351 18.86 28.61 19.36
N ALA D 352 17.59 28.25 19.17
CA ALA D 352 17.06 28.04 17.84
C ALA D 352 15.70 28.75 17.69
N PRO D 353 15.41 29.22 16.47
CA PRO D 353 14.12 29.86 16.25
C PRO D 353 12.98 28.87 16.24
N GLU D 354 11.77 29.36 16.44
CA GLU D 354 10.60 28.47 16.46
C GLU D 354 10.40 27.70 15.17
N SER D 355 10.84 28.27 14.05
CA SER D 355 10.80 27.59 12.74
C SER D 355 11.48 26.20 12.84
N PHE D 356 12.60 26.15 13.53
CA PHE D 356 13.30 24.90 13.83
C PHE D 356 12.68 24.13 15.02
N MET D 357 12.44 24.82 16.13
CA MET D 357 11.91 24.15 17.33
C MET D 357 10.63 23.38 17.01
N SER D 358 9.75 24.00 16.23
CA SER D 358 8.44 23.42 15.92
C SER D 358 8.56 22.12 15.13
N GLN D 359 9.59 22.02 14.31
CA GLN D 359 9.76 20.86 13.47
C GLN D 359 10.61 19.76 14.12
N PHE D 360 11.30 20.08 15.20
CA PHE D 360 12.12 19.09 15.88
C PHE D 360 11.27 17.97 16.50
N GLY D 361 10.05 18.30 16.95
CA GLY D 361 9.13 17.28 17.40
C GLY D 361 8.87 16.18 16.36
N THR D 362 8.83 16.59 15.10
CA THR D 362 8.61 15.67 13.97
C THR D 362 9.82 14.79 13.78
N VAL D 363 10.99 15.39 13.87
CA VAL D 363 12.23 14.63 13.85
C VAL D 363 12.22 13.58 14.98
N MET D 364 11.80 13.99 16.18
CA MET D 364 11.77 13.08 17.31
C MET D 364 10.79 11.94 17.03
N GLU D 365 9.63 12.25 16.44
CA GLU D 365 8.66 11.17 16.06
C GLU D 365 9.28 10.16 15.11
N ILE D 366 9.98 10.66 14.11
CA ILE D 366 10.68 9.85 13.12
C ILE D 366 11.73 8.96 13.78
N PHE D 367 12.43 9.48 14.77
CA PHE D 367 13.37 8.65 15.49
C PHE D 367 12.63 7.56 16.26
N LEU D 368 11.55 7.92 16.95
CA LEU D 368 10.82 6.93 17.72
C LEU D 368 10.26 5.82 16.82
N GLN D 369 9.80 6.16 15.61
CA GLN D 369 9.28 5.13 14.69
C GLN D 369 10.41 4.28 14.11
N THR D 370 11.46 4.92 13.59
CA THR D 370 12.49 4.21 12.84
C THR D 370 13.64 3.69 13.70
N ARG D 371 13.86 4.33 14.86
CA ARG D 371 15.07 4.16 15.67
C ARG D 371 16.37 4.17 14.88
N ASN D 372 16.36 4.98 13.83
CA ASN D 372 17.48 5.10 12.93
C ASN D 372 18.19 6.42 13.22
N PRO D 373 19.39 6.37 13.84
CA PRO D 373 20.10 7.60 14.18
C PRO D 373 20.43 8.46 12.97
N GLN D 374 20.76 7.80 11.86
CA GLN D 374 21.15 8.53 10.66
C GLN D 374 19.95 9.24 10.05
N ALA D 375 18.81 8.57 10.03
CA ALA D 375 17.59 9.17 9.51
C ALA D 375 17.23 10.41 10.32
N ALA D 376 17.30 10.31 11.65
CA ALA D 376 16.99 11.45 12.53
C ALA D 376 17.95 12.63 12.31
N ALA D 377 19.25 12.35 12.26
CA ALA D 377 20.25 13.38 11.94
C ALA D 377 19.97 14.03 10.57
N ASN D 378 19.71 13.21 9.56
CA ASN D 378 19.43 13.74 8.23
C ASN D 378 18.18 14.62 8.23
N ALA D 379 17.16 14.21 8.99
CA ALA D 379 15.92 14.98 9.11
C ALA D 379 16.18 16.34 9.74
N ALA D 380 16.93 16.34 10.84
CA ALA D 380 17.29 17.60 11.51
C ALA D 380 18.06 18.52 10.56
N GLN D 381 18.97 17.96 9.74
CA GLN D 381 19.70 18.79 8.78
C GLN D 381 18.79 19.36 7.70
N ALA D 382 17.84 18.56 7.22
CA ALA D 382 16.89 19.02 6.20
C ALA D 382 16.12 20.23 6.74
N ILE D 383 15.64 20.14 7.97
CA ILE D 383 14.92 21.28 8.56
C ILE D 383 15.84 22.49 8.73
N ALA D 384 17.04 22.25 9.26
CA ALA D 384 18.03 23.31 9.43
C ALA D 384 18.29 24.02 8.09
N ASP D 385 18.44 23.24 7.03
CA ASP D 385 18.64 23.81 5.68
C ASP D 385 17.45 24.62 5.19
N GLN D 386 16.24 24.10 5.40
CA GLN D 386 15.02 24.78 4.97
C GLN D 386 14.75 26.11 5.68
N VAL D 387 15.06 26.19 6.97
CA VAL D 387 14.84 27.42 7.75
C VAL D 387 16.04 28.36 7.76
N GLY D 388 17.16 27.91 7.18
CA GLY D 388 18.37 28.71 7.17
C GLY D 388 18.94 28.89 8.57
N LEU D 389 19.06 27.78 9.30
CA LEU D 389 19.49 27.82 10.68
C LEU D 389 20.85 28.49 10.80
N GLY D 390 20.95 29.49 11.67
CA GLY D 390 22.18 30.27 11.79
C GLY D 390 22.07 31.66 11.17
N ARG D 391 21.14 31.84 10.23
CA ARG D 391 21.02 33.14 9.53
C ARG D 391 20.69 34.30 10.46
N LEU D 392 19.84 34.07 11.46
CA LEU D 392 19.49 35.14 12.40
C LEU D 392 20.69 35.44 13.29
N MET E 1 15.28 -0.94 10.43
CA MET E 1 16.62 -1.09 9.82
C MET E 1 16.92 -2.57 9.66
N LYS E 2 17.62 -2.92 8.59
CA LYS E 2 17.89 -4.33 8.28
C LYS E 2 19.33 -4.56 7.84
N LEU E 3 19.79 -5.80 8.00
CA LEU E 3 21.06 -6.26 7.45
C LEU E 3 20.85 -7.72 7.02
N GLU E 4 21.12 -8.01 5.74
CA GLU E 4 20.99 -9.37 5.20
C GLU E 4 22.37 -9.96 4.97
N ILE E 5 22.74 -10.92 5.81
CA ILE E 5 24.02 -11.63 5.71
C ILE E 5 23.85 -13.00 5.01
N PHE E 6 24.63 -13.23 3.95
CA PHE E 6 24.49 -14.45 3.12
C PHE E 6 25.71 -15.35 3.35
N SER E 7 25.46 -16.62 3.69
CA SER E 7 26.57 -17.53 3.98
C SER E 7 26.11 -18.97 3.81
N TRP E 8 27.03 -19.91 4.02
CA TRP E 8 26.61 -21.33 4.12
C TRP E 8 26.83 -21.92 5.50
N TRP E 9 26.81 -21.05 6.52
CA TRP E 9 27.01 -21.46 7.89
C TRP E 9 25.66 -21.82 8.57
N ALA E 10 25.00 -22.81 7.98
CA ALA E 10 23.72 -23.33 8.48
C ALA E 10 23.95 -24.42 9.50
N GLY E 11 22.91 -24.68 10.28
CA GLY E 11 22.94 -25.83 11.18
C GLY E 11 24.08 -25.75 12.14
N ASP E 12 24.81 -26.85 12.31
CA ASP E 12 25.88 -26.91 13.29
C ASP E 12 27.13 -26.12 12.87
N GLU E 13 27.12 -25.57 11.66
CA GLU E 13 28.17 -24.62 11.25
C GLU E 13 27.86 -23.21 11.75
N GLY E 14 26.64 -23.01 12.23
CA GLY E 14 26.17 -21.70 12.66
C GLY E 14 26.67 -21.05 13.95
N PRO E 15 27.11 -21.84 14.96
CA PRO E 15 27.50 -21.19 16.23
C PRO E 15 28.44 -19.96 16.16
N ALA E 16 29.53 -20.06 15.40
CA ALA E 16 30.46 -18.92 15.28
C ALA E 16 29.77 -17.69 14.70
N LEU E 17 29.02 -17.88 13.61
CA LEU E 17 28.29 -16.78 12.97
C LEU E 17 27.25 -16.18 13.91
N GLU E 18 26.54 -17.06 14.61
CA GLU E 18 25.48 -16.60 15.53
C GLU E 18 26.06 -15.75 16.64
N ALA E 19 27.23 -16.13 17.12
CA ALA E 19 27.91 -15.34 18.15
C ALA E 19 28.30 -13.94 17.62
N LEU E 20 28.76 -13.90 16.38
CA LEU E 20 29.08 -12.63 15.74
C LEU E 20 27.82 -11.75 15.57
N ILE E 21 26.71 -12.37 15.15
CA ILE E 21 25.46 -11.68 14.98
C ILE E 21 24.97 -11.09 16.31
N ARG E 22 25.11 -11.86 17.39
CA ARG E 22 24.70 -11.38 18.71
C ARG E 22 25.50 -10.15 19.12
N LEU E 23 26.81 -10.20 18.87
CA LEU E 23 27.70 -9.06 19.13
C LEU E 23 27.33 -7.83 18.27
N TYR E 24 27.08 -8.04 16.98
CA TYR E 24 26.58 -6.97 16.12
C TYR E 24 25.30 -6.34 16.68
N LYS E 25 24.37 -7.19 17.14
CA LYS E 25 23.09 -6.69 17.66
C LYS E 25 23.26 -5.86 18.93
N GLN E 26 24.17 -6.28 19.81
CA GLN E 26 24.54 -5.49 20.98
C GLN E 26 25.06 -4.12 20.57
N LYS E 27 25.92 -4.07 19.57
CA LYS E 27 26.51 -2.81 19.10
C LYS E 27 25.54 -1.96 18.31
N TYR E 28 24.59 -2.58 17.62
CA TYR E 28 23.64 -1.90 16.76
C TYR E 28 22.22 -2.35 17.04
N PRO E 29 21.62 -1.78 18.10
CA PRO E 29 20.25 -2.10 18.45
C PRO E 29 19.29 -1.65 17.34
N GLY E 30 18.16 -2.32 17.21
CA GLY E 30 17.17 -1.90 16.22
C GLY E 30 17.50 -2.24 14.77
N VAL E 31 18.53 -3.06 14.54
CA VAL E 31 18.78 -3.60 13.20
C VAL E 31 18.33 -5.06 13.20
N GLU E 32 17.40 -5.37 12.31
CA GLU E 32 16.95 -6.74 12.09
C GLU E 32 18.00 -7.42 11.24
N VAL E 33 18.61 -8.47 11.77
CA VAL E 33 19.62 -9.22 11.04
C VAL E 33 18.96 -10.45 10.42
N ILE E 34 19.01 -10.53 9.10
CA ILE E 34 18.46 -11.67 8.35
C ILE E 34 19.63 -12.58 8.11
N ASN E 35 19.62 -13.76 8.74
CA ASN E 35 20.71 -14.71 8.61
C ASN E 35 20.37 -15.64 7.45
N ALA E 36 20.80 -15.25 6.25
CA ALA E 36 20.40 -15.93 5.02
C ALA E 36 21.40 -17.02 4.66
N THR E 37 21.24 -18.19 5.26
CA THR E 37 22.12 -19.30 4.94
C THR E 37 21.57 -20.14 3.79
N VAL E 38 22.49 -20.72 3.02
CA VAL E 38 22.14 -21.73 2.02
C VAL E 38 22.92 -22.98 2.41
N THR E 39 22.20 -24.03 2.83
CA THR E 39 22.88 -25.22 3.34
C THR E 39 23.66 -25.96 2.25
N GLY E 40 24.89 -26.34 2.56
CA GLY E 40 25.72 -27.07 1.64
C GLY E 40 27.17 -26.89 1.98
N GLY E 41 27.87 -27.98 2.28
CA GLY E 41 29.26 -27.89 2.68
C GLY E 41 30.10 -27.24 1.60
N ALA E 42 31.09 -26.45 2.03
CA ALA E 42 32.06 -25.82 1.14
C ALA E 42 31.43 -24.86 0.13
N GLY E 43 30.18 -24.48 0.42
CA GLY E 43 29.51 -23.38 -0.28
C GLY E 43 29.10 -23.63 -1.70
N VAL E 44 29.07 -24.89 -2.11
CA VAL E 44 28.72 -25.16 -3.48
C VAL E 44 27.27 -24.73 -3.74
N ASN E 45 26.32 -25.17 -2.90
CA ASN E 45 24.92 -24.77 -3.08
C ASN E 45 24.73 -23.25 -2.97
N ALA E 46 25.40 -22.64 -2.00
CA ALA E 46 25.33 -21.18 -1.79
C ALA E 46 25.78 -20.39 -3.03
N ARG E 47 26.81 -20.89 -3.71
CA ARG E 47 27.31 -20.28 -4.96
C ARG E 47 26.28 -20.04 -6.03
N ALA E 48 25.56 -21.09 -6.38
CA ALA E 48 24.56 -21.00 -7.42
C ALA E 48 23.44 -20.07 -7.01
N VAL E 49 23.01 -20.15 -5.75
CA VAL E 49 21.95 -19.27 -5.26
C VAL E 49 22.40 -17.80 -5.30
N LEU E 50 23.63 -17.54 -4.88
CA LEU E 50 24.18 -16.18 -4.90
C LEU E 50 24.27 -15.67 -6.32
N LYS E 51 24.75 -16.52 -7.23
CA LYS E 51 24.88 -16.14 -8.62
C LYS E 51 23.53 -15.68 -9.22
N THR E 52 22.46 -16.43 -8.95
CA THR E 52 21.12 -16.06 -9.40
C THR E 52 20.69 -14.70 -8.85
N ARG E 53 20.97 -14.45 -7.58
CA ARG E 53 20.66 -13.16 -6.99
C ARG E 53 21.44 -12.02 -7.61
N MET E 54 22.74 -12.23 -7.75
CA MET E 54 23.65 -11.18 -8.25
C MET E 54 23.30 -10.86 -9.69
N LEU E 55 23.09 -11.87 -10.53
CA LEU E 55 22.76 -11.64 -11.95
C LEU E 55 21.29 -11.17 -12.18
N GLY E 56 20.48 -11.17 -11.13
CA GLY E 56 19.13 -10.62 -11.21
C GLY E 56 19.01 -9.25 -10.56
N GLY E 57 20.14 -8.63 -10.22
CA GLY E 57 20.16 -7.32 -9.57
C GLY E 57 19.64 -7.29 -8.15
N ASP E 58 19.83 -8.39 -7.39
CA ASP E 58 19.32 -8.52 -6.02
C ASP E 58 20.44 -8.99 -5.06
N PRO E 59 21.51 -8.21 -4.94
CA PRO E 59 22.59 -8.62 -4.04
C PRO E 59 22.14 -8.65 -2.58
N PRO E 60 22.71 -9.57 -1.75
CA PRO E 60 22.51 -9.45 -0.32
C PRO E 60 23.38 -8.27 0.16
N ASP E 61 23.30 -7.88 1.43
CA ASP E 61 24.16 -6.80 1.91
C ASP E 61 25.64 -7.20 2.00
N THR E 62 25.87 -8.47 2.30
CA THR E 62 27.23 -9.00 2.32
C THR E 62 27.14 -10.51 2.16
N PHE E 63 28.20 -11.14 1.65
CA PHE E 63 28.21 -12.61 1.49
C PHE E 63 29.56 -13.22 1.84
N GLN E 64 29.50 -14.38 2.47
CA GLN E 64 30.68 -15.17 2.73
C GLN E 64 31.34 -15.54 1.39
N VAL E 65 32.64 -15.30 1.29
CA VAL E 65 33.40 -15.58 0.09
C VAL E 65 34.85 -15.88 0.46
N HIS E 66 35.46 -16.83 -0.25
CA HIS E 66 36.83 -17.20 0.04
C HIS E 66 37.84 -16.17 -0.49
N ALA E 67 38.79 -15.80 0.35
CA ALA E 67 39.91 -14.97 -0.10
C ALA E 67 40.68 -15.70 -1.19
N GLY E 68 41.09 -14.95 -2.22
CA GLY E 68 41.88 -15.52 -3.28
C GLY E 68 41.14 -15.48 -4.59
N MET E 69 41.44 -16.46 -5.44
CA MET E 69 40.93 -16.45 -6.79
C MET E 69 39.42 -16.63 -6.89
N GLU E 70 38.81 -17.28 -5.90
CA GLU E 70 37.33 -17.38 -5.87
C GLU E 70 36.71 -15.99 -5.84
N LEU E 71 37.17 -15.16 -4.89
CA LEU E 71 36.73 -13.77 -4.75
C LEU E 71 37.04 -12.97 -6.02
N ILE E 72 38.30 -13.03 -6.45
CA ILE E 72 38.75 -12.11 -7.50
C ILE E 72 38.15 -12.44 -8.85
N GLY E 73 38.15 -13.72 -9.20
CA GLY E 73 37.79 -14.19 -10.52
C GLY E 73 36.30 -14.23 -10.79
N THR E 74 35.47 -13.96 -9.77
CA THR E 74 34.04 -13.97 -9.96
C THR E 74 33.48 -12.55 -9.83
N TRP E 75 33.36 -12.01 -8.62
CA TRP E 75 32.58 -10.78 -8.47
C TRP E 75 33.46 -9.52 -8.56
N VAL E 76 34.77 -9.69 -8.33
CA VAL E 76 35.67 -8.54 -8.43
C VAL E 76 35.99 -8.22 -9.89
N VAL E 77 36.38 -9.21 -10.69
CA VAL E 77 36.65 -8.97 -12.11
C VAL E 77 35.38 -8.49 -12.83
N ALA E 78 34.20 -8.87 -12.32
CA ALA E 78 32.91 -8.44 -12.85
C ALA E 78 32.51 -7.04 -12.39
N ASN E 79 33.36 -6.36 -11.60
CA ASN E 79 33.07 -4.99 -11.14
C ASN E 79 31.76 -4.92 -10.36
N ARG E 80 31.51 -5.94 -9.52
CA ARG E 80 30.28 -5.98 -8.72
C ARG E 80 30.51 -5.71 -7.23
N MET E 81 31.77 -5.50 -6.84
CA MET E 81 32.13 -5.27 -5.44
C MET E 81 32.70 -3.84 -5.27
N GLU E 82 32.47 -3.26 -4.10
CA GLU E 82 33.12 -1.99 -3.73
C GLU E 82 34.53 -2.26 -3.23
N ASP E 83 35.46 -1.39 -3.62
CA ASP E 83 36.83 -1.41 -3.12
C ASP E 83 36.81 -1.00 -1.65
N LEU E 84 37.45 -1.82 -0.82
CA LEU E 84 37.45 -1.59 0.63
C LEU E 84 38.72 -0.90 1.12
N SER E 85 39.55 -0.48 0.17
CA SER E 85 40.84 0.17 0.51
C SER E 85 40.69 1.31 1.52
N ALA E 86 39.71 2.18 1.32
CA ALA E 86 39.48 3.30 2.25
C ALA E 86 39.04 2.84 3.63
N LEU E 87 38.18 1.82 3.69
CA LEU E 87 37.76 1.25 4.97
C LEU E 87 38.95 0.69 5.72
N PHE E 88 39.83 -0.02 5.00
CA PHE E 88 41.04 -0.58 5.60
C PHE E 88 41.93 0.54 6.18
N ARG E 89 42.03 1.63 5.42
CA ARG E 89 42.75 2.82 5.89
C ARG E 89 42.13 3.35 7.17
N GLN E 90 40.82 3.62 7.14
CA GLN E 90 40.08 4.16 8.28
C GLN E 90 40.21 3.30 9.52
N GLU E 91 40.16 1.97 9.33
CA GLU E 91 40.13 1.07 10.47
C GLU E 91 41.50 0.69 10.99
N GLY E 92 42.55 1.06 10.25
CA GLY E 92 43.90 0.65 10.62
C GLY E 92 44.23 -0.80 10.36
N TRP E 93 43.70 -1.34 9.25
CA TRP E 93 43.80 -2.78 8.96
C TRP E 93 44.93 -3.16 8.03
N LEU E 94 45.54 -2.17 7.39
CA LEU E 94 46.53 -2.44 6.35
C LEU E 94 47.69 -3.27 6.89
N GLN E 95 48.07 -3.03 8.14
CA GLN E 95 49.10 -3.84 8.79
C GLN E 95 48.54 -4.78 9.90
N ALA E 96 47.23 -5.00 9.91
CA ALA E 96 46.59 -5.86 10.93
C ALA E 96 46.51 -7.33 10.50
N PHE E 97 46.72 -7.59 9.20
CA PHE E 97 46.68 -8.94 8.64
C PHE E 97 48.02 -9.31 8.01
N PRO E 98 48.35 -10.62 7.99
CA PRO E 98 49.53 -11.12 7.31
C PRO E 98 49.60 -10.61 5.88
N LYS E 99 50.79 -10.20 5.44
CA LYS E 99 50.94 -9.62 4.11
C LYS E 99 50.44 -10.58 3.01
N GLY E 100 50.66 -11.87 3.20
CA GLY E 100 50.24 -12.87 2.23
C GLY E 100 48.74 -12.97 2.10
N LEU E 101 48.05 -12.72 3.21
CA LEU E 101 46.58 -12.68 3.21
C LEU E 101 46.07 -11.42 2.53
N ILE E 102 46.71 -10.30 2.80
CA ILE E 102 46.38 -9.05 2.08
C ILE E 102 46.53 -9.25 0.57
N ASP E 103 47.59 -9.92 0.16
CA ASP E 103 47.79 -10.20 -1.26
C ASP E 103 46.63 -11.02 -1.86
N LEU E 104 46.13 -12.01 -1.11
CA LEU E 104 44.99 -12.82 -1.63
C LEU E 104 43.70 -12.03 -1.86
N ILE E 105 43.46 -10.98 -1.06
CA ILE E 105 42.23 -10.18 -1.18
C ILE E 105 42.43 -8.90 -2.01
N SER E 106 43.64 -8.74 -2.58
CA SER E 106 43.99 -7.57 -3.37
C SER E 106 44.00 -7.86 -4.86
N TYR E 107 43.59 -6.88 -5.66
CA TYR E 107 43.56 -7.01 -7.11
C TYR E 107 43.51 -5.63 -7.73
N LYS E 108 44.40 -5.40 -8.71
CA LYS E 108 44.47 -4.13 -9.41
C LYS E 108 44.51 -2.92 -8.49
N GLY E 109 45.23 -3.04 -7.36
CA GLY E 109 45.39 -1.95 -6.41
C GLY E 109 44.30 -1.85 -5.35
N GLY E 110 43.20 -2.56 -5.56
CA GLY E 110 42.09 -2.58 -4.62
C GLY E 110 42.22 -3.71 -3.60
N ILE E 111 41.45 -3.58 -2.52
CA ILE E 111 41.31 -4.61 -1.49
C ILE E 111 39.81 -4.91 -1.40
N TRP E 112 39.42 -6.19 -1.53
CA TRP E 112 38.05 -6.50 -1.96
C TRP E 112 37.14 -7.24 -0.97
N SER E 113 37.73 -7.70 0.13
CA SER E 113 36.96 -8.30 1.21
C SER E 113 37.70 -8.18 2.54
N VAL E 114 36.99 -8.50 3.63
CA VAL E 114 37.55 -8.48 4.96
C VAL E 114 37.67 -9.92 5.48
N PRO E 115 38.89 -10.43 5.65
CA PRO E 115 39.06 -11.79 6.16
C PRO E 115 38.70 -11.92 7.64
N VAL E 116 37.87 -12.94 7.97
CA VAL E 116 37.41 -13.15 9.36
C VAL E 116 38.19 -14.25 10.07
N ASN E 117 38.89 -15.09 9.31
CA ASN E 117 39.58 -16.23 9.88
C ASN E 117 40.66 -16.81 8.98
N ILE E 118 41.34 -17.83 9.48
CA ILE E 118 42.18 -18.72 8.68
C ILE E 118 41.78 -20.14 9.05
N HIS E 119 41.41 -20.93 8.04
CA HIS E 119 41.22 -22.39 8.21
C HIS E 119 42.39 -23.11 7.55
N ARG E 120 42.68 -24.31 8.03
CA ARG E 120 43.66 -25.20 7.45
C ARG E 120 42.92 -26.37 6.78
N SER E 121 43.29 -26.65 5.55
CA SER E 121 42.71 -27.76 4.78
C SER E 121 43.32 -29.14 5.15
N ASN E 122 44.65 -29.19 5.25
CA ASN E 122 45.39 -30.44 5.31
C ASN E 122 45.59 -30.98 6.72
N VAL E 123 44.47 -31.33 7.36
CA VAL E 123 44.50 -31.94 8.70
C VAL E 123 43.89 -33.35 8.67
N MET E 124 44.55 -34.26 9.37
CA MET E 124 44.04 -35.63 9.55
C MET E 124 43.60 -35.79 10.99
N TRP E 125 42.33 -36.19 11.17
CA TRP E 125 41.66 -36.35 12.46
C TRP E 125 41.55 -37.83 12.83
N TYR E 126 41.79 -38.13 14.09
CA TYR E 126 41.70 -39.49 14.61
C TYR E 126 41.40 -39.42 16.11
N LEU E 127 41.06 -40.56 16.70
CA LEU E 127 40.83 -40.68 18.14
C LEU E 127 42.02 -41.43 18.75
N PRO E 128 42.80 -40.76 19.62
CA PRO E 128 43.95 -41.44 20.24
C PRO E 128 43.61 -42.81 20.86
N ALA E 129 42.51 -42.88 21.61
CA ALA E 129 42.14 -44.11 22.33
C ALA E 129 41.86 -45.26 21.37
N LYS E 130 41.25 -44.95 20.21
CA LYS E 130 40.95 -45.97 19.21
C LYS E 130 42.20 -46.51 18.51
N LEU E 131 43.10 -45.62 18.10
CA LEU E 131 44.34 -46.07 17.46
C LEU E 131 45.17 -46.91 18.44
N LYS E 132 45.13 -46.52 19.70
CA LYS E 132 45.76 -47.30 20.76
C LYS E 132 45.13 -48.70 20.83
N GLY E 133 43.80 -48.74 20.90
CA GLY E 133 43.06 -50.01 20.90
C GLY E 133 43.37 -50.92 19.73
N TRP E 134 43.64 -50.33 18.57
CA TRP E 134 43.97 -51.10 17.38
C TRP E 134 45.46 -51.35 17.21
N GLY E 135 46.28 -50.77 18.08
CA GLY E 135 47.72 -50.97 18.05
C GLY E 135 48.44 -50.34 16.87
N VAL E 136 47.93 -49.20 16.40
CA VAL E 136 48.58 -48.46 15.29
C VAL E 136 48.87 -47.01 15.70
N ASN E 137 49.80 -46.40 14.98
CA ASN E 137 50.09 -44.98 15.09
C ASN E 137 49.49 -44.15 13.94
N PRO E 138 49.28 -42.84 14.17
CA PRO E 138 48.88 -41.96 13.08
C PRO E 138 49.94 -41.94 11.99
N PRO E 139 49.55 -42.22 10.74
CA PRO E 139 50.52 -42.31 9.65
C PRO E 139 51.09 -40.97 9.19
N ARG E 140 52.41 -40.94 8.97
CA ARG E 140 53.10 -39.71 8.60
C ARG E 140 53.40 -39.57 7.11
N THR E 141 53.20 -40.65 6.36
CA THR E 141 53.34 -40.65 4.90
C THR E 141 52.20 -41.44 4.29
N TRP E 142 51.95 -41.26 2.99
CA TRP E 142 50.87 -42.03 2.35
C TRP E 142 51.18 -43.54 2.26
N ASP E 143 52.44 -43.90 2.11
CA ASP E 143 52.84 -45.32 2.15
C ASP E 143 52.49 -45.94 3.51
N LYS E 144 52.85 -45.26 4.60
CA LYS E 144 52.50 -45.77 5.93
C LYS E 144 50.99 -45.80 6.15
N PHE E 145 50.29 -44.82 5.59
CA PHE E 145 48.83 -44.77 5.70
C PHE E 145 48.20 -46.01 5.09
N LEU E 146 48.65 -46.37 3.90
CA LEU E 146 48.13 -47.53 3.20
C LEU E 146 48.44 -48.83 3.96
N ALA E 147 49.67 -48.96 4.47
CA ALA E 147 50.05 -50.14 5.27
C ALA E 147 49.21 -50.27 6.54
N THR E 148 49.06 -49.16 7.24
CA THR E 148 48.25 -49.10 8.44
C THR E 148 46.78 -49.42 8.15
N CYS E 149 46.25 -48.94 7.04
CA CYS E 149 44.85 -49.22 6.69
C CYS E 149 44.64 -50.73 6.44
N GLN E 150 45.62 -51.38 5.83
CA GLN E 150 45.57 -52.84 5.65
C GLN E 150 45.54 -53.58 6.98
N THR E 151 46.39 -53.17 7.91
CA THR E 151 46.36 -53.68 9.27
C THR E 151 44.98 -53.51 9.89
N LEU E 152 44.40 -52.31 9.78
CA LEU E 152 43.10 -52.05 10.38
C LEU E 152 41.97 -52.89 9.76
N LYS E 153 42.06 -53.19 8.45
CA LYS E 153 41.07 -54.04 7.79
C LYS E 153 41.12 -55.46 8.36
N GLN E 154 42.33 -55.93 8.71
CA GLN E 154 42.51 -57.20 9.44
C GLN E 154 41.89 -57.19 10.83
N LYS E 155 41.73 -56.00 11.42
CA LYS E 155 41.04 -55.85 12.70
C LYS E 155 39.54 -55.66 12.57
N GLY E 156 39.01 -55.80 11.36
CA GLY E 156 37.59 -55.64 11.13
C GLY E 156 37.15 -54.21 10.79
N LEU E 157 38.09 -53.30 10.60
CA LEU E 157 37.70 -51.91 10.23
C LEU E 157 37.73 -51.86 8.71
N GLU E 158 36.59 -52.16 8.09
CA GLU E 158 36.54 -52.39 6.65
C GLU E 158 36.81 -51.12 5.81
N ALA E 159 36.54 -49.95 6.42
CA ALA E 159 36.78 -48.66 5.78
C ALA E 159 37.50 -47.74 6.78
N PRO E 160 38.82 -47.92 6.92
CA PRO E 160 39.57 -47.12 7.89
C PRO E 160 39.58 -45.61 7.60
N LEU E 161 39.42 -45.22 6.34
CA LEU E 161 39.32 -43.79 5.99
C LEU E 161 37.85 -43.42 5.84
N ALA E 162 37.44 -42.43 6.62
CA ALA E 162 36.14 -41.79 6.51
C ALA E 162 36.17 -40.77 5.36
N LEU E 163 35.11 -40.74 4.57
CA LEU E 163 35.04 -39.87 3.43
C LEU E 163 33.57 -39.56 3.15
N GLY E 164 33.32 -38.37 2.60
CA GLY E 164 31.96 -37.99 2.25
C GLY E 164 31.79 -37.63 0.79
N GLU E 165 30.85 -36.72 0.57
CA GLU E 165 30.43 -36.28 -0.74
C GLU E 165 31.54 -35.70 -1.63
N ASN E 166 31.21 -35.46 -2.90
CA ASN E 166 32.16 -35.07 -3.94
C ASN E 166 33.19 -34.03 -3.47
N TRP E 167 32.74 -32.92 -2.88
CA TRP E 167 33.73 -31.87 -2.51
C TRP E 167 34.73 -32.34 -1.47
N THR E 168 34.32 -33.26 -0.58
CA THR E 168 35.23 -33.86 0.40
C THR E 168 36.26 -34.82 -0.22
N GLN E 169 35.93 -35.38 -1.38
CA GLN E 169 36.86 -36.19 -2.16
C GLN E 169 37.91 -35.28 -2.80
N GLN E 170 37.46 -34.14 -3.34
CA GLN E 170 38.37 -33.10 -3.82
C GLN E 170 39.27 -32.61 -2.69
N HIS E 171 38.68 -32.46 -1.53
CA HIS E 171 39.42 -32.01 -0.35
C HIS E 171 40.55 -33.00 -0.02
N LEU E 172 40.21 -34.28 0.01
CA LEU E 172 41.23 -35.32 0.20
C LEU E 172 42.30 -35.24 -0.89
N TRP E 173 41.86 -35.07 -2.13
CA TRP E 173 42.77 -35.00 -3.26
C TRP E 173 43.82 -33.88 -3.07
N GLU E 174 43.42 -32.71 -2.60
CA GLU E 174 44.41 -31.61 -2.51
C GLU E 174 45.52 -31.90 -1.49
N SER E 175 45.18 -32.65 -0.44
CA SER E 175 46.20 -33.12 0.52
C SER E 175 47.14 -34.14 -0.13
N VAL E 176 46.59 -35.10 -0.87
CA VAL E 176 47.41 -36.07 -1.57
C VAL E 176 48.31 -35.36 -2.60
N ALA E 177 47.74 -34.41 -3.36
CA ALA E 177 48.53 -33.71 -4.38
C ALA E 177 49.69 -32.91 -3.78
N LEU E 178 49.43 -32.25 -2.66
CA LEU E 178 50.47 -31.50 -1.96
C LEU E 178 51.56 -32.45 -1.45
N ALA E 179 51.16 -33.62 -0.96
CA ALA E 179 52.13 -34.62 -0.49
C ALA E 179 53.01 -35.10 -1.61
N VAL E 180 52.38 -35.43 -2.73
CA VAL E 180 53.09 -36.00 -3.87
C VAL E 180 53.97 -34.97 -4.58
N LEU E 181 53.50 -33.73 -4.68
CA LEU E 181 54.18 -32.71 -5.45
C LEU E 181 55.14 -31.90 -4.63
N GLY E 182 54.83 -31.74 -3.35
CA GLY E 182 55.48 -30.74 -2.53
C GLY E 182 54.92 -29.35 -2.80
N PRO E 183 55.20 -28.39 -1.89
CA PRO E 183 54.60 -27.06 -1.97
C PRO E 183 54.97 -26.23 -3.21
N ASP E 184 56.20 -26.33 -3.71
CA ASP E 184 56.57 -25.56 -4.90
C ASP E 184 55.82 -26.02 -6.12
N ASP E 185 55.78 -27.34 -6.33
CA ASP E 185 55.12 -27.86 -7.52
C ASP E 185 53.61 -27.80 -7.38
N TRP E 186 53.08 -27.88 -6.16
CA TRP E 186 51.66 -27.55 -5.95
C TRP E 186 51.38 -26.13 -6.44
N ASN E 187 52.16 -25.15 -5.98
CA ASN E 187 51.98 -23.76 -6.45
C ASN E 187 52.09 -23.62 -7.96
N ASN E 188 52.97 -24.42 -8.58
CA ASN E 188 53.20 -24.38 -10.02
C ASN E 188 52.03 -24.87 -10.85
N LEU E 189 51.12 -25.64 -10.27
CA LEU E 189 49.87 -25.96 -10.97
C LEU E 189 49.09 -24.67 -11.26
N TRP E 190 49.08 -23.76 -10.30
CA TRP E 190 48.09 -22.67 -10.29
C TRP E 190 48.58 -21.44 -11.04
N ASN E 191 49.88 -21.39 -11.29
CA ASN E 191 50.48 -20.35 -12.13
C ASN E 191 50.79 -20.89 -13.53
N GLY E 192 50.41 -22.14 -13.77
CA GLY E 192 50.53 -22.74 -15.10
C GLY E 192 51.92 -23.23 -15.47
N LYS E 193 52.85 -23.24 -14.52
CA LYS E 193 54.22 -23.69 -14.80
C LYS E 193 54.36 -25.20 -14.82
N LEU E 194 53.48 -25.90 -14.09
CA LEU E 194 53.43 -27.36 -14.09
C LEU E 194 52.08 -27.79 -14.65
N LYS E 195 52.09 -28.64 -15.69
CA LYS E 195 50.85 -29.14 -16.26
C LYS E 195 50.30 -30.28 -15.40
N PHE E 196 48.97 -30.40 -15.37
CA PHE E 196 48.31 -31.52 -14.71
C PHE E 196 48.65 -32.88 -15.36
N THR E 197 49.08 -32.82 -16.62
CA THR E 197 49.50 -33.99 -17.38
C THR E 197 50.97 -34.35 -17.16
N ASP E 198 51.70 -33.57 -16.37
CA ASP E 198 53.06 -33.92 -16.04
C ASP E 198 53.03 -35.24 -15.25
N PRO E 199 53.96 -36.17 -15.55
CA PRO E 199 53.98 -37.41 -14.76
C PRO E 199 53.95 -37.20 -13.25
N LYS E 200 54.57 -36.13 -12.77
CA LYS E 200 54.55 -35.81 -11.34
C LYS E 200 53.11 -35.61 -10.85
N ALA E 201 52.31 -34.90 -11.66
CA ALA E 201 50.94 -34.58 -11.31
C ALA E 201 50.00 -35.77 -11.52
N VAL E 202 50.29 -36.59 -12.54
CA VAL E 202 49.54 -37.82 -12.78
C VAL E 202 49.65 -38.76 -11.58
N ARG E 203 50.85 -38.81 -11.00
CA ARG E 203 51.11 -39.64 -9.84
C ARG E 203 50.21 -39.28 -8.64
N ALA E 204 49.84 -38.01 -8.51
CA ALA E 204 48.91 -37.60 -7.46
C ALA E 204 47.58 -38.37 -7.57
N TRP E 205 47.09 -38.57 -8.79
CA TRP E 205 45.87 -39.37 -9.05
C TRP E 205 46.06 -40.86 -8.76
N GLU E 206 47.25 -41.39 -9.08
CA GLU E 206 47.58 -42.80 -8.74
C GLU E 206 47.58 -43.06 -7.23
N VAL E 207 48.23 -42.19 -6.47
CA VAL E 207 48.28 -42.32 -5.03
C VAL E 207 46.85 -42.13 -4.49
N PHE E 208 46.18 -41.09 -4.96
CA PHE E 208 44.80 -40.84 -4.55
C PHE E 208 43.85 -42.06 -4.75
N GLY E 209 43.97 -42.73 -5.89
CA GLY E 209 43.18 -43.93 -6.14
C GLY E 209 43.44 -45.05 -5.15
N ARG E 210 44.71 -45.23 -4.74
CA ARG E 210 45.04 -46.20 -3.70
C ARG E 210 44.39 -45.81 -2.37
N VAL E 211 44.44 -44.53 -2.04
CA VAL E 211 43.85 -44.04 -0.81
C VAL E 211 42.32 -44.23 -0.81
N LEU E 212 41.68 -44.01 -1.95
CA LEU E 212 40.22 -44.18 -2.06
C LEU E 212 39.78 -45.59 -1.73
N ASP E 213 40.65 -46.55 -1.98
CA ASP E 213 40.33 -47.95 -1.71
C ASP E 213 40.28 -48.26 -0.20
N CYS E 214 40.65 -47.28 0.63
CA CYS E 214 40.54 -47.37 2.08
C CYS E 214 39.26 -46.76 2.64
N ALA E 215 38.48 -46.13 1.77
CA ALA E 215 37.33 -45.34 2.18
C ALA E 215 36.01 -46.13 2.18
N ASN E 216 35.05 -45.59 2.92
CA ASN E 216 33.71 -46.11 2.95
C ASN E 216 33.01 -45.97 1.60
N LYS E 217 32.28 -47.01 1.21
CA LYS E 217 31.68 -47.08 -0.12
C LYS E 217 30.46 -46.20 -0.28
N ASP E 218 29.88 -45.77 0.84
CA ASP E 218 28.71 -44.90 0.86
C ASP E 218 29.03 -43.40 0.96
N ALA E 219 30.29 -43.06 0.71
CA ALA E 219 30.80 -41.69 0.85
C ALA E 219 29.94 -40.67 0.10
N ALA E 220 29.48 -41.02 -1.09
CA ALA E 220 28.86 -40.01 -1.96
C ALA E 220 27.68 -39.30 -1.31
N GLY E 221 26.97 -39.98 -0.42
CA GLY E 221 25.81 -39.40 0.20
C GLY E 221 26.00 -38.75 1.57
N LEU E 222 27.24 -38.64 2.05
CA LEU E 222 27.50 -38.15 3.40
C LEU E 222 28.02 -36.72 3.38
N SER E 223 27.56 -35.94 4.35
CA SER E 223 28.10 -34.61 4.61
C SER E 223 29.46 -34.74 5.27
N TRP E 224 30.19 -33.63 5.32
CA TRP E 224 31.49 -33.68 5.95
C TRP E 224 31.36 -34.05 7.42
N GLN E 225 30.28 -33.59 8.06
CA GLN E 225 30.03 -33.87 9.48
C GLN E 225 29.79 -35.38 9.68
N GLN E 226 29.03 -35.94 8.76
CA GLN E 226 28.75 -37.39 8.84
C GLN E 226 30.00 -38.24 8.70
N ALA E 227 30.95 -37.78 7.87
CA ALA E 227 32.23 -38.48 7.73
C ALA E 227 33.03 -38.36 9.01
N VAL E 228 33.04 -37.17 9.63
CA VAL E 228 33.68 -36.99 10.92
C VAL E 228 33.04 -37.93 11.97
N ASP E 229 31.71 -38.00 11.95
CA ASP E 229 30.97 -38.88 12.88
C ASP E 229 31.46 -40.33 12.79
N ARG E 230 31.80 -40.80 11.60
CA ARG E 230 32.32 -42.17 11.47
C ARG E 230 33.58 -42.38 12.28
N VAL E 231 34.49 -41.40 12.29
CA VAL E 231 35.70 -41.50 13.09
C VAL E 231 35.34 -41.43 14.59
N VAL E 232 34.47 -40.49 14.95
CA VAL E 232 34.05 -40.31 16.34
C VAL E 232 33.44 -41.61 16.90
N GLN E 233 32.69 -42.30 16.06
CA GLN E 233 31.95 -43.52 16.48
C GLN E 233 32.74 -44.80 16.29
N GLY E 234 34.00 -44.71 15.86
CA GLY E 234 34.84 -45.88 15.72
C GLY E 234 34.55 -46.74 14.50
N LYS E 235 33.85 -46.17 13.51
CA LYS E 235 33.58 -46.84 12.23
C LYS E 235 34.62 -46.49 11.17
N ALA E 236 35.55 -45.62 11.54
CA ALA E 236 36.71 -45.29 10.72
C ALA E 236 37.81 -44.89 11.70
N ALA E 237 39.05 -44.83 11.20
CA ALA E 237 40.22 -44.43 12.01
C ALA E 237 40.65 -42.99 11.71
N PHE E 238 40.54 -42.58 10.44
CA PHE E 238 41.05 -41.28 9.98
C PHE E 238 40.06 -40.54 9.11
N ASN E 239 40.20 -39.21 9.10
CA ASN E 239 39.44 -38.35 8.19
C ASN E 239 40.35 -37.18 7.81
N ILE E 240 40.40 -36.85 6.52
CA ILE E 240 41.17 -35.68 6.05
C ILE E 240 40.16 -34.54 5.81
N MET E 241 40.20 -33.49 6.63
CA MET E 241 39.19 -32.44 6.54
C MET E 241 39.72 -31.16 7.17
N GLY E 242 39.17 -30.03 6.75
CA GLY E 242 39.55 -28.74 7.30
C GLY E 242 39.19 -28.60 8.77
N ASP E 243 39.76 -27.62 9.45
CA ASP E 243 39.63 -27.55 10.91
C ASP E 243 38.33 -26.97 11.42
N TRP E 244 37.39 -26.73 10.52
CA TRP E 244 36.03 -26.64 10.94
C TRP E 244 35.61 -27.97 11.66
N ALA E 245 36.32 -29.07 11.39
CA ALA E 245 36.03 -30.35 12.10
C ALA E 245 36.34 -30.24 13.59
N ALA E 246 37.40 -29.51 13.94
CA ALA E 246 37.70 -29.27 15.36
C ALA E 246 36.59 -28.49 16.04
N GLY E 247 36.09 -27.45 15.36
CA GLY E 247 34.96 -26.69 15.88
C GLY E 247 33.71 -27.55 16.09
N TYR E 248 33.40 -28.42 15.13
CA TYR E 248 32.27 -29.35 15.26
C TYR E 248 32.46 -30.27 16.46
N MET E 249 33.63 -30.88 16.55
CA MET E 249 33.90 -31.85 17.62
C MET E 249 33.92 -31.23 19.02
N THR E 250 34.29 -29.95 19.12
CA THR E 250 34.28 -29.25 20.42
C THR E 250 32.97 -28.53 20.70
N THR E 251 32.58 -27.59 19.84
CA THR E 251 31.37 -26.80 20.05
C THR E 251 30.09 -27.63 20.02
N THR E 252 30.00 -28.59 19.11
CA THR E 252 28.79 -29.38 18.94
C THR E 252 28.87 -30.70 19.73
N LEU E 253 29.94 -31.46 19.56
CA LEU E 253 30.05 -32.77 20.21
C LEU E 253 30.68 -32.75 21.62
N LYS E 254 31.16 -31.58 22.06
CA LYS E 254 31.74 -31.42 23.41
C LYS E 254 32.91 -32.34 23.72
N LEU E 255 33.67 -32.72 22.70
CA LEU E 255 34.87 -33.54 22.89
C LEU E 255 36.08 -32.68 23.29
N LYS E 256 36.92 -33.25 24.14
CA LYS E 256 38.10 -32.55 24.64
C LYS E 256 39.27 -32.69 23.66
N PRO E 257 39.81 -31.56 23.17
CA PRO E 257 40.94 -31.63 22.26
C PRO E 257 42.16 -32.29 22.86
N GLY E 258 42.76 -33.22 22.12
CA GLY E 258 43.98 -33.89 22.54
C GLY E 258 43.71 -35.25 23.14
N THR E 259 42.61 -35.37 23.87
CA THR E 259 42.27 -36.62 24.54
C THR E 259 41.12 -37.35 23.87
N ASP E 260 40.01 -36.66 23.62
CA ASP E 260 38.86 -37.26 22.93
C ASP E 260 39.00 -37.30 21.40
N PHE E 261 39.92 -36.49 20.87
CA PHE E 261 40.32 -36.56 19.47
C PHE E 261 41.69 -35.90 19.34
N ALA E 262 42.35 -36.17 18.23
CA ALA E 262 43.64 -35.57 17.97
C ALA E 262 43.80 -35.28 16.49
N TRP E 263 44.93 -34.66 16.13
CA TRP E 263 45.17 -34.18 14.78
C TRP E 263 46.65 -34.29 14.38
N ALA E 264 46.88 -34.39 13.09
CA ALA E 264 48.20 -34.32 12.53
C ALA E 264 48.07 -33.67 11.17
N PRO E 265 49.16 -33.18 10.59
CA PRO E 265 49.06 -32.80 9.18
C PRO E 265 48.68 -34.01 8.33
N SER E 266 47.99 -33.78 7.22
CA SER E 266 47.74 -34.87 6.31
C SER E 266 49.07 -35.52 5.99
N PRO E 267 49.08 -36.85 5.87
CA PRO E 267 50.32 -37.56 5.58
C PRO E 267 51.13 -36.94 4.45
N GLY E 268 52.44 -36.78 4.67
CA GLY E 268 53.35 -36.24 3.66
C GLY E 268 53.38 -34.72 3.51
N THR E 269 52.68 -34.03 4.40
CA THR E 269 52.52 -32.56 4.32
C THR E 269 52.97 -31.83 5.58
N GLN E 270 53.60 -32.55 6.50
CA GLN E 270 54.14 -31.94 7.71
C GLN E 270 55.02 -30.75 7.34
N GLY E 271 54.82 -29.62 8.01
CA GLY E 271 55.65 -28.45 7.75
C GLY E 271 55.03 -27.50 6.74
N VAL E 272 53.92 -27.93 6.11
CA VAL E 272 53.17 -27.09 5.19
C VAL E 272 51.74 -26.90 5.69
N PHE E 273 51.29 -25.66 5.67
CA PHE E 273 49.96 -25.24 6.11
C PHE E 273 49.20 -24.83 4.82
N MET E 274 48.21 -25.64 4.41
CA MET E 274 47.39 -25.34 3.25
C MET E 274 46.18 -24.56 3.76
N MET E 275 46.18 -23.26 3.51
CA MET E 275 45.20 -22.36 4.09
C MET E 275 44.04 -22.00 3.15
N LEU E 276 43.00 -21.47 3.78
CA LEU E 276 41.89 -20.79 3.17
C LEU E 276 41.41 -19.74 4.16
N SER E 277 40.60 -18.81 3.67
CA SER E 277 40.07 -17.78 4.53
C SER E 277 38.68 -17.38 4.10
N ASP E 278 37.75 -17.40 5.06
CA ASP E 278 36.43 -16.88 4.88
C ASP E 278 36.47 -15.38 5.06
N SER E 279 35.79 -14.68 4.16
CA SER E 279 35.79 -13.21 4.17
C SER E 279 34.43 -12.67 3.78
N PHE E 280 34.22 -11.38 4.04
CA PHE E 280 32.99 -10.68 3.66
C PHE E 280 33.36 -9.38 2.96
N GLY E 281 32.65 -9.05 1.90
CA GLY E 281 32.83 -7.79 1.20
C GLY E 281 31.55 -6.98 1.11
N LEU E 282 31.59 -5.99 0.22
CA LEU E 282 30.50 -5.03 0.08
C LEU E 282 30.05 -5.04 -1.37
N PRO E 283 29.01 -5.81 -1.69
CA PRO E 283 28.50 -5.77 -3.05
C PRO E 283 27.91 -4.40 -3.42
N LYS E 284 28.19 -3.94 -4.64
CA LYS E 284 27.49 -2.79 -5.18
C LYS E 284 25.98 -3.04 -5.17
N GLY E 285 25.19 -2.03 -4.84
CA GLY E 285 23.75 -2.15 -4.89
C GLY E 285 23.11 -2.73 -3.64
N ALA E 286 23.93 -3.04 -2.62
CA ALA E 286 23.40 -3.50 -1.31
C ALA E 286 22.32 -2.52 -0.84
N LYS E 287 21.18 -3.06 -0.42
CA LYS E 287 20.07 -2.23 0.06
C LYS E 287 20.43 -1.53 1.39
N ASN E 288 21.20 -2.19 2.25
CA ASN E 288 21.53 -1.66 3.55
C ASN E 288 23.04 -1.47 3.70
N ARG E 289 23.55 -0.51 2.94
CA ARG E 289 24.99 -0.30 2.82
C ARG E 289 25.68 0.05 4.12
N GLN E 290 25.09 0.98 4.87
CA GLN E 290 25.71 1.44 6.12
C GLN E 290 25.80 0.30 7.14
N ASN E 291 24.73 -0.47 7.25
CA ASN E 291 24.72 -1.62 8.16
C ASN E 291 25.71 -2.70 7.74
N ALA E 292 25.83 -2.91 6.43
CA ALA E 292 26.87 -3.81 5.88
C ALA E 292 28.27 -3.36 6.25
N ILE E 293 28.55 -2.07 6.08
CA ILE E 293 29.87 -1.55 6.43
C ILE E 293 30.15 -1.77 7.91
N ASN E 294 29.15 -1.58 8.75
CA ASN E 294 29.34 -1.84 10.19
C ASN E 294 29.59 -3.34 10.49
N TRP E 295 28.95 -4.21 9.71
CA TRP E 295 29.25 -5.64 9.81
C TRP E 295 30.73 -5.91 9.46
N LEU E 296 31.20 -5.33 8.36
CA LEU E 296 32.61 -5.49 7.97
C LEU E 296 33.56 -5.02 9.07
N ARG E 297 33.24 -3.88 9.68
CA ARG E 297 34.07 -3.33 10.75
C ARG E 297 34.14 -4.29 11.94
N LEU E 298 33.02 -4.94 12.25
CA LEU E 298 33.01 -5.97 13.28
C LEU E 298 33.82 -7.19 12.89
N VAL E 299 33.57 -7.68 11.67
CA VAL E 299 34.24 -8.87 11.13
C VAL E 299 35.76 -8.76 11.12
N GLY E 300 36.25 -7.55 10.84
CA GLY E 300 37.69 -7.31 10.74
C GLY E 300 38.37 -6.95 12.06
N SER E 301 37.59 -6.88 13.13
CA SER E 301 38.09 -6.51 14.46
C SER E 301 38.57 -7.70 15.28
N LYS E 302 39.50 -7.43 16.20
CA LYS E 302 39.96 -8.44 17.16
C LYS E 302 38.81 -8.92 18.05
N GLU E 303 37.94 -8.01 18.46
CA GLU E 303 36.82 -8.37 19.31
C GLU E 303 35.94 -9.41 18.62
N GLY E 304 35.60 -9.13 17.37
CA GLY E 304 34.80 -10.06 16.57
C GLY E 304 35.49 -11.38 16.36
N GLN E 305 36.72 -11.35 15.88
CA GLN E 305 37.43 -12.59 15.51
C GLN E 305 37.76 -13.50 16.68
N ASP E 306 38.06 -12.92 17.82
CA ASP E 306 38.40 -13.71 19.00
C ASP E 306 37.15 -14.15 19.76
N THR E 307 35.99 -13.61 19.40
CA THR E 307 34.70 -14.14 19.89
C THR E 307 34.26 -15.39 19.06
N SER E 308 34.25 -15.26 17.74
CA SER E 308 33.67 -16.27 16.86
C SER E 308 34.59 -17.43 16.53
N ASN E 309 35.86 -17.17 16.30
CA ASN E 309 36.77 -18.22 15.85
C ASN E 309 37.03 -19.38 16.84
N PRO E 310 37.11 -19.10 18.15
CA PRO E 310 37.20 -20.23 19.07
C PRO E 310 36.08 -21.28 18.92
N LEU E 311 34.89 -20.84 18.52
CA LEU E 311 33.75 -21.74 18.28
C LEU E 311 33.83 -22.47 16.94
N LYS E 312 34.50 -21.86 15.96
CA LYS E 312 34.47 -22.32 14.57
C LYS E 312 35.52 -23.40 14.27
N GLY E 313 36.65 -23.38 14.99
CA GLY E 313 37.78 -24.26 14.72
C GLY E 313 38.87 -23.61 13.88
N SER E 314 38.54 -22.47 13.28
CA SER E 314 39.54 -21.61 12.63
C SER E 314 40.29 -20.77 13.66
N ILE E 315 41.41 -20.21 13.22
CA ILE E 315 42.14 -19.18 13.97
C ILE E 315 41.75 -17.82 13.37
N ALA E 316 42.03 -16.74 14.10
CA ALA E 316 41.78 -15.38 13.62
C ALA E 316 42.70 -15.05 12.45
N ALA E 317 42.23 -14.17 11.57
CA ALA E 317 43.07 -13.64 10.50
C ALA E 317 44.00 -12.55 11.04
N ARG E 318 43.53 -11.84 12.07
CA ARG E 318 44.31 -10.75 12.67
C ARG E 318 45.60 -11.21 13.37
N LEU E 319 46.67 -10.43 13.14
CA LEU E 319 47.96 -10.71 13.76
C LEU E 319 47.97 -10.52 15.28
N ASP E 320 47.07 -9.69 15.80
CA ASP E 320 47.04 -9.40 17.24
C ASP E 320 46.05 -10.27 18.00
N SER E 321 45.59 -11.36 17.38
CA SER E 321 44.71 -12.30 18.06
C SER E 321 45.29 -12.78 19.40
N ASP E 322 44.42 -12.94 20.39
CA ASP E 322 44.79 -13.42 21.73
C ASP E 322 44.69 -14.95 21.81
N PRO E 323 45.84 -15.65 21.84
CA PRO E 323 45.83 -17.12 21.82
C PRO E 323 45.18 -17.77 23.03
N SER E 324 45.04 -17.00 24.12
CA SER E 324 44.40 -17.49 25.35
C SER E 324 42.91 -17.77 25.18
N LYS E 325 42.29 -17.20 24.15
CA LYS E 325 40.88 -17.43 23.85
C LYS E 325 40.65 -18.76 23.09
N TYR E 326 41.73 -19.45 22.75
CA TYR E 326 41.68 -20.64 21.89
C TYR E 326 42.05 -21.89 22.68
N ASN E 327 41.41 -22.99 22.32
CA ASN E 327 41.66 -24.29 22.93
C ASN E 327 42.94 -24.91 22.38
N ALA E 328 43.24 -26.12 22.81
CA ALA E 328 44.48 -26.77 22.43
C ALA E 328 44.64 -26.90 20.91
N TYR E 329 43.54 -27.13 20.19
CA TYR E 329 43.62 -27.22 18.73
C TYR E 329 44.02 -25.84 18.15
N GLY E 330 43.22 -24.83 18.47
CA GLY E 330 43.43 -23.48 17.95
C GLY E 330 44.85 -22.99 18.18
N GLN E 331 45.36 -23.21 19.39
CA GLN E 331 46.70 -22.77 19.72
C GLN E 331 47.74 -23.51 18.91
N SER E 332 47.48 -24.79 18.65
CA SER E 332 48.31 -25.60 17.77
C SER E 332 48.33 -25.05 16.34
N ALA E 333 47.14 -24.73 15.84
CA ALA E 333 47.04 -24.16 14.48
C ALA E 333 47.74 -22.79 14.36
N MET E 334 47.60 -21.95 15.40
CA MET E 334 48.31 -20.65 15.44
C MET E 334 49.84 -20.80 15.36
N ARG E 335 50.39 -21.79 16.07
CA ARG E 335 51.83 -22.04 16.01
C ARG E 335 52.25 -22.46 14.62
N ASP E 336 51.50 -23.36 14.00
CA ASP E 336 51.85 -23.82 12.66
C ASP E 336 51.70 -22.72 11.62
N TRP E 337 50.70 -21.87 11.81
CA TRP E 337 50.46 -20.76 10.91
C TRP E 337 51.70 -19.86 10.87
N ARG E 338 52.29 -19.66 12.04
CA ARG E 338 53.45 -18.77 12.17
C ARG E 338 54.77 -19.42 11.75
N SER E 339 54.85 -20.74 11.72
CA SER E 339 56.12 -21.42 11.42
C SER E 339 56.20 -22.11 10.05
N ASN E 340 55.07 -22.59 9.54
CA ASN E 340 55.08 -23.45 8.37
C ASN E 340 55.19 -22.68 7.07
N ARG E 341 55.54 -23.41 6.02
CA ARG E 341 55.40 -22.92 4.66
C ARG E 341 53.91 -22.90 4.38
N ILE E 342 53.44 -21.79 3.83
CA ILE E 342 52.01 -21.60 3.55
C ILE E 342 51.76 -21.79 2.06
N VAL E 343 50.75 -22.60 1.74
CA VAL E 343 50.24 -22.70 0.37
C VAL E 343 48.72 -22.55 0.49
N GLY E 344 48.04 -22.37 -0.65
CA GLY E 344 46.60 -22.20 -0.64
C GLY E 344 45.82 -23.43 -1.10
N SER E 345 44.59 -23.49 -0.62
CA SER E 345 43.60 -24.49 -1.01
C SER E 345 42.96 -24.22 -2.39
N LEU E 346 42.74 -25.32 -3.12
CA LEU E 346 41.99 -25.31 -4.34
C LEU E 346 40.48 -25.35 -4.05
N VAL E 347 40.08 -26.36 -3.29
CA VAL E 347 38.66 -26.61 -3.06
C VAL E 347 38.01 -25.43 -2.32
N HIS E 348 38.83 -24.71 -1.53
CA HIS E 348 38.35 -23.61 -0.70
C HIS E 348 38.86 -22.24 -1.18
N GLY E 349 39.12 -22.15 -2.48
CA GLY E 349 39.01 -20.89 -3.19
C GLY E 349 40.24 -20.02 -3.27
N ALA E 350 41.36 -20.44 -2.71
CA ALA E 350 42.54 -19.56 -2.66
C ALA E 350 43.24 -19.48 -4.01
N VAL E 351 43.46 -20.63 -4.64
CA VAL E 351 44.45 -20.71 -5.73
C VAL E 351 43.92 -20.71 -7.15
N ALA E 352 42.63 -21.05 -7.32
CA ALA E 352 42.01 -21.21 -8.64
C ALA E 352 40.67 -20.48 -8.70
N PRO E 353 40.32 -19.94 -9.88
CA PRO E 353 39.03 -19.27 -10.02
C PRO E 353 37.89 -20.26 -10.02
N GLU E 354 36.69 -19.77 -9.73
CA GLU E 354 35.50 -20.64 -9.71
C GLU E 354 35.26 -21.36 -11.03
N SER E 355 35.67 -20.76 -12.14
CA SER E 355 35.55 -21.40 -13.45
C SER E 355 36.24 -22.78 -13.44
N PHE E 356 37.41 -22.85 -12.80
CA PHE E 356 38.15 -24.09 -12.65
C PHE E 356 37.56 -24.95 -11.54
N MET E 357 37.33 -24.34 -10.37
CA MET E 357 36.82 -25.04 -9.18
C MET E 357 35.56 -25.83 -9.47
N SER E 358 34.63 -25.19 -10.16
CA SER E 358 33.34 -25.79 -10.47
C SER E 358 33.51 -27.04 -11.33
N GLN E 359 34.40 -26.97 -12.31
CA GLN E 359 34.59 -28.09 -13.22
C GLN E 359 35.47 -29.18 -12.63
N PHE E 360 36.27 -28.84 -11.63
CA PHE E 360 37.08 -29.87 -10.94
C PHE E 360 36.20 -30.94 -10.28
N GLY E 361 35.03 -30.54 -9.79
CA GLY E 361 34.06 -31.51 -9.28
C GLY E 361 33.65 -32.56 -10.31
N THR E 362 33.44 -32.12 -11.55
CA THR E 362 33.16 -33.02 -12.66
C THR E 362 34.34 -33.95 -12.91
N VAL E 363 35.55 -33.39 -12.91
CA VAL E 363 36.76 -34.22 -13.06
C VAL E 363 36.81 -35.32 -12.00
N MET E 364 36.52 -34.95 -10.76
CA MET E 364 36.55 -35.89 -9.65
C MET E 364 35.45 -36.92 -9.79
N GLU E 365 34.26 -36.46 -10.15
CA GLU E 365 33.13 -37.36 -10.31
C GLU E 365 33.49 -38.44 -11.32
N ILE E 366 34.12 -38.02 -12.41
CA ILE E 366 34.48 -38.94 -13.47
C ILE E 366 35.58 -39.88 -13.00
N PHE E 367 36.59 -39.37 -12.28
CA PHE E 367 37.63 -40.24 -11.77
C PHE E 367 37.05 -41.32 -10.85
N LEU E 368 36.10 -40.95 -9.99
CA LEU E 368 35.44 -41.92 -9.12
C LEU E 368 34.80 -43.05 -9.94
N GLN E 369 34.27 -42.72 -11.11
CA GLN E 369 33.66 -43.72 -11.98
C GLN E 369 34.66 -44.55 -12.75
N THR E 370 35.64 -43.90 -13.37
CA THR E 370 36.58 -44.57 -14.26
C THR E 370 37.80 -45.15 -13.52
N ARG E 371 38.17 -44.52 -12.41
CA ARG E 371 39.44 -44.79 -11.71
C ARG E 371 40.64 -44.82 -12.67
N ASN E 372 40.65 -43.87 -13.61
CA ASN E 372 41.67 -43.76 -14.61
C ASN E 372 42.48 -42.49 -14.34
N PRO E 373 43.65 -42.62 -13.70
CA PRO E 373 44.49 -41.43 -13.38
C PRO E 373 44.88 -40.59 -14.57
N GLN E 374 45.19 -41.21 -15.71
CA GLN E 374 45.61 -40.44 -16.85
C GLN E 374 44.46 -39.60 -17.43
N ALA E 375 43.26 -40.16 -17.43
CA ALA E 375 42.10 -39.42 -17.93
C ALA E 375 41.81 -38.23 -17.03
N ALA E 376 41.90 -38.44 -15.73
CA ALA E 376 41.64 -37.37 -14.76
C ALA E 376 42.64 -36.22 -14.93
N ALA E 377 43.92 -36.57 -15.02
CA ALA E 377 44.97 -35.58 -15.25
C ALA E 377 44.72 -34.79 -16.53
N ASN E 378 44.38 -35.51 -17.59
CA ASN E 378 44.09 -34.91 -18.89
C ASN E 378 42.84 -34.03 -18.82
N ALA E 379 41.85 -34.46 -18.06
CA ALA E 379 40.64 -33.66 -17.84
C ALA E 379 40.92 -32.34 -17.13
N ALA E 380 41.71 -32.40 -16.07
CA ALA E 380 42.11 -31.20 -15.30
C ALA E 380 42.91 -30.23 -16.21
N GLN E 381 43.79 -30.78 -17.03
CA GLN E 381 44.49 -29.96 -18.02
C GLN E 381 43.55 -29.29 -19.05
N ALA E 382 42.56 -30.04 -19.54
CA ALA E 382 41.59 -29.50 -20.50
C ALA E 382 40.87 -28.28 -19.90
N ILE E 383 40.39 -28.43 -18.66
CA ILE E 383 39.69 -27.35 -17.98
C ILE E 383 40.62 -26.16 -17.78
N ALA E 384 41.85 -26.43 -17.33
CA ALA E 384 42.83 -25.36 -17.14
C ALA E 384 42.99 -24.56 -18.43
N ASP E 385 43.15 -25.29 -19.54
CA ASP E 385 43.33 -24.70 -20.86
C ASP E 385 42.11 -23.89 -21.28
N GLN E 386 40.91 -24.43 -21.05
CA GLN E 386 39.67 -23.73 -21.41
C GLN E 386 39.46 -22.43 -20.63
N VAL E 387 39.79 -22.44 -19.33
CA VAL E 387 39.59 -21.24 -18.51
C VAL E 387 40.80 -20.29 -18.54
N GLY E 388 41.88 -20.73 -19.18
CA GLY E 388 43.11 -19.95 -19.23
C GLY E 388 43.74 -19.82 -17.85
N LEU E 389 43.90 -20.94 -17.16
CA LEU E 389 44.36 -20.95 -15.76
C LEU E 389 45.72 -20.28 -15.64
N GLY E 390 45.83 -19.33 -14.73
CA GLY E 390 47.04 -18.55 -14.59
C GLY E 390 46.92 -17.14 -15.18
N ARG E 391 45.98 -16.91 -16.08
CA ARG E 391 45.86 -15.60 -16.74
C ARG E 391 45.50 -14.51 -15.74
N LEU E 392 44.82 -14.87 -14.66
CA LEU E 392 44.45 -13.87 -13.66
C LEU E 392 45.62 -13.65 -12.72
N MET F 1 33.89 -53.39 -38.29
CA MET F 1 34.31 -51.97 -38.45
C MET F 1 33.18 -51.03 -38.01
N LYS F 2 33.55 -49.93 -37.38
CA LYS F 2 32.56 -49.03 -36.74
C LYS F 2 32.85 -47.57 -37.05
N LEU F 3 31.80 -46.74 -36.98
CA LEU F 3 31.95 -45.28 -36.97
C LEU F 3 30.89 -44.73 -35.99
N GLU F 4 31.32 -44.03 -34.95
CA GLU F 4 30.40 -43.46 -33.95
C GLU F 4 30.26 -41.95 -34.17
N ILE F 5 29.11 -41.53 -34.68
CA ILE F 5 28.83 -40.12 -34.98
C ILE F 5 27.95 -39.53 -33.85
N PHE F 6 28.45 -38.45 -33.25
CA PHE F 6 27.76 -37.79 -32.13
C PHE F 6 27.13 -36.48 -32.62
N SER F 7 25.84 -36.27 -32.31
CA SER F 7 25.14 -35.06 -32.75
C SER F 7 23.90 -34.87 -31.88
N TRP F 8 23.16 -33.79 -32.12
CA TRP F 8 21.82 -33.66 -31.55
C TRP F 8 20.70 -33.74 -32.58
N TRP F 9 20.95 -34.46 -33.68
CA TRP F 9 19.97 -34.56 -34.73
C TRP F 9 19.06 -35.78 -34.52
N ALA F 10 18.36 -35.73 -33.40
CA ALA F 10 17.42 -36.76 -32.98
C ALA F 10 16.03 -36.50 -33.55
N GLY F 11 15.22 -37.55 -33.63
CA GLY F 11 13.81 -37.41 -33.99
C GLY F 11 13.65 -36.77 -35.35
N ASP F 12 12.77 -35.79 -35.44
CA ASP F 12 12.51 -35.16 -36.70
C ASP F 12 13.64 -34.25 -37.21
N GLU F 13 14.68 -34.05 -36.42
CA GLU F 13 15.87 -33.39 -36.93
C GLU F 13 16.79 -34.36 -37.68
N GLY F 14 16.50 -35.66 -37.60
CA GLY F 14 17.35 -36.71 -38.15
C GLY F 14 17.41 -36.97 -39.66
N PRO F 15 16.34 -36.65 -40.42
CA PRO F 15 16.34 -36.98 -41.86
C PRO F 15 17.60 -36.62 -42.66
N ALA F 16 18.08 -35.38 -42.53
CA ALA F 16 19.30 -34.96 -43.25
C ALA F 16 20.49 -35.81 -42.85
N LEU F 17 20.72 -35.97 -41.56
CA LEU F 17 21.80 -36.83 -41.08
C LEU F 17 21.65 -38.28 -41.59
N GLU F 18 20.43 -38.81 -41.50
CA GLU F 18 20.16 -40.18 -41.91
C GLU F 18 20.47 -40.39 -43.40
N ALA F 19 20.14 -39.40 -44.24
CA ALA F 19 20.51 -39.44 -45.67
C ALA F 19 22.03 -39.48 -45.87
N LEU F 20 22.77 -38.68 -45.09
CA LEU F 20 24.24 -38.73 -45.15
C LEU F 20 24.82 -40.07 -44.71
N ILE F 21 24.23 -40.66 -43.68
CA ILE F 21 24.68 -41.95 -43.19
C ILE F 21 24.44 -43.04 -44.23
N ARG F 22 23.30 -42.98 -44.93
CA ARG F 22 23.02 -43.92 -46.02
C ARG F 22 24.05 -43.77 -47.12
N LEU F 23 24.33 -42.52 -47.52
CA LEU F 23 25.36 -42.24 -48.52
C LEU F 23 26.75 -42.75 -48.10
N TYR F 24 27.11 -42.57 -46.82
CA TYR F 24 28.35 -43.12 -46.27
C TYR F 24 28.39 -44.65 -46.35
N LYS F 25 27.28 -45.30 -46.00
CA LYS F 25 27.21 -46.78 -45.99
C LYS F 25 27.31 -47.33 -47.42
N GLN F 26 26.76 -46.57 -48.36
CA GLN F 26 26.88 -46.82 -49.79
C GLN F 26 28.36 -46.78 -50.28
N LYS F 27 29.14 -45.84 -49.76
CA LYS F 27 30.55 -45.69 -50.11
C LYS F 27 31.47 -46.63 -49.34
N TYR F 28 31.02 -47.06 -48.17
CA TYR F 28 31.84 -47.80 -47.22
C TYR F 28 31.01 -48.93 -46.61
N PRO F 29 30.76 -49.98 -47.41
CA PRO F 29 29.80 -51.04 -47.04
C PRO F 29 30.05 -51.86 -45.78
N GLY F 30 31.29 -51.95 -45.30
CA GLY F 30 31.58 -52.80 -44.14
C GLY F 30 31.55 -52.10 -42.78
N VAL F 31 31.18 -50.82 -42.79
CA VAL F 31 31.24 -50.01 -41.57
C VAL F 31 29.86 -49.89 -40.94
N GLU F 32 29.76 -50.35 -39.70
CA GLU F 32 28.57 -50.16 -38.87
C GLU F 32 28.60 -48.74 -38.32
N VAL F 33 27.61 -47.92 -38.70
CA VAL F 33 27.51 -46.56 -38.21
C VAL F 33 26.63 -46.50 -36.95
N ILE F 34 27.20 -46.02 -35.86
CA ILE F 34 26.48 -45.82 -34.62
C ILE F 34 26.04 -44.36 -34.60
N ASN F 35 24.74 -44.14 -34.69
CA ASN F 35 24.16 -42.80 -34.75
C ASN F 35 23.89 -42.36 -33.30
N ALA F 36 24.87 -41.70 -32.69
CA ALA F 36 24.84 -41.40 -31.26
C ALA F 36 24.24 -40.01 -31.02
N THR F 37 22.91 -39.91 -31.02
CA THR F 37 22.25 -38.62 -30.84
C THR F 37 21.95 -38.39 -29.37
N VAL F 38 22.11 -37.13 -28.96
CA VAL F 38 21.71 -36.68 -27.64
C VAL F 38 20.55 -35.72 -27.86
N THR F 39 19.37 -36.11 -27.38
CA THR F 39 18.16 -35.37 -27.69
C THR F 39 18.11 -34.03 -26.96
N GLY F 40 17.84 -32.95 -27.71
CA GLY F 40 17.71 -31.63 -27.15
C GLY F 40 18.06 -30.54 -28.16
N GLY F 41 17.11 -29.63 -28.39
CA GLY F 41 17.30 -28.54 -29.33
C GLY F 41 18.55 -27.71 -29.02
N ALA F 42 19.19 -27.26 -30.09
CA ALA F 42 20.35 -26.37 -30.04
C ALA F 42 21.57 -26.92 -29.28
N GLY F 43 21.59 -28.24 -29.06
CA GLY F 43 22.74 -28.92 -28.47
C GLY F 43 23.05 -28.64 -27.01
N VAL F 44 22.07 -28.11 -26.29
CA VAL F 44 22.29 -27.83 -24.87
C VAL F 44 22.60 -29.14 -24.17
N ASN F 45 21.79 -30.17 -24.40
CA ASN F 45 22.04 -31.44 -23.74
C ASN F 45 23.28 -32.15 -24.29
N ALA F 46 23.45 -32.07 -25.61
CA ALA F 46 24.59 -32.70 -26.27
C ALA F 46 25.93 -32.18 -25.71
N ARG F 47 26.01 -30.87 -25.46
CA ARG F 47 27.18 -30.22 -24.83
C ARG F 47 27.59 -30.92 -23.54
N ALA F 48 26.62 -31.13 -22.66
CA ALA F 48 26.85 -31.71 -21.36
C ALA F 48 27.31 -33.16 -21.46
N VAL F 49 26.68 -33.92 -22.34
CA VAL F 49 27.00 -35.35 -22.49
C VAL F 49 28.40 -35.49 -23.13
N LEU F 50 28.67 -34.66 -24.13
CA LEU F 50 30.00 -34.65 -24.75
C LEU F 50 31.09 -34.32 -23.74
N LYS F 51 30.84 -33.35 -22.87
CA LYS F 51 31.80 -32.99 -21.83
C LYS F 51 32.17 -34.22 -20.98
N THR F 52 31.15 -34.99 -20.58
CA THR F 52 31.38 -36.15 -19.74
C THR F 52 32.26 -37.15 -20.49
N ARG F 53 31.95 -37.37 -21.76
CA ARG F 53 32.71 -38.31 -22.59
C ARG F 53 34.14 -37.87 -22.84
N MET F 54 34.30 -36.59 -23.20
CA MET F 54 35.66 -36.07 -23.47
C MET F 54 36.52 -36.06 -22.21
N LEU F 55 35.97 -35.58 -21.09
CA LEU F 55 36.73 -35.49 -19.85
C LEU F 55 36.99 -36.87 -19.21
N GLY F 56 36.20 -37.87 -19.63
CA GLY F 56 36.42 -39.27 -19.24
C GLY F 56 37.39 -40.00 -20.15
N GLY F 57 37.93 -39.31 -21.14
CA GLY F 57 38.84 -39.95 -22.10
C GLY F 57 38.18 -40.90 -23.06
N ASP F 58 36.93 -40.61 -23.44
CA ASP F 58 36.14 -41.47 -24.29
C ASP F 58 35.50 -40.69 -25.42
N PRO F 59 36.34 -40.09 -26.29
CA PRO F 59 35.75 -39.32 -27.37
C PRO F 59 34.95 -40.19 -28.35
N PRO F 60 33.90 -39.64 -28.98
CA PRO F 60 33.31 -40.30 -30.10
C PRO F 60 34.26 -40.13 -31.30
N ASP F 61 33.93 -40.72 -32.45
CA ASP F 61 34.82 -40.62 -33.63
C ASP F 61 34.76 -39.23 -34.23
N THR F 62 33.62 -38.57 -34.05
CA THR F 62 33.41 -37.23 -34.54
C THR F 62 32.16 -36.68 -33.87
N PHE F 63 32.09 -35.36 -33.70
CA PHE F 63 30.91 -34.77 -33.09
C PHE F 63 30.49 -33.49 -33.80
N GLN F 64 29.16 -33.31 -33.85
CA GLN F 64 28.58 -32.05 -34.31
C GLN F 64 29.07 -30.91 -33.44
N VAL F 65 29.60 -29.88 -34.08
CA VAL F 65 30.11 -28.71 -33.38
C VAL F 65 29.95 -27.47 -34.25
N HIS F 66 29.60 -26.36 -33.61
CA HIS F 66 29.42 -25.11 -34.34
C HIS F 66 30.76 -24.47 -34.72
N ALA F 67 30.88 -24.05 -35.98
CA ALA F 67 32.03 -23.25 -36.41
C ALA F 67 32.06 -21.95 -35.65
N GLY F 68 33.27 -21.52 -35.27
CA GLY F 68 33.47 -20.26 -34.59
C GLY F 68 33.96 -20.50 -33.18
N MET F 69 33.62 -19.57 -32.29
CA MET F 69 34.13 -19.62 -30.92
C MET F 69 33.69 -20.84 -30.12
N GLU F 70 32.53 -21.41 -30.43
CA GLU F 70 32.14 -22.66 -29.73
C GLU F 70 33.20 -23.74 -29.97
N LEU F 71 33.56 -23.93 -31.24
CA LEU F 71 34.59 -24.90 -31.63
C LEU F 71 35.92 -24.56 -30.97
N ILE F 72 36.34 -23.30 -31.15
CA ILE F 72 37.70 -22.93 -30.77
C ILE F 72 37.87 -22.94 -29.25
N GLY F 73 36.90 -22.38 -28.52
CA GLY F 73 37.08 -22.12 -27.10
C GLY F 73 36.90 -23.31 -26.16
N THR F 74 36.50 -24.45 -26.71
CA THR F 74 36.29 -25.63 -25.90
C THR F 74 37.33 -26.70 -26.24
N TRP F 75 37.09 -27.56 -27.23
CA TRP F 75 37.96 -28.72 -27.41
C TRP F 75 39.25 -28.42 -28.19
N VAL F 76 39.26 -27.35 -28.97
CA VAL F 76 40.49 -26.93 -29.70
C VAL F 76 41.51 -26.33 -28.73
N VAL F 77 41.13 -25.30 -27.96
CA VAL F 77 42.04 -24.74 -26.96
C VAL F 77 42.53 -25.78 -25.94
N ALA F 78 41.72 -26.80 -25.69
CA ALA F 78 42.08 -27.89 -24.77
C ALA F 78 42.97 -28.95 -25.41
N ASN F 79 43.38 -28.75 -26.67
CA ASN F 79 44.28 -29.66 -27.37
C ASN F 79 43.72 -31.07 -27.51
N ARG F 80 42.42 -31.18 -27.74
CA ARG F 80 41.75 -32.48 -27.89
C ARG F 80 41.36 -32.79 -29.34
N MET F 81 41.64 -31.87 -30.25
CA MET F 81 41.26 -32.06 -31.65
C MET F 81 42.49 -32.19 -32.54
N GLU F 82 42.37 -32.98 -33.59
CA GLU F 82 43.42 -33.03 -34.64
C GLU F 82 43.34 -31.86 -35.61
N ASP F 83 44.51 -31.38 -36.03
CA ASP F 83 44.61 -30.32 -37.05
C ASP F 83 44.27 -30.96 -38.38
N LEU F 84 43.34 -30.34 -39.11
CA LEU F 84 42.85 -30.92 -40.36
C LEU F 84 43.50 -30.25 -41.57
N SER F 85 44.53 -29.45 -41.34
CA SER F 85 45.12 -28.63 -42.41
C SER F 85 45.53 -29.47 -43.64
N ALA F 86 46.10 -30.65 -43.42
CA ALA F 86 46.52 -31.54 -44.53
C ALA F 86 45.35 -32.11 -45.31
N LEU F 87 44.26 -32.44 -44.60
CA LEU F 87 43.04 -32.89 -45.24
C LEU F 87 42.42 -31.78 -46.08
N PHE F 88 42.42 -30.56 -45.54
CA PHE F 88 41.93 -29.41 -46.30
C PHE F 88 42.72 -29.21 -47.60
N ARG F 89 44.04 -29.35 -47.51
CA ARG F 89 44.88 -29.26 -48.71
C ARG F 89 44.55 -30.40 -49.66
N GLN F 90 44.53 -31.62 -49.15
CA GLN F 90 44.17 -32.77 -49.97
C GLN F 90 42.83 -32.60 -50.69
N GLU F 91 41.78 -32.14 -49.99
CA GLU F 91 40.44 -32.09 -50.58
C GLU F 91 40.13 -30.80 -51.36
N GLY F 92 41.04 -29.84 -51.34
CA GLY F 92 40.81 -28.57 -52.05
C GLY F 92 39.79 -27.65 -51.38
N TRP F 93 39.63 -27.86 -50.08
CA TRP F 93 38.61 -27.15 -49.32
C TRP F 93 38.92 -25.67 -49.10
N LEU F 94 40.19 -25.27 -49.20
CA LEU F 94 40.50 -23.87 -49.04
C LEU F 94 39.95 -23.01 -50.17
N GLN F 95 39.68 -23.64 -51.32
CA GLN F 95 38.98 -22.96 -52.42
C GLN F 95 37.47 -23.26 -52.46
N ALA F 96 37.06 -24.37 -51.85
CA ALA F 96 35.65 -24.81 -51.92
C ALA F 96 34.70 -24.08 -50.97
N PHE F 97 35.24 -23.49 -49.90
CA PHE F 97 34.46 -22.71 -48.92
C PHE F 97 34.81 -21.22 -48.93
N PRO F 98 33.84 -20.36 -48.58
CA PRO F 98 34.15 -18.94 -48.49
C PRO F 98 35.21 -18.64 -47.42
N LYS F 99 36.03 -17.62 -47.67
CA LYS F 99 37.11 -17.26 -46.76
C LYS F 99 36.65 -17.00 -45.33
N GLY F 100 35.53 -16.30 -45.18
CA GLY F 100 34.96 -15.99 -43.88
C GLY F 100 34.66 -17.22 -43.05
N LEU F 101 34.22 -18.28 -43.71
CA LEU F 101 33.91 -19.54 -43.05
C LEU F 101 35.19 -20.26 -42.64
N ILE F 102 36.19 -20.28 -43.52
CA ILE F 102 37.51 -20.83 -43.19
C ILE F 102 38.09 -20.13 -41.95
N ASP F 103 37.92 -18.82 -41.89
CA ASP F 103 38.37 -18.03 -40.74
C ASP F 103 37.73 -18.54 -39.43
N LEU F 104 36.44 -18.91 -39.46
CA LEU F 104 35.76 -19.35 -38.22
C LEU F 104 36.23 -20.70 -37.68
N ILE F 105 36.78 -21.54 -38.56
CA ILE F 105 37.24 -22.88 -38.16
C ILE F 105 38.78 -22.95 -38.02
N SER F 106 39.43 -21.80 -38.19
CA SER F 106 40.91 -21.71 -38.14
C SER F 106 41.38 -21.02 -36.86
N TYR F 107 42.47 -21.50 -36.28
CA TYR F 107 43.00 -20.94 -35.05
C TYR F 107 44.44 -21.42 -34.86
N LYS F 108 45.32 -20.48 -34.51
CA LYS F 108 46.74 -20.77 -34.21
C LYS F 108 47.40 -21.61 -35.30
N GLY F 109 47.14 -21.29 -36.56
CA GLY F 109 47.75 -22.00 -37.67
C GLY F 109 47.16 -23.36 -38.06
N GLY F 110 46.13 -23.82 -37.34
CA GLY F 110 45.47 -25.08 -37.65
C GLY F 110 44.07 -24.81 -38.16
N ILE F 111 43.44 -25.86 -38.68
CA ILE F 111 42.06 -25.82 -39.17
C ILE F 111 41.39 -27.01 -38.52
N TRP F 112 40.23 -26.78 -37.88
CA TRP F 112 39.81 -27.68 -36.80
C TRP F 112 38.49 -28.44 -36.99
N SER F 113 37.71 -28.09 -38.01
CA SER F 113 36.49 -28.82 -38.32
C SER F 113 36.12 -28.61 -39.78
N VAL F 114 35.17 -29.42 -40.27
CA VAL F 114 34.69 -29.35 -41.65
C VAL F 114 33.21 -28.94 -41.65
N PRO F 115 32.90 -27.74 -42.17
CA PRO F 115 31.52 -27.28 -42.25
C PRO F 115 30.67 -28.10 -43.19
N VAL F 116 29.49 -28.53 -42.74
CA VAL F 116 28.54 -29.26 -43.60
C VAL F 116 27.43 -28.38 -44.16
N ASN F 117 27.23 -27.20 -43.57
CA ASN F 117 26.11 -26.34 -43.95
C ASN F 117 26.26 -24.90 -43.54
N ILE F 118 25.27 -24.10 -43.90
CA ILE F 118 25.07 -22.77 -43.34
C ILE F 118 23.59 -22.68 -42.93
N HIS F 119 23.34 -22.36 -41.66
CA HIS F 119 21.98 -22.04 -41.20
C HIS F 119 21.89 -20.54 -40.96
N ARG F 120 20.68 -20.01 -41.08
CA ARG F 120 20.38 -18.60 -40.80
C ARG F 120 19.54 -18.55 -39.51
N SER F 121 19.96 -17.71 -38.56
CA SER F 121 19.24 -17.55 -37.29
C SER F 121 18.04 -16.61 -37.42
N ASN F 122 18.20 -15.50 -38.14
CA ASN F 122 17.27 -14.39 -38.07
C ASN F 122 16.17 -14.46 -39.13
N VAL F 123 15.32 -15.48 -39.00
CA VAL F 123 14.18 -15.66 -39.91
C VAL F 123 12.86 -15.65 -39.13
N MET F 124 11.89 -14.92 -39.68
CA MET F 124 10.52 -14.87 -39.18
C MET F 124 9.62 -15.71 -40.09
N TRP F 125 8.93 -16.68 -39.50
CA TRP F 125 8.07 -17.65 -40.21
C TRP F 125 6.63 -17.25 -39.95
N TYR F 126 5.80 -17.35 -40.98
CA TYR F 126 4.36 -17.08 -40.87
C TYR F 126 3.63 -17.81 -41.97
N LEU F 127 2.29 -17.78 -41.93
CA LEU F 127 1.48 -18.29 -43.04
C LEU F 127 0.88 -17.10 -43.83
N PRO F 128 1.25 -16.96 -45.11
CA PRO F 128 0.92 -15.72 -45.83
C PRO F 128 -0.59 -15.41 -45.93
N ALA F 129 -1.37 -16.48 -45.98
CA ALA F 129 -2.82 -16.42 -46.07
C ALA F 129 -3.40 -15.83 -44.80
N LYS F 130 -2.92 -16.33 -43.66
CA LYS F 130 -3.39 -15.88 -42.35
C LYS F 130 -3.17 -14.37 -42.18
N LEU F 131 -1.94 -13.92 -42.43
CA LEU F 131 -1.66 -12.49 -42.38
C LEU F 131 -2.59 -11.66 -43.28
N LYS F 132 -2.82 -12.14 -44.50
CA LYS F 132 -3.69 -11.44 -45.46
C LYS F 132 -5.13 -11.37 -44.93
N GLY F 133 -5.63 -12.50 -44.41
CA GLY F 133 -6.96 -12.54 -43.82
C GLY F 133 -7.13 -11.67 -42.57
N TRP F 134 -6.06 -11.48 -41.80
CA TRP F 134 -6.09 -10.62 -40.63
C TRP F 134 -5.84 -9.17 -41.03
N GLY F 135 -5.54 -8.92 -42.30
CA GLY F 135 -5.32 -7.57 -42.78
C GLY F 135 -4.06 -6.93 -42.25
N VAL F 136 -3.05 -7.77 -42.02
CA VAL F 136 -1.75 -7.30 -41.53
C VAL F 136 -0.66 -7.76 -42.47
N ASN F 137 0.37 -6.93 -42.64
CA ASN F 137 1.54 -7.29 -43.42
C ASN F 137 2.56 -8.00 -42.51
N PRO F 138 3.53 -8.74 -43.10
CA PRO F 138 4.65 -9.21 -42.28
C PRO F 138 5.44 -8.01 -41.79
N PRO F 139 5.64 -7.89 -40.46
CA PRO F 139 6.31 -6.69 -39.96
C PRO F 139 7.79 -6.58 -40.33
N ARG F 140 8.20 -5.38 -40.74
CA ARG F 140 9.56 -5.12 -41.20
C ARG F 140 10.45 -4.49 -40.12
N THR F 141 9.83 -4.02 -39.04
CA THR F 141 10.55 -3.43 -37.93
C THR F 141 9.90 -3.90 -36.65
N TRP F 142 10.59 -3.75 -35.53
CA TRP F 142 10.01 -4.18 -34.26
C TRP F 142 8.85 -3.29 -33.80
N ASP F 143 8.90 -2.00 -34.10
CA ASP F 143 7.76 -1.11 -33.85
C ASP F 143 6.53 -1.60 -34.58
N LYS F 144 6.67 -1.94 -35.86
CA LYS F 144 5.54 -2.46 -36.61
C LYS F 144 5.09 -3.81 -36.12
N PHE F 145 6.04 -4.64 -35.70
CA PHE F 145 5.72 -5.93 -35.13
C PHE F 145 4.83 -5.78 -33.89
N LEU F 146 5.22 -4.86 -33.01
CA LEU F 146 4.46 -4.62 -31.79
C LEU F 146 3.05 -4.08 -32.10
N ALA F 147 2.99 -3.14 -33.03
CA ALA F 147 1.70 -2.59 -33.50
C ALA F 147 0.81 -3.66 -34.10
N THR F 148 1.37 -4.51 -34.97
CA THR F 148 0.60 -5.58 -35.58
C THR F 148 0.14 -6.62 -34.57
N CYS F 149 0.99 -6.93 -33.58
CA CYS F 149 0.58 -7.86 -32.55
C CYS F 149 -0.58 -7.32 -31.72
N GLN F 150 -0.60 -6.01 -31.45
CA GLN F 150 -1.73 -5.41 -30.72
C GLN F 150 -3.02 -5.52 -31.52
N THR F 151 -2.95 -5.20 -32.81
CA THR F 151 -4.07 -5.40 -33.72
C THR F 151 -4.55 -6.84 -33.70
N LEU F 152 -3.62 -7.79 -33.77
CA LEU F 152 -3.99 -9.21 -33.75
C LEU F 152 -4.62 -9.65 -32.41
N LYS F 153 -4.15 -9.09 -31.30
CA LYS F 153 -4.77 -9.35 -29.99
C LYS F 153 -6.21 -8.82 -29.98
N GLN F 154 -6.39 -7.63 -30.54
CA GLN F 154 -7.72 -7.02 -30.71
C GLN F 154 -8.68 -7.86 -31.55
N LYS F 155 -8.13 -8.65 -32.48
CA LYS F 155 -8.91 -9.56 -33.32
C LYS F 155 -9.09 -10.93 -32.70
N GLY F 156 -8.63 -11.13 -31.47
CA GLY F 156 -8.83 -12.41 -30.79
C GLY F 156 -7.68 -13.41 -30.83
N LEU F 157 -6.50 -12.97 -31.32
CA LEU F 157 -5.29 -13.83 -31.27
C LEU F 157 -4.47 -13.47 -30.03
N GLU F 158 -4.64 -14.29 -29.00
CA GLU F 158 -4.13 -14.01 -27.65
C GLU F 158 -2.60 -13.89 -27.57
N ALA F 159 -1.93 -14.79 -28.31
CA ALA F 159 -0.47 -14.89 -28.29
C ALA F 159 0.05 -14.90 -29.75
N PRO F 160 0.12 -13.71 -30.38
CA PRO F 160 0.53 -13.68 -31.80
C PRO F 160 1.95 -14.20 -32.06
N LEU F 161 2.84 -14.14 -31.06
CA LEU F 161 4.20 -14.68 -31.23
C LEU F 161 4.31 -16.06 -30.62
N ALA F 162 4.76 -17.02 -31.40
CA ALA F 162 5.05 -18.36 -30.91
C ALA F 162 6.45 -18.38 -30.31
N LEU F 163 6.62 -19.05 -29.17
CA LEU F 163 7.90 -19.13 -28.49
C LEU F 163 7.98 -20.43 -27.71
N GLY F 164 9.19 -20.94 -27.52
CA GLY F 164 9.39 -22.17 -26.77
C GLY F 164 10.36 -22.02 -25.62
N GLU F 165 11.06 -23.10 -25.32
CA GLU F 165 11.97 -23.18 -24.20
C GLU F 165 13.11 -22.16 -24.20
N ASN F 166 13.83 -22.09 -23.07
CA ASN F 166 14.86 -21.10 -22.80
C ASN F 166 15.73 -20.75 -24.02
N TRP F 167 16.34 -21.75 -24.66
CA TRP F 167 17.27 -21.42 -25.76
C TRP F 167 16.56 -20.70 -26.90
N THR F 168 15.27 -21.01 -27.12
CA THR F 168 14.51 -20.34 -28.20
C THR F 168 14.24 -18.87 -27.84
N GLN F 169 14.21 -18.59 -26.55
CA GLN F 169 14.08 -17.21 -26.07
C GLN F 169 15.38 -16.43 -26.28
N GLN F 170 16.51 -17.07 -26.03
CA GLN F 170 17.81 -16.50 -26.41
C GLN F 170 17.88 -16.26 -27.92
N HIS F 171 17.36 -17.23 -28.66
CA HIS F 171 17.32 -17.16 -30.11
C HIS F 171 16.55 -15.94 -30.59
N LEU F 172 15.36 -15.74 -30.03
CA LEU F 172 14.61 -14.50 -30.29
C LEU F 172 15.44 -13.26 -29.93
N TRP F 173 16.09 -13.28 -28.76
CA TRP F 173 16.86 -12.15 -28.29
C TRP F 173 17.94 -11.74 -29.28
N GLU F 174 18.62 -12.71 -29.90
CA GLU F 174 19.73 -12.31 -30.78
C GLU F 174 19.21 -11.58 -32.03
N SER F 175 18.03 -11.96 -32.51
CA SER F 175 17.39 -11.17 -33.59
C SER F 175 17.03 -9.75 -33.14
N VAL F 176 16.44 -9.63 -31.95
CA VAL F 176 16.12 -8.29 -31.42
C VAL F 176 17.38 -7.44 -31.22
N ALA F 177 18.43 -8.01 -30.63
CA ALA F 177 19.70 -7.28 -30.44
C ALA F 177 20.31 -6.82 -31.77
N LEU F 178 20.30 -7.69 -32.78
CA LEU F 178 20.85 -7.34 -34.09
C LEU F 178 20.07 -6.16 -34.69
N ALA F 179 18.76 -6.16 -34.53
CA ALA F 179 17.92 -5.07 -35.03
C ALA F 179 18.16 -3.75 -34.28
N VAL F 180 18.28 -3.81 -32.96
CA VAL F 180 18.48 -2.63 -32.16
C VAL F 180 19.88 -2.03 -32.36
N LEU F 181 20.89 -2.89 -32.42
CA LEU F 181 22.26 -2.48 -32.49
C LEU F 181 22.79 -2.22 -33.90
N GLY F 182 22.27 -2.97 -34.87
CA GLY F 182 22.86 -3.00 -36.21
C GLY F 182 24.05 -3.93 -36.22
N PRO F 183 24.46 -4.39 -37.40
CA PRO F 183 25.50 -5.40 -37.48
C PRO F 183 26.86 -4.97 -36.89
N ASP F 184 27.22 -3.70 -37.04
CA ASP F 184 28.52 -3.24 -36.53
C ASP F 184 28.60 -3.34 -35.01
N ASP F 185 27.60 -2.79 -34.33
CA ASP F 185 27.57 -2.81 -32.87
C ASP F 185 27.25 -4.20 -32.33
N TRP F 186 26.50 -5.01 -33.08
CA TRP F 186 26.37 -6.42 -32.73
C TRP F 186 27.75 -7.07 -32.66
N ASN F 187 28.55 -6.92 -33.73
CA ASN F 187 29.90 -7.45 -33.75
C ASN F 187 30.76 -6.92 -32.61
N ASN F 188 30.54 -5.66 -32.25
CA ASN F 188 31.31 -5.02 -31.18
C ASN F 188 31.06 -5.56 -29.77
N LEU F 189 29.91 -6.21 -29.57
CA LEU F 189 29.75 -6.94 -28.33
C LEU F 189 30.79 -8.06 -28.16
N TRP F 190 31.12 -8.75 -29.25
CA TRP F 190 31.85 -10.02 -29.17
C TRP F 190 33.35 -9.81 -29.22
N ASN F 191 33.79 -8.61 -29.59
CA ASN F 191 35.20 -8.28 -29.52
C ASN F 191 35.49 -7.35 -28.33
N GLY F 192 34.46 -7.06 -27.54
CA GLY F 192 34.62 -6.26 -26.33
C GLY F 192 34.57 -4.76 -26.55
N LYS F 193 34.39 -4.32 -27.78
CA LYS F 193 34.37 -2.89 -28.06
C LYS F 193 33.11 -2.18 -27.55
N LEU F 194 31.98 -2.90 -27.49
CA LEU F 194 30.73 -2.36 -26.94
C LEU F 194 30.35 -3.18 -25.70
N LYS F 195 30.18 -2.52 -24.56
CA LYS F 195 29.74 -3.20 -23.34
C LYS F 195 28.25 -3.51 -23.40
N PHE F 196 27.84 -4.64 -22.80
CA PHE F 196 26.42 -4.96 -22.65
C PHE F 196 25.64 -3.95 -21.82
N THR F 197 26.35 -3.19 -21.00
CA THR F 197 25.76 -2.17 -20.14
C THR F 197 25.64 -0.81 -20.86
N ASP F 198 26.22 -0.70 -22.05
CA ASP F 198 26.03 0.51 -22.86
C ASP F 198 24.54 0.74 -23.08
N PRO F 199 24.07 2.00 -22.98
CA PRO F 199 22.65 2.21 -23.20
C PRO F 199 22.08 1.61 -24.49
N LYS F 200 22.86 1.59 -25.56
CA LYS F 200 22.42 1.02 -26.83
C LYS F 200 22.06 -0.45 -26.63
N ALA F 201 22.90 -1.16 -25.88
CA ALA F 201 22.75 -2.58 -25.63
C ALA F 201 21.66 -2.88 -24.59
N VAL F 202 21.50 -1.98 -23.60
CA VAL F 202 20.39 -2.11 -22.67
C VAL F 202 19.05 -2.03 -23.42
N ARG F 203 18.98 -1.16 -24.43
CA ARG F 203 17.76 -1.01 -25.19
C ARG F 203 17.30 -2.33 -25.87
N ALA F 204 18.24 -3.20 -26.24
CA ALA F 204 17.88 -4.51 -26.79
C ALA F 204 17.01 -5.29 -25.81
N TRP F 205 17.34 -5.26 -24.52
CA TRP F 205 16.49 -5.91 -23.52
C TRP F 205 15.13 -5.25 -23.37
N GLU F 206 15.10 -3.90 -23.48
CA GLU F 206 13.85 -3.17 -23.41
C GLU F 206 12.90 -3.57 -24.53
N VAL F 207 13.40 -3.59 -25.76
CA VAL F 207 12.57 -3.99 -26.90
C VAL F 207 12.17 -5.46 -26.75
N PHE F 208 13.13 -6.29 -26.36
CA PHE F 208 12.87 -7.73 -26.15
C PHE F 208 11.74 -7.96 -25.15
N GLY F 209 11.75 -7.22 -24.04
CA GLY F 209 10.68 -7.29 -23.04
C GLY F 209 9.29 -7.00 -23.62
N ARG F 210 9.22 -6.01 -24.50
CA ARG F 210 7.95 -5.68 -25.19
C ARG F 210 7.51 -6.81 -26.13
N VAL F 211 8.47 -7.37 -26.86
CA VAL F 211 8.19 -8.50 -27.76
C VAL F 211 7.73 -9.76 -26.99
N LEU F 212 8.37 -10.02 -25.85
CA LEU F 212 8.01 -11.15 -25.00
C LEU F 212 6.54 -11.10 -24.56
N ASP F 213 6.02 -9.89 -24.37
CA ASP F 213 4.62 -9.72 -23.98
C ASP F 213 3.61 -10.13 -25.08
N CYS F 214 4.11 -10.43 -26.28
CA CYS F 214 3.29 -10.93 -27.39
C CYS F 214 3.27 -12.44 -27.50
N ALA F 215 4.06 -13.11 -26.66
CA ALA F 215 4.26 -14.55 -26.77
C ALA F 215 3.30 -15.39 -25.90
N ASN F 216 3.20 -16.66 -26.25
CA ASN F 216 2.46 -17.62 -25.44
C ASN F 216 3.09 -17.83 -24.06
N LYS F 217 2.21 -17.91 -23.06
CA LYS F 217 2.66 -17.95 -21.68
C LYS F 217 3.25 -19.30 -21.27
N ASP F 218 2.96 -20.32 -22.07
CA ASP F 218 3.42 -21.67 -21.82
C ASP F 218 4.72 -22.00 -22.55
N ALA F 219 5.39 -20.98 -23.07
CA ALA F 219 6.61 -21.18 -23.88
C ALA F 219 7.67 -22.04 -23.20
N ALA F 220 7.86 -21.89 -21.90
CA ALA F 220 9.01 -22.51 -21.24
C ALA F 220 9.10 -24.03 -21.42
N GLY F 221 7.95 -24.70 -21.55
CA GLY F 221 7.94 -26.15 -21.65
C GLY F 221 7.78 -26.73 -23.03
N LEU F 222 7.92 -25.89 -24.07
CA LEU F 222 7.71 -26.32 -25.46
C LEU F 222 9.05 -26.45 -26.21
N SER F 223 9.15 -27.46 -27.06
CA SER F 223 10.27 -27.59 -28.00
C SER F 223 10.18 -26.53 -29.10
N TRP F 224 11.28 -26.28 -29.81
CA TRP F 224 11.22 -25.34 -30.94
C TRP F 224 10.19 -25.82 -32.01
N GLN F 225 10.08 -27.14 -32.21
CA GLN F 225 9.11 -27.68 -33.19
C GLN F 225 7.67 -27.38 -32.77
N GLN F 226 7.42 -27.51 -31.46
CA GLN F 226 6.07 -27.20 -30.93
C GLN F 226 5.71 -25.72 -31.10
N ALA F 227 6.71 -24.83 -30.97
CA ALA F 227 6.50 -23.42 -31.24
C ALA F 227 6.17 -23.16 -32.73
N VAL F 228 6.89 -23.83 -33.64
CA VAL F 228 6.58 -23.75 -35.06
C VAL F 228 5.16 -24.27 -35.31
N ASP F 229 4.82 -25.38 -34.66
CA ASP F 229 3.48 -25.99 -34.76
C ASP F 229 2.39 -24.97 -34.46
N ARG F 230 2.62 -24.09 -33.49
CA ARG F 230 1.61 -23.07 -33.17
C ARG F 230 1.31 -22.15 -34.32
N VAL F 231 2.34 -21.80 -35.10
CA VAL F 231 2.14 -20.97 -36.28
C VAL F 231 1.36 -21.78 -37.33
N VAL F 232 1.77 -23.03 -37.55
CA VAL F 232 1.14 -23.88 -38.55
C VAL F 232 -0.38 -24.02 -38.23
N GLN F 233 -0.68 -24.10 -36.93
CA GLN F 233 -2.04 -24.27 -36.41
C GLN F 233 -2.87 -22.98 -36.35
N GLY F 234 -2.28 -21.81 -36.62
CA GLY F 234 -3.01 -20.54 -36.51
C GLY F 234 -3.24 -20.07 -35.08
N LYS F 235 -2.51 -20.69 -34.14
CA LYS F 235 -2.51 -20.27 -32.73
C LYS F 235 -1.49 -19.17 -32.45
N ALA F 236 -0.70 -18.85 -33.47
CA ALA F 236 0.27 -17.77 -33.44
C ALA F 236 0.37 -17.28 -34.88
N ALA F 237 0.80 -16.03 -35.05
CA ALA F 237 1.04 -15.46 -36.39
C ALA F 237 2.50 -15.61 -36.81
N PHE F 238 3.43 -15.52 -35.85
CA PHE F 238 4.86 -15.41 -36.14
C PHE F 238 5.70 -16.31 -35.26
N ASN F 239 6.86 -16.73 -35.78
CA ASN F 239 7.89 -17.40 -34.98
C ASN F 239 9.25 -16.94 -35.48
N ILE F 240 10.18 -16.66 -34.56
CA ILE F 240 11.55 -16.28 -34.92
C ILE F 240 12.40 -17.51 -34.65
N MET F 241 12.97 -18.11 -35.69
CA MET F 241 13.66 -19.37 -35.50
C MET F 241 14.60 -19.63 -36.69
N GLY F 242 15.66 -20.40 -36.46
CA GLY F 242 16.58 -20.73 -37.52
C GLY F 242 15.91 -21.53 -38.61
N ASP F 243 16.55 -21.61 -39.77
CA ASP F 243 15.91 -22.27 -40.92
C ASP F 243 15.91 -23.79 -40.90
N TRP F 244 16.34 -24.39 -39.80
CA TRP F 244 15.94 -25.78 -39.54
C TRP F 244 14.40 -25.88 -39.49
N ALA F 245 13.73 -24.76 -39.22
CA ALA F 245 12.25 -24.70 -39.22
C ALA F 245 11.65 -24.96 -40.60
N ALA F 246 12.35 -24.48 -41.65
CA ALA F 246 11.92 -24.72 -43.03
C ALA F 246 12.04 -26.20 -43.34
N GLY F 247 13.14 -26.84 -42.92
CA GLY F 247 13.31 -28.28 -43.09
C GLY F 247 12.21 -29.07 -42.39
N TYR F 248 11.89 -28.66 -41.16
CA TYR F 248 10.81 -29.32 -40.42
C TYR F 248 9.49 -29.23 -41.17
N MET F 249 9.18 -28.02 -41.65
CA MET F 249 7.89 -27.74 -42.31
C MET F 249 7.76 -28.45 -43.66
N THR F 250 8.89 -28.65 -44.36
CA THR F 250 8.86 -29.31 -45.66
C THR F 250 9.06 -30.81 -45.52
N THR F 251 10.16 -31.22 -44.91
CA THR F 251 10.53 -32.63 -44.81
C THR F 251 9.61 -33.43 -43.90
N THR F 252 9.22 -32.84 -42.76
CA THR F 252 8.40 -33.57 -41.80
C THR F 252 6.89 -33.34 -42.02
N LEU F 253 6.49 -32.08 -42.14
CA LEU F 253 5.07 -31.73 -42.25
C LEU F 253 4.56 -31.65 -43.69
N LYS F 254 5.47 -31.75 -44.66
CA LYS F 254 5.10 -31.74 -46.08
C LYS F 254 4.35 -30.50 -46.55
N LEU F 255 4.66 -29.35 -45.97
CA LEU F 255 4.12 -28.08 -46.42
C LEU F 255 4.89 -27.55 -47.61
N LYS F 256 4.21 -26.81 -48.47
CA LYS F 256 4.82 -26.20 -49.65
C LYS F 256 5.38 -24.82 -49.35
N PRO F 257 6.70 -24.63 -49.55
CA PRO F 257 7.29 -23.32 -49.30
C PRO F 257 6.74 -22.23 -50.20
N GLY F 258 6.35 -21.11 -49.59
CA GLY F 258 5.88 -19.94 -50.29
C GLY F 258 4.37 -19.81 -50.26
N THR F 259 3.69 -20.96 -50.29
CA THR F 259 2.23 -20.98 -50.34
C THR F 259 1.65 -21.42 -49.00
N ASP F 260 2.10 -22.56 -48.49
CA ASP F 260 1.67 -23.05 -47.18
C ASP F 260 2.32 -22.28 -46.01
N PHE F 261 3.55 -21.81 -46.21
CA PHE F 261 4.23 -20.96 -45.26
C PHE F 261 5.16 -20.01 -46.00
N ALA F 262 5.63 -18.99 -45.29
CA ALA F 262 6.51 -18.01 -45.87
C ALA F 262 7.49 -17.50 -44.82
N TRP F 263 8.40 -16.64 -45.26
CA TRP F 263 9.51 -16.18 -44.43
C TRP F 263 9.89 -14.77 -44.78
N ALA F 264 10.48 -14.09 -43.81
CA ALA F 264 11.15 -12.83 -44.03
C ALA F 264 12.29 -12.75 -43.02
N PRO F 265 13.25 -11.83 -43.24
CA PRO F 265 14.25 -11.63 -42.19
C PRO F 265 13.55 -11.20 -40.90
N SER F 266 14.13 -11.50 -39.75
CA SER F 266 13.55 -10.98 -38.51
C SER F 266 13.38 -9.47 -38.64
N PRO F 267 12.32 -8.91 -38.03
CA PRO F 267 12.14 -7.45 -38.08
C PRO F 267 13.39 -6.66 -37.77
N GLY F 268 13.65 -5.63 -38.57
CA GLY F 268 14.79 -4.78 -38.34
C GLY F 268 16.13 -5.35 -38.76
N THR F 269 16.15 -6.50 -39.44
CA THR F 269 17.42 -7.16 -39.83
C THR F 269 17.57 -7.45 -41.32
N GLN F 270 16.62 -6.97 -42.11
CA GLN F 270 16.66 -7.03 -43.57
C GLN F 270 18.05 -6.67 -44.10
N GLY F 271 18.59 -7.54 -44.95
CA GLY F 271 19.89 -7.29 -45.56
C GLY F 271 21.07 -7.79 -44.75
N VAL F 272 20.79 -8.32 -43.56
CA VAL F 272 21.80 -8.95 -42.70
C VAL F 272 21.44 -10.41 -42.51
N PHE F 273 22.43 -11.28 -42.69
CA PHE F 273 22.29 -12.75 -42.58
C PHE F 273 23.07 -13.17 -41.33
N MET F 274 22.37 -13.54 -40.26
CA MET F 274 23.02 -14.00 -39.03
C MET F 274 23.22 -15.49 -39.18
N MET F 275 24.46 -15.89 -39.42
CA MET F 275 24.79 -17.25 -39.75
C MET F 275 25.27 -18.10 -38.55
N LEU F 276 25.19 -19.41 -38.77
CA LEU F 276 25.87 -20.42 -37.97
C LEU F 276 26.23 -21.55 -38.93
N SER F 277 27.12 -22.43 -38.50
CA SER F 277 27.46 -23.59 -39.33
C SER F 277 27.70 -24.82 -38.50
N ASP F 278 27.01 -25.91 -38.84
CA ASP F 278 27.28 -27.18 -38.22
C ASP F 278 28.48 -27.78 -38.93
N SER F 279 29.38 -28.36 -38.13
CA SER F 279 30.65 -28.89 -38.62
C SER F 279 31.04 -30.15 -37.84
N PHE F 280 31.98 -30.91 -38.40
CA PHE F 280 32.50 -32.11 -37.76
C PHE F 280 34.03 -32.07 -37.79
N GLY F 281 34.65 -32.47 -36.70
CA GLY F 281 36.13 -32.55 -36.64
C GLY F 281 36.60 -33.95 -36.29
N LEU F 282 37.87 -34.03 -35.93
CA LEU F 282 38.52 -35.30 -35.60
C LEU F 282 39.15 -35.24 -34.20
N PRO F 283 38.45 -35.78 -33.20
CA PRO F 283 39.01 -35.81 -31.87
C PRO F 283 40.24 -36.71 -31.79
N LYS F 284 41.26 -36.26 -31.06
CA LYS F 284 42.40 -37.12 -30.75
C LYS F 284 41.89 -38.32 -29.98
N GLY F 285 42.44 -39.48 -30.28
CA GLY F 285 42.05 -40.68 -29.57
C GLY F 285 40.79 -41.35 -30.09
N ALA F 286 40.18 -40.82 -31.16
CA ALA F 286 39.07 -41.50 -31.84
C ALA F 286 39.44 -42.97 -32.08
N LYS F 287 38.50 -43.88 -31.79
CA LYS F 287 38.79 -45.30 -31.92
C LYS F 287 38.77 -45.76 -33.37
N ASN F 288 38.01 -45.08 -34.23
CA ASN F 288 37.90 -45.43 -35.65
C ASN F 288 38.29 -44.25 -36.49
N ARG F 289 39.58 -43.93 -36.42
CA ARG F 289 40.13 -42.68 -36.98
C ARG F 289 39.99 -42.60 -38.49
N GLN F 290 40.35 -43.66 -39.20
CA GLN F 290 40.22 -43.63 -40.66
C GLN F 290 38.77 -43.53 -41.13
N ASN F 291 37.87 -44.24 -40.46
CA ASN F 291 36.44 -44.13 -40.79
C ASN F 291 35.91 -42.70 -40.54
N ALA F 292 36.42 -42.05 -39.49
CA ALA F 292 36.04 -40.66 -39.20
C ALA F 292 36.56 -39.72 -40.29
N ILE F 293 37.80 -39.93 -40.71
CA ILE F 293 38.35 -39.14 -41.80
C ILE F 293 37.47 -39.27 -43.04
N ASN F 294 37.02 -40.47 -43.36
CA ASN F 294 36.16 -40.68 -44.50
C ASN F 294 34.80 -39.97 -44.33
N TRP F 295 34.32 -39.92 -43.09
CA TRP F 295 33.11 -39.15 -42.78
C TRP F 295 33.34 -37.67 -43.12
N LEU F 296 34.47 -37.11 -42.68
CA LEU F 296 34.80 -35.70 -42.93
C LEU F 296 34.87 -35.42 -44.43
N ARG F 297 35.48 -36.34 -45.17
CA ARG F 297 35.58 -36.18 -46.62
C ARG F 297 34.20 -36.08 -47.28
N LEU F 298 33.25 -36.91 -46.85
CA LEU F 298 31.87 -36.88 -47.36
C LEU F 298 31.15 -35.58 -46.95
N VAL F 299 31.28 -35.25 -45.68
CA VAL F 299 30.66 -34.07 -45.11
C VAL F 299 31.09 -32.79 -45.82
N GLY F 300 32.36 -32.76 -46.25
CA GLY F 300 32.89 -31.60 -46.96
C GLY F 300 32.70 -31.61 -48.47
N SER F 301 32.05 -32.65 -49.00
CA SER F 301 31.87 -32.83 -50.44
C SER F 301 30.55 -32.25 -50.93
N LYS F 302 30.49 -31.91 -52.22
CA LYS F 302 29.27 -31.42 -52.84
C LYS F 302 28.20 -32.49 -52.84
N GLU F 303 28.59 -33.74 -53.08
CA GLU F 303 27.64 -34.86 -53.08
C GLU F 303 26.93 -34.94 -51.73
N GLY F 304 27.71 -34.91 -50.65
CA GLY F 304 27.16 -35.00 -49.30
C GLY F 304 26.27 -33.82 -48.96
N GLN F 305 26.80 -32.62 -49.16
CA GLN F 305 26.07 -31.39 -48.81
C GLN F 305 24.79 -31.17 -49.61
N ASP F 306 24.76 -31.53 -50.89
CA ASP F 306 23.59 -31.31 -51.73
C ASP F 306 22.56 -32.45 -51.64
N THR F 307 22.96 -33.54 -50.96
CA THR F 307 22.05 -34.60 -50.54
C THR F 307 21.33 -34.25 -49.22
N SER F 308 22.11 -33.81 -48.23
CA SER F 308 21.56 -33.63 -46.86
C SER F 308 20.86 -32.28 -46.65
N ASN F 309 21.45 -31.20 -47.13
CA ASN F 309 20.92 -29.88 -46.84
C ASN F 309 19.52 -29.57 -47.35
N PRO F 310 19.15 -30.05 -48.55
CA PRO F 310 17.76 -29.83 -48.96
C PRO F 310 16.73 -30.35 -47.96
N LEU F 311 17.06 -31.45 -47.28
CA LEU F 311 16.18 -32.04 -46.25
C LEU F 311 16.17 -31.24 -44.93
N LYS F 312 17.30 -30.58 -44.66
CA LYS F 312 17.57 -29.97 -43.36
C LYS F 312 16.99 -28.55 -43.19
N GLY F 313 16.91 -27.81 -44.30
CA GLY F 313 16.51 -26.41 -44.29
C GLY F 313 17.69 -25.44 -44.34
N SER F 314 18.88 -25.93 -44.00
CA SER F 314 20.12 -25.19 -44.25
C SER F 314 20.50 -25.20 -45.73
N ILE F 315 21.45 -24.33 -46.06
CA ILE F 315 22.11 -24.37 -47.38
C ILE F 315 23.49 -25.00 -47.23
N ALA F 316 24.09 -25.36 -48.35
CA ALA F 316 25.41 -25.94 -48.32
C ALA F 316 26.43 -24.84 -48.00
N ALA F 317 27.49 -25.23 -47.30
CA ALA F 317 28.65 -24.36 -47.03
C ALA F 317 29.53 -24.19 -48.30
N ARG F 318 29.57 -25.23 -49.12
CA ARG F 318 30.37 -25.20 -50.35
C ARG F 318 29.86 -24.20 -51.37
N LEU F 319 30.81 -23.49 -51.98
CA LEU F 319 30.51 -22.49 -52.98
C LEU F 319 29.91 -23.07 -54.26
N ASP F 320 30.19 -24.35 -54.55
CA ASP F 320 29.75 -24.99 -55.80
C ASP F 320 28.41 -25.72 -55.71
N SER F 321 27.69 -25.49 -54.61
CA SER F 321 26.38 -26.12 -54.43
C SER F 321 25.41 -25.79 -55.58
N ASP F 322 24.64 -26.81 -55.95
CA ASP F 322 23.67 -26.74 -57.05
C ASP F 322 22.30 -26.28 -56.50
N PRO F 323 21.89 -25.04 -56.83
CA PRO F 323 20.64 -24.52 -56.30
C PRO F 323 19.41 -25.28 -56.77
N SER F 324 19.51 -26.01 -57.88
CA SER F 324 18.38 -26.76 -58.42
C SER F 324 18.02 -27.93 -57.52
N LYS F 325 18.90 -28.27 -56.58
CA LYS F 325 18.65 -29.33 -55.58
C LYS F 325 17.80 -28.82 -54.37
N TYR F 326 17.53 -27.52 -54.33
CA TYR F 326 16.89 -26.82 -53.20
C TYR F 326 15.50 -26.27 -53.56
N ASN F 327 14.60 -26.26 -52.58
CA ASN F 327 13.25 -25.75 -52.77
C ASN F 327 13.25 -24.23 -52.74
N ALA F 328 12.07 -23.60 -52.78
CA ALA F 328 12.02 -22.15 -52.86
C ALA F 328 12.67 -21.49 -51.66
N TYR F 329 12.58 -22.12 -50.48
CA TYR F 329 13.21 -21.53 -49.29
C TYR F 329 14.75 -21.55 -49.44
N GLY F 330 15.31 -22.73 -49.70
CA GLY F 330 16.74 -22.90 -49.84
C GLY F 330 17.32 -21.98 -50.90
N GLN F 331 16.65 -21.88 -52.05
CA GLN F 331 17.13 -20.97 -53.09
C GLN F 331 17.15 -19.50 -52.64
N SER F 332 16.13 -19.09 -51.86
CA SER F 332 16.06 -17.75 -51.29
C SER F 332 17.23 -17.47 -50.32
N ALA F 333 17.47 -18.44 -49.43
CA ALA F 333 18.56 -18.37 -48.47
C ALA F 333 19.92 -18.29 -49.18
N MET F 334 20.09 -19.13 -50.20
CA MET F 334 21.33 -19.08 -51.01
C MET F 334 21.58 -17.70 -51.62
N ARG F 335 20.55 -17.03 -52.11
CA ARG F 335 20.73 -15.69 -52.67
C ARG F 335 21.15 -14.70 -51.59
N ASP F 336 20.46 -14.74 -50.46
CA ASP F 336 20.81 -13.83 -49.35
C ASP F 336 22.20 -14.09 -48.80
N TRP F 337 22.61 -15.34 -48.75
CA TRP F 337 23.95 -15.71 -48.31
C TRP F 337 25.01 -14.99 -49.16
N ARG F 338 24.76 -14.88 -50.46
CA ARG F 338 25.71 -14.22 -51.36
C ARG F 338 25.62 -12.69 -51.39
N SER F 339 24.48 -12.10 -51.05
CA SER F 339 24.30 -10.65 -51.19
C SER F 339 24.33 -9.87 -49.88
N ASN F 340 24.03 -10.54 -48.77
CA ASN F 340 23.82 -9.84 -47.50
C ASN F 340 25.10 -9.59 -46.72
N ARG F 341 25.01 -8.63 -45.81
CA ARG F 341 26.02 -8.46 -44.77
C ARG F 341 25.90 -9.69 -43.88
N ILE F 342 27.04 -10.32 -43.58
CA ILE F 342 27.06 -11.52 -42.74
C ILE F 342 27.56 -11.20 -41.33
N VAL F 343 26.78 -11.64 -40.33
CA VAL F 343 27.23 -11.64 -38.93
C VAL F 343 27.01 -13.04 -38.36
N GLY F 344 27.60 -13.29 -37.20
CA GLY F 344 27.45 -14.59 -36.55
C GLY F 344 26.43 -14.64 -35.41
N SER F 345 25.91 -15.85 -35.21
CA SER F 345 25.00 -16.14 -34.11
C SER F 345 25.73 -16.31 -32.78
N LEU F 346 25.10 -15.84 -31.70
CA LEU F 346 25.52 -16.13 -30.33
C LEU F 346 25.04 -17.51 -29.89
N VAL F 347 23.73 -17.75 -30.03
CA VAL F 347 23.11 -18.95 -29.48
C VAL F 347 23.64 -20.21 -30.15
N HIS F 348 24.07 -20.04 -31.40
CA HIS F 348 24.54 -21.17 -32.22
C HIS F 348 26.03 -21.09 -32.54
N GLY F 349 26.78 -20.45 -31.64
CA GLY F 349 28.20 -20.79 -31.49
C GLY F 349 29.23 -20.03 -32.28
N ALA F 350 28.81 -19.08 -33.14
CA ALA F 350 29.79 -18.43 -34.03
C ALA F 350 30.64 -17.40 -33.29
N VAL F 351 30.00 -16.59 -32.44
CA VAL F 351 30.65 -15.34 -31.95
C VAL F 351 31.19 -15.37 -30.53
N ALA F 352 30.69 -16.29 -29.69
CA ALA F 352 31.09 -16.35 -28.27
C ALA F 352 31.46 -17.77 -27.86
N PRO F 353 32.40 -17.89 -26.92
CA PRO F 353 32.79 -19.21 -26.44
C PRO F 353 31.70 -19.84 -25.59
N GLU F 354 31.76 -21.15 -25.44
CA GLU F 354 30.75 -21.88 -24.67
C GLU F 354 30.67 -21.41 -23.21
N SER F 355 31.79 -20.92 -22.66
CA SER F 355 31.81 -20.36 -21.32
C SER F 355 30.77 -19.26 -21.18
N PHE F 356 30.68 -18.41 -22.19
CA PHE F 356 29.67 -17.35 -22.23
C PHE F 356 28.29 -17.90 -22.60
N MET F 357 28.24 -18.71 -23.66
CA MET F 357 26.97 -19.22 -24.15
C MET F 357 26.19 -19.93 -23.05
N SER F 358 26.88 -20.76 -22.29
CA SER F 358 26.21 -21.57 -21.27
C SER F 358 25.61 -20.65 -20.20
N GLN F 359 26.31 -19.60 -19.84
CA GLN F 359 25.84 -18.70 -18.77
C GLN F 359 24.79 -17.72 -19.25
N PHE F 360 24.73 -17.47 -20.57
CA PHE F 360 23.70 -16.60 -21.12
C PHE F 360 22.27 -17.15 -20.92
N GLY F 361 22.12 -18.47 -20.90
CA GLY F 361 20.83 -19.05 -20.57
C GLY F 361 20.37 -18.65 -19.16
N THR F 362 21.31 -18.59 -18.23
CA THR F 362 21.00 -18.17 -16.87
C THR F 362 20.58 -16.68 -16.85
N VAL F 363 21.31 -15.85 -17.60
CA VAL F 363 20.95 -14.41 -17.73
C VAL F 363 19.49 -14.29 -18.23
N MET F 364 19.15 -15.09 -19.23
CA MET F 364 17.84 -15.06 -19.84
C MET F 364 16.78 -15.59 -18.88
N GLU F 365 17.07 -16.74 -18.28
CA GLU F 365 16.16 -17.37 -17.33
C GLU F 365 15.81 -16.37 -16.26
N ILE F 366 16.80 -15.63 -15.80
CA ILE F 366 16.60 -14.63 -14.76
C ILE F 366 15.77 -13.44 -15.29
N PHE F 367 16.13 -12.91 -16.46
CA PHE F 367 15.35 -11.86 -17.10
C PHE F 367 13.86 -12.23 -17.25
N LEU F 368 13.57 -13.48 -17.61
CA LEU F 368 12.17 -13.90 -17.77
C LEU F 368 11.39 -13.78 -16.48
N GLN F 369 12.08 -13.89 -15.35
CA GLN F 369 11.46 -13.72 -14.05
C GLN F 369 11.44 -12.27 -13.59
N THR F 370 12.54 -11.54 -13.72
CA THR F 370 12.62 -10.17 -13.21
C THR F 370 12.01 -9.14 -14.15
N ARG F 371 12.03 -9.46 -15.44
CA ARG F 371 11.74 -8.51 -16.53
C ARG F 371 12.48 -7.16 -16.41
N ASN F 372 13.70 -7.20 -15.87
CA ASN F 372 14.49 -6.01 -15.58
C ASN F 372 15.63 -5.89 -16.61
N PRO F 373 15.48 -5.00 -17.61
CA PRO F 373 16.50 -4.90 -18.65
C PRO F 373 17.88 -4.49 -18.15
N GLN F 374 17.94 -3.59 -17.18
CA GLN F 374 19.25 -3.17 -16.68
C GLN F 374 19.96 -4.31 -15.97
N ALA F 375 19.21 -5.10 -15.21
CA ALA F 375 19.79 -6.24 -14.50
C ALA F 375 20.32 -7.29 -15.47
N ALA F 376 19.57 -7.52 -16.55
CA ALA F 376 20.00 -8.48 -17.61
C ALA F 376 21.26 -8.00 -18.31
N ALA F 377 21.28 -6.71 -18.65
CA ALA F 377 22.45 -6.11 -19.27
C ALA F 377 23.68 -6.24 -18.36
N ASN F 378 23.50 -5.87 -17.10
CA ASN F 378 24.55 -5.97 -16.10
C ASN F 378 25.04 -7.41 -15.95
N ALA F 379 24.12 -8.36 -15.98
CA ALA F 379 24.44 -9.78 -15.85
C ALA F 379 25.30 -10.28 -17.01
N ALA F 380 24.87 -9.93 -18.24
CA ALA F 380 25.62 -10.29 -19.43
C ALA F 380 27.02 -9.69 -19.36
N GLN F 381 27.14 -8.46 -18.90
CA GLN F 381 28.47 -7.84 -18.76
C GLN F 381 29.32 -8.57 -17.73
N ALA F 382 28.71 -8.95 -16.61
CA ALA F 382 29.40 -9.69 -15.56
C ALA F 382 29.99 -10.98 -16.11
N ILE F 383 29.19 -11.74 -16.86
CA ILE F 383 29.67 -12.98 -17.48
C ILE F 383 30.79 -12.70 -18.47
N ALA F 384 30.62 -11.67 -19.29
CA ALA F 384 31.65 -11.29 -20.26
C ALA F 384 32.98 -11.02 -19.54
N ASP F 385 32.90 -10.29 -18.43
CA ASP F 385 34.09 -9.98 -17.62
C ASP F 385 34.72 -11.22 -17.00
N GLN F 386 33.91 -12.11 -16.49
CA GLN F 386 34.40 -13.34 -15.85
C GLN F 386 35.10 -14.26 -16.84
N VAL F 387 34.56 -14.39 -18.05
CA VAL F 387 35.17 -15.31 -19.03
C VAL F 387 36.23 -14.61 -19.87
N GLY F 388 36.35 -13.30 -19.74
CA GLY F 388 37.33 -12.53 -20.51
C GLY F 388 36.96 -12.47 -21.97
N LEU F 389 35.70 -12.15 -22.23
CA LEU F 389 35.15 -12.16 -23.58
C LEU F 389 35.98 -11.29 -24.52
N GLY F 390 36.44 -11.88 -25.62
CA GLY F 390 37.32 -11.20 -26.58
C GLY F 390 38.75 -11.72 -26.54
N ARG F 391 39.16 -12.33 -25.44
CA ARG F 391 40.55 -12.81 -25.29
C ARG F 391 40.96 -13.90 -26.30
N LEU F 392 40.01 -14.71 -26.76
CA LEU F 392 40.30 -15.70 -27.79
C LEU F 392 40.20 -15.05 -29.16
C1 GAL G . -3.01 22.35 -8.01
C2 GAL G . -2.33 21.37 -8.97
C3 GAL G . -3.29 20.86 -10.03
C4 GAL G . -4.57 20.31 -9.40
C5 GAL G . -5.10 21.35 -8.38
C6 GAL G . -6.38 20.94 -7.64
O1 GAL G . -2.13 22.76 -7.00
O2 GAL G . -1.18 22.00 -9.56
O3 GAL G . -2.68 19.82 -10.80
O4 GAL G . -4.26 19.08 -8.81
O5 GAL G . -4.12 21.68 -7.42
O6 GAL G . -6.12 19.93 -6.72
C1 GAL H . -45.82 -2.24 -4.57
C2 GAL H . -44.91 -1.46 -5.57
C3 GAL H . -44.16 -2.42 -6.50
C4 GAL H . -43.44 -3.52 -5.71
C5 GAL H . -44.41 -4.13 -4.69
C6 GAL H . -43.74 -5.21 -3.82
O1 GAL H . -46.46 -1.35 -3.70
O2 GAL H . -45.70 -0.51 -6.29
O3 GAL H . -43.22 -1.72 -7.29
O4 GAL H . -42.32 -2.95 -5.08
O5 GAL H . -45.01 -3.16 -3.86
O6 GAL H . -42.88 -4.67 -2.83
C1 GAL I . -24.72 -2.36 15.86
C2 GAL I . -25.52 -3.34 16.72
C3 GAL I . -25.11 -4.81 16.44
C4 GAL I . -25.10 -5.08 14.94
C5 GAL I . -24.37 -3.95 14.17
C6 GAL I . -24.36 -4.09 12.62
O1 GAL I . -25.15 -1.07 16.11
O2 GAL I . -25.39 -2.99 18.10
O3 GAL I . -26.00 -5.70 17.11
O4 GAL I . -26.46 -5.14 14.57
O5 GAL I . -24.88 -2.68 14.49
O6 GAL I . -25.63 -3.82 12.08
C1 GAL J . 9.31 25.74 30.03
C2 GAL J . 9.04 27.04 30.77
C3 GAL J . 8.90 26.82 32.28
C4 GAL J . 7.84 25.75 32.55
C5 GAL J . 8.12 24.52 31.66
C6 GAL J . 7.12 23.38 31.83
O1 GAL J . 9.38 25.96 28.66
O2 GAL J . 10.15 27.90 30.52
O3 GAL J . 8.52 27.99 32.98
O4 GAL J . 6.57 26.27 32.31
O5 GAL J . 8.22 24.85 30.30
O6 GAL J . 5.89 23.66 31.25
C1 GAL K . 34.67 -24.11 3.69
C2 GAL K . 34.46 -22.82 4.50
C3 GAL K . 34.36 -23.10 6.00
C4 GAL K . 33.31 -24.19 6.28
C5 GAL K . 33.54 -25.36 5.31
C6 GAL K . 32.51 -26.49 5.48
O1 GAL K . 34.76 -23.84 2.32
O2 GAL K . 35.51 -21.87 4.21
O3 GAL K . 34.04 -21.92 6.72
O4 GAL K . 32.04 -23.61 6.14
O5 GAL K . 33.57 -24.97 3.94
O6 GAL K . 31.26 -26.15 4.94
C1 GAL L . 21.34 -25.54 -33.91
C2 GAL L . 22.00 -26.48 -34.93
C3 GAL L . 21.02 -26.96 -36.00
C4 GAL L . 19.73 -27.51 -35.38
C5 GAL L . 19.24 -26.53 -34.28
C6 GAL L . 17.97 -27.01 -33.55
O1 GAL L . 22.23 -25.13 -32.93
O2 GAL L . 23.11 -25.80 -35.52
O3 GAL L . 21.62 -27.97 -36.80
O4 GAL L . 20.03 -28.75 -34.83
O5 GAL L . 20.23 -26.25 -33.34
O6 GAL L . 18.25 -28.07 -32.67
#